data_5FDS
# 
_entry.id   5FDS 
# 
_audit_conform.dict_name       mmcif_pdbx.dic 
_audit_conform.dict_version    5.387 
_audit_conform.dict_location   http://mmcif.pdb.org/dictionaries/ascii/mmcif_pdbx.dic 
# 
loop_
_database_2.database_id 
_database_2.database_code 
_database_2.pdbx_database_accession 
_database_2.pdbx_DOI 
PDB   5FDS         pdb_00005fds 10.2210/pdb5fds/pdb 
WWPDB D_1000215771 ?            ?                   
# 
loop_
_pdbx_audit_revision_history.ordinal 
_pdbx_audit_revision_history.data_content_type 
_pdbx_audit_revision_history.major_revision 
_pdbx_audit_revision_history.minor_revision 
_pdbx_audit_revision_history.revision_date 
1 'Structure model' 1 0 2016-09-14 
2 'Structure model' 1 1 2020-01-08 
3 'Structure model' 1 2 2024-03-06 
# 
_pdbx_audit_revision_details.ordinal             1 
_pdbx_audit_revision_details.revision_ordinal    1 
_pdbx_audit_revision_details.data_content_type   'Structure model' 
_pdbx_audit_revision_details.provider            repository 
_pdbx_audit_revision_details.type                'Initial release' 
_pdbx_audit_revision_details.description         ? 
_pdbx_audit_revision_details.details             ? 
# 
loop_
_pdbx_audit_revision_group.ordinal 
_pdbx_audit_revision_group.revision_ordinal 
_pdbx_audit_revision_group.data_content_type 
_pdbx_audit_revision_group.group 
1 2 'Structure model' 'Author supporting evidence' 
2 2 'Structure model' 'Data collection'            
3 2 'Structure model' 'Derived calculations'       
4 3 'Structure model' 'Data collection'            
5 3 'Structure model' 'Database references'        
# 
loop_
_pdbx_audit_revision_category.ordinal 
_pdbx_audit_revision_category.revision_ordinal 
_pdbx_audit_revision_category.data_content_type 
_pdbx_audit_revision_category.category 
1 2 'Structure model' pdbx_audit_support    
2 2 'Structure model' pdbx_prerelease_seq   
3 2 'Structure model' pdbx_struct_oper_list 
4 3 'Structure model' chem_comp_atom        
5 3 'Structure model' chem_comp_bond        
6 3 'Structure model' database_2            
# 
loop_
_pdbx_audit_revision_item.ordinal 
_pdbx_audit_revision_item.revision_ordinal 
_pdbx_audit_revision_item.data_content_type 
_pdbx_audit_revision_item.item 
1 2 'Structure model' '_pdbx_audit_support.funding_organization'  
2 2 'Structure model' '_pdbx_struct_oper_list.symmetry_operation' 
3 3 'Structure model' '_database_2.pdbx_DOI'                      
4 3 'Structure model' '_database_2.pdbx_database_accession'       
# 
_pdbx_database_status.status_code                     REL 
_pdbx_database_status.status_code_sf                  REL 
_pdbx_database_status.status_code_mr                  ? 
_pdbx_database_status.entry_id                        5FDS 
_pdbx_database_status.recvd_initial_deposition_date   2015-12-16 
_pdbx_database_status.SG_entry                        N 
_pdbx_database_status.deposit_site                    RCSB 
_pdbx_database_status.process_site                    RCSB 
_pdbx_database_status.status_code_cs                  ? 
_pdbx_database_status.methods_development_category    ? 
_pdbx_database_status.pdb_format_compatible           Y 
_pdbx_database_status.status_code_nmr_data            ? 
# 
loop_
_pdbx_database_related.content_type 
_pdbx_database_related.db_id 
_pdbx_database_related.db_name 
_pdbx_database_related.details 
unspecified 5FEF PDB . 
unspecified 5FEG PDB . 
# 
loop_
_audit_author.name 
_audit_author.pdbx_ordinal 
'Mares-Mejia, I.'      1 
'Rodriguez-Romero, A.' 2 
# 
_citation.abstract                  ? 
_citation.abstract_id_CAS           ? 
_citation.book_id_ISBN              ? 
_citation.book_publisher            ? 
_citation.book_publisher_city       ? 
_citation.book_title                ? 
_citation.coordinate_linkage        ? 
_citation.country                   UK 
_citation.database_id_Medline       ? 
_citation.details                   ? 
_citation.id                        primary 
_citation.journal_abbrev            'Sci Rep' 
_citation.journal_id_ASTM           ? 
_citation.journal_id_CSD            ? 
_citation.journal_id_ISSN           2045-2322 
_citation.journal_full              ? 
_citation.journal_issue             ? 
_citation.journal_volume            6 
_citation.language                  ? 
_citation.page_first                32552 
_citation.page_last                 32552 
_citation.title                     
'Structural insights into the IgE mediated responses induced by the allergens Hev b 8 and Zea m 12 in their dimeric forms.' 
_citation.year                      2016 
_citation.database_id_CSD           ? 
_citation.pdbx_database_id_DOI      10.1038/srep32552 
_citation.pdbx_database_id_PubMed   27586352 
_citation.unpublished_flag          ? 
# 
loop_
_citation_author.citation_id 
_citation_author.name 
_citation_author.ordinal 
_citation_author.identifier_ORCID 
primary 'Mares-Mejia, I.'        1 ? 
primary 'Martinez-Caballero, S.' 2 ? 
primary 'Garay-Canales, C.'      3 ? 
primary 'Cano-Sanchez, P.'       4 ? 
primary 'Torres-Larios, A.'      5 ? 
primary 'Lara-Gonzalez, S.'      6 ? 
primary 'Ortega, E.'             7 ? 
primary 'Rodriguez-Romero, A.'   8 ? 
# 
loop_
_entity.id 
_entity.type 
_entity.src_method 
_entity.pdbx_description 
_entity.formula_weight 
_entity.pdbx_number_of_molecules 
_entity.pdbx_ec 
_entity.pdbx_mutation 
_entity.pdbx_fragment 
_entity.details 
1 polymer     man Profilin-2    14162.038 1   ? ? ? ? 
2 non-polymer syn GLYCEROL      92.094    1   ? ? ? ? 
3 non-polymer syn 'SULFATE ION' 96.063    1   ? ? ? ? 
4 water       nat water         18.015    131 ? ? ? ? 
# 
_entity_name_com.entity_id   1 
_entity_name_com.name        'Pollen allergen Hev b 8.0102' 
# 
_entity_poly.entity_id                      1 
_entity_poly.type                           'polypeptide(L)' 
_entity_poly.nstd_linkage                   no 
_entity_poly.nstd_monomer                   no 
_entity_poly.pdbx_seq_one_letter_code       
;MSWQAYVDDHLMCEIEGNHLSAAAIIGQDGSVWAQSANFPQFKSEEITGIMSDFHEPGTLAPTGLYIGGTKYMVIQGEPG
AVIRGKKGPGGVTVKKTNQALIIGIYDEPMTPGQCNMIVERLGDYLIDQGY
;
_entity_poly.pdbx_seq_one_letter_code_can   
;MSWQAYVDDHLMCEIEGNHLSAAAIIGQDGSVWAQSANFPQFKSEEITGIMSDFHEPGTLAPTGLYIGGTKYMVIQGEPG
AVIRGKKGPGGVTVKKTNQALIIGIYDEPMTPGQCNMIVERLGDYLIDQGY
;
_entity_poly.pdbx_strand_id                 A 
_entity_poly.pdbx_target_identifier         ? 
# 
loop_
_pdbx_entity_nonpoly.entity_id 
_pdbx_entity_nonpoly.name 
_pdbx_entity_nonpoly.comp_id 
2 GLYCEROL      GOL 
3 'SULFATE ION' SO4 
4 water         HOH 
# 
loop_
_entity_poly_seq.entity_id 
_entity_poly_seq.num 
_entity_poly_seq.mon_id 
_entity_poly_seq.hetero 
1 1   MET n 
1 2   SER n 
1 3   TRP n 
1 4   GLN n 
1 5   ALA n 
1 6   TYR n 
1 7   VAL n 
1 8   ASP n 
1 9   ASP n 
1 10  HIS n 
1 11  LEU n 
1 12  MET n 
1 13  CYS n 
1 14  GLU n 
1 15  ILE n 
1 16  GLU n 
1 17  GLY n 
1 18  ASN n 
1 19  HIS n 
1 20  LEU n 
1 21  SER n 
1 22  ALA n 
1 23  ALA n 
1 24  ALA n 
1 25  ILE n 
1 26  ILE n 
1 27  GLY n 
1 28  GLN n 
1 29  ASP n 
1 30  GLY n 
1 31  SER n 
1 32  VAL n 
1 33  TRP n 
1 34  ALA n 
1 35  GLN n 
1 36  SER n 
1 37  ALA n 
1 38  ASN n 
1 39  PHE n 
1 40  PRO n 
1 41  GLN n 
1 42  PHE n 
1 43  LYS n 
1 44  SER n 
1 45  GLU n 
1 46  GLU n 
1 47  ILE n 
1 48  THR n 
1 49  GLY n 
1 50  ILE n 
1 51  MET n 
1 52  SER n 
1 53  ASP n 
1 54  PHE n 
1 55  HIS n 
1 56  GLU n 
1 57  PRO n 
1 58  GLY n 
1 59  THR n 
1 60  LEU n 
1 61  ALA n 
1 62  PRO n 
1 63  THR n 
1 64  GLY n 
1 65  LEU n 
1 66  TYR n 
1 67  ILE n 
1 68  GLY n 
1 69  GLY n 
1 70  THR n 
1 71  LYS n 
1 72  TYR n 
1 73  MET n 
1 74  VAL n 
1 75  ILE n 
1 76  GLN n 
1 77  GLY n 
1 78  GLU n 
1 79  PRO n 
1 80  GLY n 
1 81  ALA n 
1 82  VAL n 
1 83  ILE n 
1 84  ARG n 
1 85  GLY n 
1 86  LYS n 
1 87  LYS n 
1 88  GLY n 
1 89  PRO n 
1 90  GLY n 
1 91  GLY n 
1 92  VAL n 
1 93  THR n 
1 94  VAL n 
1 95  LYS n 
1 96  LYS n 
1 97  THR n 
1 98  ASN n 
1 99  GLN n 
1 100 ALA n 
1 101 LEU n 
1 102 ILE n 
1 103 ILE n 
1 104 GLY n 
1 105 ILE n 
1 106 TYR n 
1 107 ASP n 
1 108 GLU n 
1 109 PRO n 
1 110 MET n 
1 111 THR n 
1 112 PRO n 
1 113 GLY n 
1 114 GLN n 
1 115 CYS n 
1 116 ASN n 
1 117 MET n 
1 118 ILE n 
1 119 VAL n 
1 120 GLU n 
1 121 ARG n 
1 122 LEU n 
1 123 GLY n 
1 124 ASP n 
1 125 TYR n 
1 126 LEU n 
1 127 ILE n 
1 128 ASP n 
1 129 GLN n 
1 130 GLY n 
1 131 TYR n 
# 
_entity_src_gen.entity_id                          1 
_entity_src_gen.pdbx_src_id                        1 
_entity_src_gen.pdbx_alt_source_flag               sample 
_entity_src_gen.pdbx_seq_type                      'Biological sequence' 
_entity_src_gen.pdbx_beg_seq_num                   1 
_entity_src_gen.pdbx_end_seq_num                   131 
_entity_src_gen.gene_src_common_name               'Para rubber tree' 
_entity_src_gen.gene_src_genus                     ? 
_entity_src_gen.pdbx_gene_src_gene                 PRO2 
_entity_src_gen.gene_src_species                   ? 
_entity_src_gen.gene_src_strain                    ? 
_entity_src_gen.gene_src_tissue                    Leaf 
_entity_src_gen.gene_src_tissue_fraction           ? 
_entity_src_gen.gene_src_details                   'Clone RRIM600' 
_entity_src_gen.pdbx_gene_src_fragment             ? 
_entity_src_gen.pdbx_gene_src_scientific_name      'Hevea brasiliensis' 
_entity_src_gen.pdbx_gene_src_ncbi_taxonomy_id     3981 
_entity_src_gen.pdbx_gene_src_variant              ? 
_entity_src_gen.pdbx_gene_src_cell_line            ? 
_entity_src_gen.pdbx_gene_src_atcc                 ? 
_entity_src_gen.pdbx_gene_src_organ                ? 
_entity_src_gen.pdbx_gene_src_organelle            ? 
_entity_src_gen.pdbx_gene_src_cell                 ? 
_entity_src_gen.pdbx_gene_src_cellular_location    ? 
_entity_src_gen.host_org_common_name               ? 
_entity_src_gen.pdbx_host_org_scientific_name      'Escherichia coli' 
_entity_src_gen.pdbx_host_org_ncbi_taxonomy_id     562 
_entity_src_gen.host_org_genus                     ? 
_entity_src_gen.pdbx_host_org_gene                 ? 
_entity_src_gen.pdbx_host_org_organ                ? 
_entity_src_gen.host_org_species                   ? 
_entity_src_gen.pdbx_host_org_tissue               ? 
_entity_src_gen.pdbx_host_org_tissue_fraction      ? 
_entity_src_gen.pdbx_host_org_strain               'Rosetta (DE3)' 
_entity_src_gen.pdbx_host_org_variant              ? 
_entity_src_gen.pdbx_host_org_cell_line            ? 
_entity_src_gen.pdbx_host_org_atcc                 ? 
_entity_src_gen.pdbx_host_org_culture_collection   ? 
_entity_src_gen.pdbx_host_org_cell                 ? 
_entity_src_gen.pdbx_host_org_organelle            ? 
_entity_src_gen.pdbx_host_org_cellular_location    ? 
_entity_src_gen.pdbx_host_org_vector_type          Plasmid 
_entity_src_gen.pdbx_host_org_vector               ? 
_entity_src_gen.host_org_details                   ? 
_entity_src_gen.expression_system_id               ? 
_entity_src_gen.plasmid_name                       pET28c 
_entity_src_gen.plasmid_details                    ? 
_entity_src_gen.pdbx_description                   ? 
# 
loop_
_chem_comp.id 
_chem_comp.type 
_chem_comp.mon_nstd_flag 
_chem_comp.name 
_chem_comp.pdbx_synonyms 
_chem_comp.formula 
_chem_comp.formula_weight 
ALA 'L-peptide linking' y ALANINE         ?                               'C3 H7 N O2'     89.093  
ARG 'L-peptide linking' y ARGININE        ?                               'C6 H15 N4 O2 1' 175.209 
ASN 'L-peptide linking' y ASPARAGINE      ?                               'C4 H8 N2 O3'    132.118 
ASP 'L-peptide linking' y 'ASPARTIC ACID' ?                               'C4 H7 N O4'     133.103 
CYS 'L-peptide linking' y CYSTEINE        ?                               'C3 H7 N O2 S'   121.158 
GLN 'L-peptide linking' y GLUTAMINE       ?                               'C5 H10 N2 O3'   146.144 
GLU 'L-peptide linking' y 'GLUTAMIC ACID' ?                               'C5 H9 N O4'     147.129 
GLY 'peptide linking'   y GLYCINE         ?                               'C2 H5 N O2'     75.067  
GOL non-polymer         . GLYCEROL        'GLYCERIN; PROPANE-1,2,3-TRIOL' 'C3 H8 O3'       92.094  
HIS 'L-peptide linking' y HISTIDINE       ?                               'C6 H10 N3 O2 1' 156.162 
HOH non-polymer         . WATER           ?                               'H2 O'           18.015  
ILE 'L-peptide linking' y ISOLEUCINE      ?                               'C6 H13 N O2'    131.173 
LEU 'L-peptide linking' y LEUCINE         ?                               'C6 H13 N O2'    131.173 
LYS 'L-peptide linking' y LYSINE          ?                               'C6 H15 N2 O2 1' 147.195 
MET 'L-peptide linking' y METHIONINE      ?                               'C5 H11 N O2 S'  149.211 
PHE 'L-peptide linking' y PHENYLALANINE   ?                               'C9 H11 N O2'    165.189 
PRO 'L-peptide linking' y PROLINE         ?                               'C5 H9 N O2'     115.130 
SER 'L-peptide linking' y SERINE          ?                               'C3 H7 N O3'     105.093 
SO4 non-polymer         . 'SULFATE ION'   ?                               'O4 S -2'        96.063  
THR 'L-peptide linking' y THREONINE       ?                               'C4 H9 N O3'     119.119 
TRP 'L-peptide linking' y TRYPTOPHAN      ?                               'C11 H12 N2 O2'  204.225 
TYR 'L-peptide linking' y TYROSINE        ?                               'C9 H11 N O3'    181.189 
VAL 'L-peptide linking' y VALINE          ?                               'C5 H11 N O2'    117.146 
# 
loop_
_pdbx_poly_seq_scheme.asym_id 
_pdbx_poly_seq_scheme.entity_id 
_pdbx_poly_seq_scheme.seq_id 
_pdbx_poly_seq_scheme.mon_id 
_pdbx_poly_seq_scheme.ndb_seq_num 
_pdbx_poly_seq_scheme.pdb_seq_num 
_pdbx_poly_seq_scheme.auth_seq_num 
_pdbx_poly_seq_scheme.pdb_mon_id 
_pdbx_poly_seq_scheme.auth_mon_id 
_pdbx_poly_seq_scheme.pdb_strand_id 
_pdbx_poly_seq_scheme.pdb_ins_code 
_pdbx_poly_seq_scheme.hetero 
A 1 1   MET 1   1   1   MET MET A . n 
A 1 2   SER 2   2   2   SER SER A . n 
A 1 3   TRP 3   3   3   TRP TRP A . n 
A 1 4   GLN 4   4   4   GLN GLN A . n 
A 1 5   ALA 5   5   5   ALA ALA A . n 
A 1 6   TYR 6   6   6   TYR TYR A . n 
A 1 7   VAL 7   7   7   VAL VAL A . n 
A 1 8   ASP 8   8   8   ASP ASP A . n 
A 1 9   ASP 9   9   9   ASP ASP A . n 
A 1 10  HIS 10  10  10  HIS HIS A . n 
A 1 11  LEU 11  11  11  LEU LEU A . n 
A 1 12  MET 12  12  12  MET MET A . n 
A 1 13  CYS 13  13  13  CYS CYS A . n 
A 1 14  GLU 14  14  14  GLU GLU A . n 
A 1 15  ILE 15  15  15  ILE ILE A . n 
A 1 16  GLU 16  16  16  GLU GLU A . n 
A 1 17  GLY 17  17  17  GLY GLY A . n 
A 1 18  ASN 18  18  18  ASN ASN A . n 
A 1 19  HIS 19  19  19  HIS HIS A . n 
A 1 20  LEU 20  20  20  LEU LEU A . n 
A 1 21  SER 21  21  21  SER SER A . n 
A 1 22  ALA 22  22  22  ALA ALA A . n 
A 1 23  ALA 23  23  23  ALA ALA A . n 
A 1 24  ALA 24  24  24  ALA ALA A . n 
A 1 25  ILE 25  25  25  ILE ILE A . n 
A 1 26  ILE 26  26  26  ILE ILE A . n 
A 1 27  GLY 27  27  27  GLY GLY A . n 
A 1 28  GLN 28  28  28  GLN GLN A . n 
A 1 29  ASP 29  29  29  ASP ASP A . n 
A 1 30  GLY 30  30  30  GLY GLY A . n 
A 1 31  SER 31  31  31  SER SER A . n 
A 1 32  VAL 32  32  32  VAL VAL A . n 
A 1 33  TRP 33  33  33  TRP TRP A . n 
A 1 34  ALA 34  34  34  ALA ALA A . n 
A 1 35  GLN 35  35  35  GLN GLN A . n 
A 1 36  SER 36  36  36  SER SER A . n 
A 1 37  ALA 37  37  37  ALA ALA A . n 
A 1 38  ASN 38  38  38  ASN ASN A . n 
A 1 39  PHE 39  39  39  PHE PHE A . n 
A 1 40  PRO 40  40  40  PRO PRO A . n 
A 1 41  GLN 41  41  41  GLN GLN A . n 
A 1 42  PHE 42  42  42  PHE PHE A . n 
A 1 43  LYS 43  43  43  LYS LYS A . n 
A 1 44  SER 44  44  44  SER SER A . n 
A 1 45  GLU 45  45  45  GLU GLU A . n 
A 1 46  GLU 46  46  46  GLU GLU A . n 
A 1 47  ILE 47  47  47  ILE ILE A . n 
A 1 48  THR 48  48  48  THR THR A . n 
A 1 49  GLY 49  49  49  GLY GLY A . n 
A 1 50  ILE 50  50  50  ILE ILE A . n 
A 1 51  MET 51  51  51  MET MET A . n 
A 1 52  SER 52  52  52  SER SER A . n 
A 1 53  ASP 53  53  53  ASP ASP A . n 
A 1 54  PHE 54  54  54  PHE PHE A . n 
A 1 55  HIS 55  55  55  HIS HIS A . n 
A 1 56  GLU 56  56  56  GLU GLU A . n 
A 1 57  PRO 57  57  57  PRO PRO A . n 
A 1 58  GLY 58  58  58  GLY GLY A . n 
A 1 59  THR 59  59  59  THR THR A . n 
A 1 60  LEU 60  60  60  LEU LEU A . n 
A 1 61  ALA 61  61  61  ALA ALA A . n 
A 1 62  PRO 62  62  62  PRO PRO A . n 
A 1 63  THR 63  63  63  THR THR A . n 
A 1 64  GLY 64  64  64  GLY GLY A . n 
A 1 65  LEU 65  65  65  LEU LEU A . n 
A 1 66  TYR 66  66  66  TYR TYR A . n 
A 1 67  ILE 67  67  67  ILE ILE A . n 
A 1 68  GLY 68  68  68  GLY GLY A . n 
A 1 69  GLY 69  69  69  GLY GLY A . n 
A 1 70  THR 70  70  70  THR THR A . n 
A 1 71  LYS 71  71  71  LYS LYS A . n 
A 1 72  TYR 72  72  72  TYR TYR A . n 
A 1 73  MET 73  73  73  MET MET A . n 
A 1 74  VAL 74  74  74  VAL VAL A . n 
A 1 75  ILE 75  75  75  ILE ILE A . n 
A 1 76  GLN 76  76  76  GLN GLN A . n 
A 1 77  GLY 77  77  77  GLY GLY A . n 
A 1 78  GLU 78  78  78  GLU GLU A . n 
A 1 79  PRO 79  79  79  PRO PRO A . n 
A 1 80  GLY 80  80  80  GLY GLY A . n 
A 1 81  ALA 81  81  81  ALA ALA A . n 
A 1 82  VAL 82  82  82  VAL VAL A . n 
A 1 83  ILE 83  83  83  ILE ILE A . n 
A 1 84  ARG 84  84  84  ARG ARG A . n 
A 1 85  GLY 85  85  85  GLY GLY A . n 
A 1 86  LYS 86  86  86  LYS LYS A . n 
A 1 87  LYS 87  87  87  LYS LYS A . n 
A 1 88  GLY 88  88  88  GLY GLY A . n 
A 1 89  PRO 89  89  89  PRO PRO A . n 
A 1 90  GLY 90  90  90  GLY GLY A . n 
A 1 91  GLY 91  91  91  GLY GLY A . n 
A 1 92  VAL 92  92  92  VAL VAL A . n 
A 1 93  THR 93  93  93  THR THR A . n 
A 1 94  VAL 94  94  94  VAL VAL A . n 
A 1 95  LYS 95  95  95  LYS LYS A . n 
A 1 96  LYS 96  96  96  LYS LYS A . n 
A 1 97  THR 97  97  97  THR THR A . n 
A 1 98  ASN 98  98  98  ASN ASN A . n 
A 1 99  GLN 99  99  99  GLN GLN A . n 
A 1 100 ALA 100 100 100 ALA ALA A . n 
A 1 101 LEU 101 101 101 LEU LEU A . n 
A 1 102 ILE 102 102 102 ILE ILE A . n 
A 1 103 ILE 103 103 103 ILE ILE A . n 
A 1 104 GLY 104 104 104 GLY GLY A . n 
A 1 105 ILE 105 105 105 ILE ILE A . n 
A 1 106 TYR 106 106 106 TYR TYR A . n 
A 1 107 ASP 107 107 107 ASP ASP A . n 
A 1 108 GLU 108 108 108 GLU GLU A . n 
A 1 109 PRO 109 109 109 PRO PRO A . n 
A 1 110 MET 110 110 110 MET MET A . n 
A 1 111 THR 111 111 111 THR THR A . n 
A 1 112 PRO 112 112 112 PRO PRO A . n 
A 1 113 GLY 113 113 113 GLY GLY A . n 
A 1 114 GLN 114 114 114 GLN GLN A . n 
A 1 115 CYS 115 115 115 CYS CYS A . n 
A 1 116 ASN 116 116 116 ASN ASN A . n 
A 1 117 MET 117 117 117 MET MET A . n 
A 1 118 ILE 118 118 118 ILE ILE A . n 
A 1 119 VAL 119 119 119 VAL VAL A . n 
A 1 120 GLU 120 120 120 GLU GLU A . n 
A 1 121 ARG 121 121 121 ARG ARG A . n 
A 1 122 LEU 122 122 122 LEU LEU A . n 
A 1 123 GLY 123 123 123 GLY GLY A . n 
A 1 124 ASP 124 124 124 ASP ASP A . n 
A 1 125 TYR 125 125 125 TYR TYR A . n 
A 1 126 LEU 126 126 126 LEU LEU A . n 
A 1 127 ILE 127 127 127 ILE ILE A . n 
A 1 128 ASP 128 128 128 ASP ASP A . n 
A 1 129 GLN 129 129 129 GLN GLN A . n 
A 1 130 GLY 130 130 130 GLY GLY A . n 
A 1 131 TYR 131 131 131 TYR TYR A . n 
# 
loop_
_pdbx_nonpoly_scheme.asym_id 
_pdbx_nonpoly_scheme.entity_id 
_pdbx_nonpoly_scheme.mon_id 
_pdbx_nonpoly_scheme.ndb_seq_num 
_pdbx_nonpoly_scheme.pdb_seq_num 
_pdbx_nonpoly_scheme.auth_seq_num 
_pdbx_nonpoly_scheme.pdb_mon_id 
_pdbx_nonpoly_scheme.auth_mon_id 
_pdbx_nonpoly_scheme.pdb_strand_id 
_pdbx_nonpoly_scheme.pdb_ins_code 
B 2 GOL 1   201 1   GOL GOL A . 
C 3 SO4 1   202 1   SO4 SO4 A . 
D 4 HOH 1   301 11  HOH HOH A . 
D 4 HOH 2   302 89  HOH HOH A . 
D 4 HOH 3   303 120 HOH HOH A . 
D 4 HOH 4   304 127 HOH HOH A . 
D 4 HOH 5   305 60  HOH HOH A . 
D 4 HOH 6   306 26  HOH HOH A . 
D 4 HOH 7   307 54  HOH HOH A . 
D 4 HOH 8   308 71  HOH HOH A . 
D 4 HOH 9   309 14  HOH HOH A . 
D 4 HOH 10  310 13  HOH HOH A . 
D 4 HOH 11  311 8   HOH HOH A . 
D 4 HOH 12  312 48  HOH HOH A . 
D 4 HOH 13  313 47  HOH HOH A . 
D 4 HOH 14  314 6   HOH HOH A . 
D 4 HOH 15  315 43  HOH HOH A . 
D 4 HOH 16  316 51  HOH HOH A . 
D 4 HOH 17  317 49  HOH HOH A . 
D 4 HOH 18  318 61  HOH HOH A . 
D 4 HOH 19  319 84  HOH HOH A . 
D 4 HOH 20  320 15  HOH HOH A . 
D 4 HOH 21  321 18  HOH HOH A . 
D 4 HOH 22  322 41  HOH HOH A . 
D 4 HOH 23  323 25  HOH HOH A . 
D 4 HOH 24  324 4   HOH HOH A . 
D 4 HOH 25  325 65  HOH HOH A . 
D 4 HOH 26  326 37  HOH HOH A . 
D 4 HOH 27  327 17  HOH HOH A . 
D 4 HOH 28  328 30  HOH HOH A . 
D 4 HOH 29  329 32  HOH HOH A . 
D 4 HOH 30  330 36  HOH HOH A . 
D 4 HOH 31  331 23  HOH HOH A . 
D 4 HOH 32  332 5   HOH HOH A . 
D 4 HOH 33  333 3   HOH HOH A . 
D 4 HOH 34  334 125 HOH HOH A . 
D 4 HOH 35  335 1   HOH HOH A . 
D 4 HOH 36  336 27  HOH HOH A . 
D 4 HOH 37  337 20  HOH HOH A . 
D 4 HOH 38  338 34  HOH HOH A . 
D 4 HOH 39  339 12  HOH HOH A . 
D 4 HOH 40  340 106 HOH HOH A . 
D 4 HOH 41  341 131 HOH HOH A . 
D 4 HOH 42  342 46  HOH HOH A . 
D 4 HOH 43  343 63  HOH HOH A . 
D 4 HOH 44  344 42  HOH HOH A . 
D 4 HOH 45  345 38  HOH HOH A . 
D 4 HOH 46  346 59  HOH HOH A . 
D 4 HOH 47  347 7   HOH HOH A . 
D 4 HOH 48  348 9   HOH HOH A . 
D 4 HOH 49  349 90  HOH HOH A . 
D 4 HOH 50  350 31  HOH HOH A . 
D 4 HOH 51  351 80  HOH HOH A . 
D 4 HOH 52  352 76  HOH HOH A . 
D 4 HOH 53  353 10  HOH HOH A . 
D 4 HOH 54  354 133 HOH HOH A . 
D 4 HOH 55  355 93  HOH HOH A . 
D 4 HOH 56  356 79  HOH HOH A . 
D 4 HOH 57  357 99  HOH HOH A . 
D 4 HOH 58  358 24  HOH HOH A . 
D 4 HOH 59  359 95  HOH HOH A . 
D 4 HOH 60  360 83  HOH HOH A . 
D 4 HOH 61  361 29  HOH HOH A . 
D 4 HOH 62  362 110 HOH HOH A . 
D 4 HOH 63  363 107 HOH HOH A . 
D 4 HOH 64  364 64  HOH HOH A . 
D 4 HOH 65  365 87  HOH HOH A . 
D 4 HOH 66  366 19  HOH HOH A . 
D 4 HOH 67  367 45  HOH HOH A . 
D 4 HOH 68  368 103 HOH HOH A . 
D 4 HOH 69  369 55  HOH HOH A . 
D 4 HOH 70  370 2   HOH HOH A . 
D 4 HOH 71  371 56  HOH HOH A . 
D 4 HOH 72  372 68  HOH HOH A . 
D 4 HOH 73  373 16  HOH HOH A . 
D 4 HOH 74  374 104 HOH HOH A . 
D 4 HOH 75  375 91  HOH HOH A . 
D 4 HOH 76  376 21  HOH HOH A . 
D 4 HOH 77  377 28  HOH HOH A . 
D 4 HOH 78  378 126 HOH HOH A . 
D 4 HOH 79  379 75  HOH HOH A . 
D 4 HOH 80  380 92  HOH HOH A . 
D 4 HOH 81  381 98  HOH HOH A . 
D 4 HOH 82  382 39  HOH HOH A . 
D 4 HOH 83  383 50  HOH HOH A . 
D 4 HOH 84  384 62  HOH HOH A . 
D 4 HOH 85  385 40  HOH HOH A . 
D 4 HOH 86  386 44  HOH HOH A . 
D 4 HOH 87  387 121 HOH HOH A . 
D 4 HOH 88  388 109 HOH HOH A . 
D 4 HOH 89  389 53  HOH HOH A . 
D 4 HOH 90  390 57  HOH HOH A . 
D 4 HOH 91  391 35  HOH HOH A . 
D 4 HOH 92  392 115 HOH HOH A . 
D 4 HOH 93  393 132 HOH HOH A . 
D 4 HOH 94  394 72  HOH HOH A . 
D 4 HOH 95  395 129 HOH HOH A . 
D 4 HOH 96  396 67  HOH HOH A . 
D 4 HOH 97  397 111 HOH HOH A . 
D 4 HOH 98  398 69  HOH HOH A . 
D 4 HOH 99  399 134 HOH HOH A . 
D 4 HOH 100 400 74  HOH HOH A . 
D 4 HOH 101 401 130 HOH HOH A . 
D 4 HOH 102 402 52  HOH HOH A . 
D 4 HOH 103 403 102 HOH HOH A . 
D 4 HOH 104 404 117 HOH HOH A . 
D 4 HOH 105 405 96  HOH HOH A . 
D 4 HOH 106 406 77  HOH HOH A . 
D 4 HOH 107 407 116 HOH HOH A . 
D 4 HOH 108 408 101 HOH HOH A . 
D 4 HOH 109 409 135 HOH HOH A . 
D 4 HOH 110 410 136 HOH HOH A . 
D 4 HOH 111 411 78  HOH HOH A . 
D 4 HOH 112 412 123 HOH HOH A . 
D 4 HOH 113 413 33  HOH HOH A . 
D 4 HOH 114 414 70  HOH HOH A . 
D 4 HOH 115 415 22  HOH HOH A . 
D 4 HOH 116 416 88  HOH HOH A . 
D 4 HOH 117 417 118 HOH HOH A . 
D 4 HOH 118 418 105 HOH HOH A . 
D 4 HOH 119 419 94  HOH HOH A . 
D 4 HOH 120 420 82  HOH HOH A . 
D 4 HOH 121 421 86  HOH HOH A . 
D 4 HOH 122 422 81  HOH HOH A . 
D 4 HOH 123 423 85  HOH HOH A . 
D 4 HOH 124 424 97  HOH HOH A . 
D 4 HOH 125 425 66  HOH HOH A . 
D 4 HOH 126 426 128 HOH HOH A . 
D 4 HOH 127 427 100 HOH HOH A . 
D 4 HOH 128 428 119 HOH HOH A . 
D 4 HOH 129 429 73  HOH HOH A . 
D 4 HOH 130 430 114 HOH HOH A . 
D 4 HOH 131 431 113 HOH HOH A . 
# 
loop_
_software.citation_id 
_software.classification 
_software.compiler_name 
_software.compiler_version 
_software.contact_author 
_software.contact_author_email 
_software.date 
_software.description 
_software.dependencies 
_software.hardware 
_software.language 
_software.location 
_software.mods 
_software.name 
_software.os 
_software.os_version 
_software.type 
_software.version 
_software.pdbx_ordinal 
? refinement       ? ? ? ? ? ? ? ? ? ? ? PHENIX ? ? ? 1.9_1692 1 
? 'data reduction' ? ? ? ? ? ? ? ? ? ? ? XDS    ? ? ? .        2 
? 'data scaling'   ? ? ? ? ? ? ? ? ? ? ? SCALA  ? ? ? .        3 
? phasing          ? ? ? ? ? ? ? ? ? ? ? PHASER ? ? ? .        4 
# 
_cell.angle_alpha                  90.00 
_cell.angle_alpha_esd              ? 
_cell.angle_beta                   90.00 
_cell.angle_beta_esd               ? 
_cell.angle_gamma                  90.00 
_cell.angle_gamma_esd              ? 
_cell.entry_id                     5FDS 
_cell.details                      ? 
_cell.formula_units_Z              ? 
_cell.length_a                     59.037 
_cell.length_a_esd                 ? 
_cell.length_b                     59.037 
_cell.length_b_esd                 ? 
_cell.length_c                     132.891 
_cell.length_c_esd                 ? 
_cell.volume                       ? 
_cell.volume_esd                   ? 
_cell.Z_PDB                        8 
_cell.reciprocal_angle_alpha       ? 
_cell.reciprocal_angle_beta        ? 
_cell.reciprocal_angle_gamma       ? 
_cell.reciprocal_angle_alpha_esd   ? 
_cell.reciprocal_angle_beta_esd    ? 
_cell.reciprocal_angle_gamma_esd   ? 
_cell.reciprocal_length_a          ? 
_cell.reciprocal_length_b          ? 
_cell.reciprocal_length_c          ? 
_cell.reciprocal_length_a_esd      ? 
_cell.reciprocal_length_b_esd      ? 
_cell.reciprocal_length_c_esd      ? 
_cell.pdbx_unique_axis             ? 
# 
_symmetry.entry_id                         5FDS 
_symmetry.cell_setting                     ? 
_symmetry.Int_Tables_number                96 
_symmetry.space_group_name_Hall            ? 
_symmetry.space_group_name_H-M             'P 43 21 2' 
_symmetry.pdbx_full_space_group_name_H-M   ? 
# 
_exptl.absorpt_coefficient_mu     ? 
_exptl.absorpt_correction_T_max   ? 
_exptl.absorpt_correction_T_min   ? 
_exptl.absorpt_correction_type    ? 
_exptl.absorpt_process_details    ? 
_exptl.entry_id                   5FDS 
_exptl.crystals_number            ? 
_exptl.details                    ? 
_exptl.method                     'X-RAY DIFFRACTION' 
_exptl.method_details             ? 
# 
_exptl_crystal.colour                      ? 
_exptl_crystal.density_diffrn              ? 
_exptl_crystal.density_Matthews            4.11 
_exptl_crystal.density_method              ? 
_exptl_crystal.density_percent_sol         70 
_exptl_crystal.description                 ? 
_exptl_crystal.F_000                       ? 
_exptl_crystal.id                          1 
_exptl_crystal.preparation                 ? 
_exptl_crystal.size_max                    ? 
_exptl_crystal.size_mid                    ? 
_exptl_crystal.size_min                    ? 
_exptl_crystal.size_rad                    ? 
_exptl_crystal.colour_lustre               ? 
_exptl_crystal.colour_modifier             ? 
_exptl_crystal.colour_primary              ? 
_exptl_crystal.density_meas                ? 
_exptl_crystal.density_meas_esd            ? 
_exptl_crystal.density_meas_gt             ? 
_exptl_crystal.density_meas_lt             ? 
_exptl_crystal.density_meas_temp           ? 
_exptl_crystal.density_meas_temp_esd       ? 
_exptl_crystal.density_meas_temp_gt        ? 
_exptl_crystal.density_meas_temp_lt        ? 
_exptl_crystal.pdbx_crystal_image_url      ? 
_exptl_crystal.pdbx_crystal_image_format   ? 
_exptl_crystal.pdbx_mosaicity              ? 
_exptl_crystal.pdbx_mosaicity_esd          ? 
# 
_exptl_crystal_grow.apparatus       ? 
_exptl_crystal_grow.atmosphere      ? 
_exptl_crystal_grow.crystal_id      1 
_exptl_crystal_grow.details         ? 
_exptl_crystal_grow.method          'VAPOR DIFFUSION, HANGING DROP' 
_exptl_crystal_grow.method_ref      ? 
_exptl_crystal_grow.pH              9.0 
_exptl_crystal_grow.pressure        ? 
_exptl_crystal_grow.pressure_esd    ? 
_exptl_crystal_grow.seeding         ? 
_exptl_crystal_grow.seeding_ref     ? 
_exptl_crystal_grow.temp            291 
_exptl_crystal_grow.temp_details    ? 
_exptl_crystal_grow.temp_esd        ? 
_exptl_crystal_grow.time            ? 
_exptl_crystal_grow.pdbx_details    '0.1M TRIS-HCL, pH 9.0, 1.6 M Ammonium Sulfate' 
_exptl_crystal_grow.pdbx_pH_range   ? 
# 
_diffrn.ambient_environment    ? 
_diffrn.ambient_temp           101 
_diffrn.ambient_temp_details   ? 
_diffrn.ambient_temp_esd       ? 
_diffrn.crystal_id             1 
_diffrn.crystal_support        ? 
_diffrn.crystal_treatment      ? 
_diffrn.details                ? 
_diffrn.id                     1 
_diffrn.ambient_pressure       ? 
_diffrn.ambient_pressure_esd   ? 
_diffrn.ambient_pressure_gt    ? 
_diffrn.ambient_pressure_lt    ? 
_diffrn.ambient_temp_gt        ? 
_diffrn.ambient_temp_lt        ? 
# 
_diffrn_detector.details                      ? 
_diffrn_detector.detector                     'IMAGE PLATE' 
_diffrn_detector.diffrn_id                    1 
_diffrn_detector.type                         'RIGAKU RAXIS IV++' 
_diffrn_detector.area_resol_mean              ? 
_diffrn_detector.dtime                        ? 
_diffrn_detector.pdbx_frames_total            ? 
_diffrn_detector.pdbx_collection_time_total   ? 
_diffrn_detector.pdbx_collection_date         2012-02-16 
# 
_diffrn_radiation.collimation                      ? 
_diffrn_radiation.diffrn_id                        1 
_diffrn_radiation.filter_edge                      ? 
_diffrn_radiation.inhomogeneity                    ? 
_diffrn_radiation.monochromator                    ? 
_diffrn_radiation.polarisn_norm                    ? 
_diffrn_radiation.polarisn_ratio                   ? 
_diffrn_radiation.probe                            ? 
_diffrn_radiation.type                             ? 
_diffrn_radiation.xray_symbol                      ? 
_diffrn_radiation.wavelength_id                    1 
_diffrn_radiation.pdbx_monochromatic_or_laue_m_l   M 
_diffrn_radiation.pdbx_wavelength_list             ? 
_diffrn_radiation.pdbx_wavelength                  ? 
_diffrn_radiation.pdbx_diffrn_protocol             'SINGLE WAVELENGTH' 
_diffrn_radiation.pdbx_analyzer                    ? 
_diffrn_radiation.pdbx_scattering_type             x-ray 
# 
_diffrn_radiation_wavelength.id           1 
_diffrn_radiation_wavelength.wavelength   1.5416 
_diffrn_radiation_wavelength.wt           1.0 
# 
_diffrn_source.current                     ? 
_diffrn_source.details                     ? 
_diffrn_source.diffrn_id                   1 
_diffrn_source.power                       ? 
_diffrn_source.size                        ? 
_diffrn_source.source                      'ROTATING ANODE' 
_diffrn_source.target                      ? 
_diffrn_source.type                        'RIGAKU MICROMAX-007' 
_diffrn_source.voltage                     ? 
_diffrn_source.take-off_angle              ? 
_diffrn_source.pdbx_wavelength_list        1.5416 
_diffrn_source.pdbx_wavelength             ? 
_diffrn_source.pdbx_synchrotron_beamline   ? 
_diffrn_source.pdbx_synchrotron_site       ? 
# 
_reflns.B_iso_Wilson_estimate            23.4 
_reflns.entry_id                         5FDS 
_reflns.data_reduction_details           ? 
_reflns.data_reduction_method            ? 
_reflns.d_resolution_high                1.9 
_reflns.d_resolution_low                 33.22 
_reflns.details                          ? 
_reflns.limit_h_max                      ? 
_reflns.limit_h_min                      ? 
_reflns.limit_k_max                      ? 
_reflns.limit_k_min                      ? 
_reflns.limit_l_max                      ? 
_reflns.limit_l_min                      ? 
_reflns.number_all                       ? 
_reflns.number_obs                       19125 
_reflns.observed_criterion               ? 
_reflns.observed_criterion_F_max         ? 
_reflns.observed_criterion_F_min         ? 
_reflns.observed_criterion_I_max         ? 
_reflns.observed_criterion_I_min         ? 
_reflns.observed_criterion_sigma_F       ? 
_reflns.observed_criterion_sigma_I       ? 
_reflns.percent_possible_obs             98.2 
_reflns.R_free_details                   ? 
_reflns.Rmerge_F_all                     ? 
_reflns.Rmerge_F_obs                     ? 
_reflns.Friedel_coverage                 ? 
_reflns.number_gt                        ? 
_reflns.threshold_expression             ? 
_reflns.pdbx_redundancy                  4.9 
_reflns.pdbx_Rmerge_I_obs                0.051 
_reflns.pdbx_Rmerge_I_all                ? 
_reflns.pdbx_Rsym_value                  ? 
_reflns.pdbx_netI_over_av_sigmaI         ? 
_reflns.pdbx_netI_over_sigmaI            18.9 
_reflns.pdbx_res_netI_over_av_sigmaI_2   ? 
_reflns.pdbx_res_netI_over_sigmaI_2      ? 
_reflns.pdbx_chi_squared                 ? 
_reflns.pdbx_scaling_rejects             ? 
_reflns.pdbx_d_res_high_opt              ? 
_reflns.pdbx_d_res_low_opt               ? 
_reflns.pdbx_d_res_opt_method            ? 
_reflns.phase_calculation_details        ? 
_reflns.pdbx_Rrim_I_all                  ? 
_reflns.pdbx_Rpim_I_all                  ? 
_reflns.pdbx_d_opt                       ? 
_reflns.pdbx_number_measured_all         ? 
_reflns.pdbx_diffrn_id                   1 
_reflns.pdbx_ordinal                     1 
_reflns.pdbx_CC_half                     ? 
_reflns.pdbx_R_split                     ? 
# 
_reflns_shell.d_res_high                  1.9 
_reflns_shell.d_res_low                   2.0 
_reflns_shell.meanI_over_sigI_all         ? 
_reflns_shell.meanI_over_sigI_obs         3.7 
_reflns_shell.number_measured_all         ? 
_reflns_shell.number_measured_obs         ? 
_reflns_shell.number_possible             ? 
_reflns_shell.number_unique_all           ? 
_reflns_shell.number_unique_obs           ? 
_reflns_shell.percent_possible_all        98.2 
_reflns_shell.percent_possible_obs        ? 
_reflns_shell.Rmerge_F_all                ? 
_reflns_shell.Rmerge_F_obs                ? 
_reflns_shell.Rmerge_I_all                ? 
_reflns_shell.Rmerge_I_obs                0.447 
_reflns_shell.meanI_over_sigI_gt          ? 
_reflns_shell.meanI_over_uI_all           ? 
_reflns_shell.meanI_over_uI_gt            ? 
_reflns_shell.number_measured_gt          ? 
_reflns_shell.number_unique_gt            ? 
_reflns_shell.percent_possible_gt         ? 
_reflns_shell.Rmerge_F_gt                 ? 
_reflns_shell.Rmerge_I_gt                 ? 
_reflns_shell.pdbx_redundancy             4.9 
_reflns_shell.pdbx_Rsym_value             ? 
_reflns_shell.pdbx_chi_squared            ? 
_reflns_shell.pdbx_netI_over_sigmaI_all   ? 
_reflns_shell.pdbx_netI_over_sigmaI_obs   ? 
_reflns_shell.pdbx_Rrim_I_all             ? 
_reflns_shell.pdbx_Rpim_I_all             ? 
_reflns_shell.pdbx_rejects                ? 
_reflns_shell.pdbx_ordinal                1 
_reflns_shell.pdbx_diffrn_id              1 
_reflns_shell.pdbx_CC_half                ? 
_reflns_shell.pdbx_R_split                ? 
# 
_refine.aniso_B[1][1]                            ? 
_refine.aniso_B[1][2]                            ? 
_refine.aniso_B[1][3]                            ? 
_refine.aniso_B[2][2]                            ? 
_refine.aniso_B[2][3]                            ? 
_refine.aniso_B[3][3]                            ? 
_refine.B_iso_max                                ? 
_refine.B_iso_mean                               ? 
_refine.B_iso_min                                ? 
_refine.correlation_coeff_Fo_to_Fc               ? 
_refine.correlation_coeff_Fo_to_Fc_free          ? 
_refine.details                                  ? 
_refine.diff_density_max                         ? 
_refine.diff_density_max_esd                     ? 
_refine.diff_density_min                         ? 
_refine.diff_density_min_esd                     ? 
_refine.diff_density_rms                         ? 
_refine.diff_density_rms_esd                     ? 
_refine.entry_id                                 5FDS 
_refine.pdbx_refine_id                           'X-RAY DIFFRACTION' 
_refine.ls_abs_structure_details                 ? 
_refine.ls_abs_structure_Flack                   ? 
_refine.ls_abs_structure_Flack_esd               ? 
_refine.ls_abs_structure_Rogers                  ? 
_refine.ls_abs_structure_Rogers_esd              ? 
_refine.ls_d_res_high                            1.900 
_refine.ls_d_res_low                             33.22 
_refine.ls_extinction_coef                       ? 
_refine.ls_extinction_coef_esd                   ? 
_refine.ls_extinction_expression                 ? 
_refine.ls_extinction_method                     ? 
_refine.ls_goodness_of_fit_all                   ? 
_refine.ls_goodness_of_fit_all_esd               ? 
_refine.ls_goodness_of_fit_obs                   ? 
_refine.ls_goodness_of_fit_obs_esd               ? 
_refine.ls_hydrogen_treatment                    ? 
_refine.ls_matrix_type                           ? 
_refine.ls_number_constraints                    ? 
_refine.ls_number_parameters                     ? 
_refine.ls_number_reflns_all                     ? 
_refine.ls_number_reflns_obs                     19083 
_refine.ls_number_reflns_R_free                  978 
_refine.ls_number_reflns_R_work                  ? 
_refine.ls_number_restraints                     ? 
_refine.ls_percent_reflns_obs                    98.95 
_refine.ls_percent_reflns_R_free                 5.12 
_refine.ls_R_factor_all                          ? 
_refine.ls_R_factor_obs                          0.1742 
_refine.ls_R_factor_R_free                       0.1968 
_refine.ls_R_factor_R_free_error                 ? 
_refine.ls_R_factor_R_free_error_details         ? 
_refine.ls_R_factor_R_work                       0.1730 
_refine.ls_R_Fsqd_factor_obs                     ? 
_refine.ls_R_I_factor_obs                        ? 
_refine.ls_redundancy_reflns_all                 ? 
_refine.ls_redundancy_reflns_obs                 ? 
_refine.ls_restrained_S_all                      ? 
_refine.ls_restrained_S_obs                      ? 
_refine.ls_shift_over_esd_max                    ? 
_refine.ls_shift_over_esd_mean                   ? 
_refine.ls_structure_factor_coef                 ? 
_refine.ls_weighting_details                     ? 
_refine.ls_weighting_scheme                      ? 
_refine.ls_wR_factor_all                         ? 
_refine.ls_wR_factor_obs                         ? 
_refine.ls_wR_factor_R_free                      ? 
_refine.ls_wR_factor_R_work                      ? 
_refine.occupancy_max                            ? 
_refine.occupancy_min                            ? 
_refine.solvent_model_details                    'FLAT BULK SOLVENT MODEL' 
_refine.solvent_model_param_bsol                 ? 
_refine.solvent_model_param_ksol                 ? 
_refine.ls_R_factor_gt                           ? 
_refine.ls_goodness_of_fit_gt                    ? 
_refine.ls_goodness_of_fit_ref                   ? 
_refine.ls_shift_over_su_max                     ? 
_refine.ls_shift_over_su_max_lt                  ? 
_refine.ls_shift_over_su_mean                    ? 
_refine.ls_shift_over_su_mean_lt                 ? 
_refine.pdbx_ls_sigma_I                          ? 
_refine.pdbx_ls_sigma_F                          1.34 
_refine.pdbx_ls_sigma_Fsqd                       ? 
_refine.pdbx_data_cutoff_high_absF               ? 
_refine.pdbx_data_cutoff_high_rms_absF           ? 
_refine.pdbx_data_cutoff_low_absF                ? 
_refine.pdbx_isotropic_thermal_model             ? 
_refine.pdbx_ls_cross_valid_method               THROUGHOUT 
_refine.pdbx_method_to_determine_struct          'MOLECULAR REPLACEMENT' 
_refine.pdbx_starting_model                      ? 
_refine.pdbx_stereochemistry_target_values       ML 
_refine.pdbx_R_Free_selection_details            RANDOM 
_refine.pdbx_stereochem_target_val_spec_case     ? 
_refine.pdbx_overall_ESU_R                       ? 
_refine.pdbx_overall_ESU_R_Free                  ? 
_refine.pdbx_solvent_vdw_probe_radii             1.11 
_refine.pdbx_solvent_ion_probe_radii             ? 
_refine.pdbx_solvent_shrinkage_radii             0.90 
_refine.pdbx_real_space_R                        ? 
_refine.pdbx_density_correlation                 ? 
_refine.pdbx_pd_number_of_powder_patterns        ? 
_refine.pdbx_pd_number_of_points                 ? 
_refine.pdbx_pd_meas_number_of_points            ? 
_refine.pdbx_pd_proc_ls_prof_R_factor            ? 
_refine.pdbx_pd_proc_ls_prof_wR_factor           ? 
_refine.pdbx_pd_Marquardt_correlation_coeff      ? 
_refine.pdbx_pd_Fsqrd_R_factor                   ? 
_refine.pdbx_pd_ls_matrix_band_width             ? 
_refine.pdbx_overall_phase_error                 17.12 
_refine.pdbx_overall_SU_R_free_Cruickshank_DPI   ? 
_refine.pdbx_overall_SU_R_free_Blow_DPI          ? 
_refine.pdbx_overall_SU_R_Blow_DPI               ? 
_refine.pdbx_TLS_residual_ADP_flag               ? 
_refine.pdbx_diffrn_id                           1 
_refine.overall_SU_B                             ? 
_refine.overall_SU_ML                            0.18 
_refine.overall_SU_R_Cruickshank_DPI             ? 
_refine.overall_SU_R_free                        ? 
_refine.overall_FOM_free_R_set                   ? 
_refine.overall_FOM_work_R_set                   ? 
_refine.pdbx_average_fsc_overall                 ? 
_refine.pdbx_average_fsc_work                    ? 
_refine.pdbx_average_fsc_free                    ? 
# 
_refine_hist.pdbx_refine_id                   'X-RAY DIFFRACTION' 
_refine_hist.cycle_id                         LAST 
_refine_hist.pdbx_number_atoms_protein        992 
_refine_hist.pdbx_number_atoms_nucleic_acid   0 
_refine_hist.pdbx_number_atoms_ligand         11 
_refine_hist.number_atoms_solvent             131 
_refine_hist.number_atoms_total               1134 
_refine_hist.d_res_high                       1.900 
_refine_hist.d_res_low                        33.22 
# 
loop_
_refine_ls_restr.pdbx_refine_id 
_refine_ls_restr.criterion 
_refine_ls_restr.dev_ideal 
_refine_ls_restr.dev_ideal_target 
_refine_ls_restr.number 
_refine_ls_restr.rejects 
_refine_ls_restr.type 
_refine_ls_restr.weight 
_refine_ls_restr.pdbx_restraint_function 
'X-RAY DIFFRACTION' ? 0.007  ? 1084 ? f_bond_d           ? ? 
'X-RAY DIFFRACTION' ? 1.059  ? 1480 ? f_angle_d          ? ? 
'X-RAY DIFFRACTION' ? 13.913 ? 402  ? f_dihedral_angle_d ? ? 
'X-RAY DIFFRACTION' ? 0.043  ? 156  ? f_chiral_restr     ? ? 
'X-RAY DIFFRACTION' ? 0.004  ? 198  ? f_plane_restr      ? ? 
# 
loop_
_refine_ls_shell.pdbx_refine_id 
_refine_ls_shell.d_res_high 
_refine_ls_shell.d_res_low 
_refine_ls_shell.number_reflns_all 
_refine_ls_shell.number_reflns_obs 
_refine_ls_shell.number_reflns_R_free 
_refine_ls_shell.number_reflns_R_work 
_refine_ls_shell.percent_reflns_obs 
_refine_ls_shell.percent_reflns_R_free 
_refine_ls_shell.R_factor_all 
_refine_ls_shell.R_factor_obs 
_refine_ls_shell.R_factor_R_free 
_refine_ls_shell.R_factor_R_free_error 
_refine_ls_shell.R_factor_R_work 
_refine_ls_shell.redundancy_reflns_all 
_refine_ls_shell.redundancy_reflns_obs 
_refine_ls_shell.wR_factor_all 
_refine_ls_shell.wR_factor_obs 
_refine_ls_shell.wR_factor_R_free 
_refine_ls_shell.wR_factor_R_work 
_refine_ls_shell.pdbx_total_number_of_bins_used 
_refine_ls_shell.pdbx_phase_error 
_refine_ls_shell.pdbx_fsc_work 
_refine_ls_shell.pdbx_fsc_free 
'X-RAY DIFFRACTION' 1.9001 2.0002 . . 140 2469 98.00  . . . 0.2371 . 0.2196 . . . . . . . . . . 
'X-RAY DIFFRACTION' 2.0002 2.1255 . . 132 2522 98.00  . . . 0.2372 . 0.1823 . . . . . . . . . . 
'X-RAY DIFFRACTION' 2.1255 2.2896 . . 142 2512 98.00  . . . 0.1961 . 0.1797 . . . . . . . . . . 
'X-RAY DIFFRACTION' 2.2896 2.5199 . . 146 2548 99.00  . . . 0.2255 . 0.1833 . . . . . . . . . . 
'X-RAY DIFFRACTION' 2.5199 2.8844 . . 139 2601 100.00 . . . 0.2171 . 0.1815 . . . . . . . . . . 
'X-RAY DIFFRACTION' 2.8844 3.6333 . . 138 2642 100.00 . . . 0.2175 . 0.1689 . . . . . . . . . . 
'X-RAY DIFFRACTION' 3.6333 33.23  . . 141 2811 100.00 . . . 0.1566 . 0.1566 . . . . . . . . . . 
# 
_struct.entry_id                     5FDS 
_struct.title                        'Crystal structure of the monomeric allergen profilin (Hev b 8)' 
_struct.pdbx_model_details           ? 
_struct.pdbx_formula_weight          ? 
_struct.pdbx_formula_weight_method   ? 
_struct.pdbx_model_type_details      ? 
_struct.pdbx_CASP_flag               ? 
# 
_struct_keywords.entry_id        5FDS 
_struct_keywords.text            'Actin Binding Protein, Allergen, Allergy, Cross-reactivity, Hev b 8' 
_struct_keywords.pdbx_keywords   ALLERGEN 
# 
loop_
_struct_asym.id 
_struct_asym.pdbx_blank_PDB_chainid_flag 
_struct_asym.pdbx_modified 
_struct_asym.entity_id 
_struct_asym.details 
A N N 1 ? 
B N N 2 ? 
C N N 3 ? 
D N N 4 ? 
# 
_struct_ref.id                         1 
_struct_ref.db_name                    UNP 
_struct_ref.db_code                    PROF2_HEVBR 
_struct_ref.pdbx_db_accession          Q9STB6 
_struct_ref.pdbx_db_isoform            ? 
_struct_ref.entity_id                  1 
_struct_ref.pdbx_seq_one_letter_code   
;MSWQAYVDDHLMCEIEGNHLSAAAIIGQDGSVWAQSANFPQFKSEEITGIMSDFHEPGTLAPTGLYIGGTKYMVIQGEPG
AVIRGKKGPGGVTVKKTNQALIIGIYDEPMTPGQCNMIVERLGDYLIDQGY
;
_struct_ref.pdbx_align_begin           1 
# 
_struct_ref_seq.align_id                      1 
_struct_ref_seq.ref_id                        1 
_struct_ref_seq.pdbx_PDB_id_code              5FDS 
_struct_ref_seq.pdbx_strand_id                A 
_struct_ref_seq.seq_align_beg                 1 
_struct_ref_seq.pdbx_seq_align_beg_ins_code   ? 
_struct_ref_seq.seq_align_end                 131 
_struct_ref_seq.pdbx_seq_align_end_ins_code   ? 
_struct_ref_seq.pdbx_db_accession             Q9STB6 
_struct_ref_seq.db_align_beg                  1 
_struct_ref_seq.pdbx_db_align_beg_ins_code    ? 
_struct_ref_seq.db_align_end                  131 
_struct_ref_seq.pdbx_db_align_end_ins_code    ? 
_struct_ref_seq.pdbx_auth_seq_align_beg       1 
_struct_ref_seq.pdbx_auth_seq_align_end       131 
# 
_pdbx_struct_assembly.id                   1 
_pdbx_struct_assembly.details              author_and_software_defined_assembly 
_pdbx_struct_assembly.method_details       PISA 
_pdbx_struct_assembly.oligomeric_details   monomeric 
_pdbx_struct_assembly.oligomeric_count     1 
# 
_pdbx_struct_assembly_gen.assembly_id       1 
_pdbx_struct_assembly_gen.oper_expression   1 
_pdbx_struct_assembly_gen.asym_id_list      A,B,C,D 
# 
_pdbx_struct_oper_list.id                   1 
_pdbx_struct_oper_list.type                 'identity operation' 
_pdbx_struct_oper_list.name                 1_555 
_pdbx_struct_oper_list.symmetry_operation   x,y,z 
_pdbx_struct_oper_list.matrix[1][1]         1.0000000000 
_pdbx_struct_oper_list.matrix[1][2]         0.0000000000 
_pdbx_struct_oper_list.matrix[1][3]         0.0000000000 
_pdbx_struct_oper_list.vector[1]            0.0000000000 
_pdbx_struct_oper_list.matrix[2][1]         0.0000000000 
_pdbx_struct_oper_list.matrix[2][2]         1.0000000000 
_pdbx_struct_oper_list.matrix[2][3]         0.0000000000 
_pdbx_struct_oper_list.vector[2]            0.0000000000 
_pdbx_struct_oper_list.matrix[3][1]         0.0000000000 
_pdbx_struct_oper_list.matrix[3][2]         0.0000000000 
_pdbx_struct_oper_list.matrix[3][3]         1.0000000000 
_pdbx_struct_oper_list.vector[3]            0.0000000000 
# 
loop_
_struct_conf.conf_type_id 
_struct_conf.id 
_struct_conf.pdbx_PDB_helix_id 
_struct_conf.beg_label_comp_id 
_struct_conf.beg_label_asym_id 
_struct_conf.beg_label_seq_id 
_struct_conf.pdbx_beg_PDB_ins_code 
_struct_conf.end_label_comp_id 
_struct_conf.end_label_asym_id 
_struct_conf.end_label_seq_id 
_struct_conf.pdbx_end_PDB_ins_code 
_struct_conf.beg_auth_comp_id 
_struct_conf.beg_auth_asym_id 
_struct_conf.beg_auth_seq_id 
_struct_conf.end_auth_comp_id 
_struct_conf.end_auth_asym_id 
_struct_conf.end_auth_seq_id 
_struct_conf.pdbx_PDB_helix_class 
_struct_conf.details 
_struct_conf.pdbx_PDB_helix_length 
HELX_P HELX_P1 AA1 SER A 2   ? LEU A 11  ? SER A 2   LEU A 11  1 ? 10 
HELX_P HELX_P2 AA2 GLU A 45  ? GLU A 56  ? GLU A 45  GLU A 56  1 ? 12 
HELX_P HELX_P3 AA3 THR A 111 ? ASP A 128 ? THR A 111 ASP A 128 1 ? 18 
# 
_struct_conf_type.id          HELX_P 
_struct_conf_type.criteria    ? 
_struct_conf_type.reference   ? 
# 
_struct_mon_prot_cis.pdbx_id                1 
_struct_mon_prot_cis.label_comp_id          GLU 
_struct_mon_prot_cis.label_seq_id           108 
_struct_mon_prot_cis.label_asym_id          A 
_struct_mon_prot_cis.label_alt_id           . 
_struct_mon_prot_cis.pdbx_PDB_ins_code      ? 
_struct_mon_prot_cis.auth_comp_id           GLU 
_struct_mon_prot_cis.auth_seq_id            108 
_struct_mon_prot_cis.auth_asym_id           A 
_struct_mon_prot_cis.pdbx_label_comp_id_2   PRO 
_struct_mon_prot_cis.pdbx_label_seq_id_2    109 
_struct_mon_prot_cis.pdbx_label_asym_id_2   A 
_struct_mon_prot_cis.pdbx_PDB_ins_code_2    ? 
_struct_mon_prot_cis.pdbx_auth_comp_id_2    PRO 
_struct_mon_prot_cis.pdbx_auth_seq_id_2     109 
_struct_mon_prot_cis.pdbx_auth_asym_id_2    A 
_struct_mon_prot_cis.pdbx_PDB_model_num     1 
_struct_mon_prot_cis.pdbx_omega_angle       3.89 
# 
_struct_sheet.id               AA1 
_struct_sheet.type             ? 
_struct_sheet.number_strands   7 
_struct_sheet.details          ? 
# 
loop_
_struct_sheet_order.sheet_id 
_struct_sheet_order.range_id_1 
_struct_sheet_order.range_id_2 
_struct_sheet_order.offset 
_struct_sheet_order.sense 
AA1 1 2 ? anti-parallel 
AA1 2 3 ? anti-parallel 
AA1 3 4 ? anti-parallel 
AA1 4 5 ? anti-parallel 
AA1 5 6 ? anti-parallel 
AA1 6 7 ? anti-parallel 
# 
loop_
_struct_sheet_range.sheet_id 
_struct_sheet_range.id 
_struct_sheet_range.beg_label_comp_id 
_struct_sheet_range.beg_label_asym_id 
_struct_sheet_range.beg_label_seq_id 
_struct_sheet_range.pdbx_beg_PDB_ins_code 
_struct_sheet_range.end_label_comp_id 
_struct_sheet_range.end_label_asym_id 
_struct_sheet_range.end_label_seq_id 
_struct_sheet_range.pdbx_end_PDB_ins_code 
_struct_sheet_range.beg_auth_comp_id 
_struct_sheet_range.beg_auth_asym_id 
_struct_sheet_range.beg_auth_seq_id 
_struct_sheet_range.end_auth_comp_id 
_struct_sheet_range.end_auth_asym_id 
_struct_sheet_range.end_auth_seq_id 
AA1 1 VAL A 32  ? GLN A 35  ? VAL A 32  GLN A 35  
AA1 2 ALA A 22  ? GLY A 27  ? ALA A 22  GLY A 27  
AA1 3 ALA A 100 ? TYR A 106 ? ALA A 100 TYR A 106 
AA1 4 GLY A 90  ? LYS A 96  ? GLY A 90  LYS A 96  
AA1 5 VAL A 82  ? LYS A 87  ? VAL A 82  LYS A 87  
AA1 6 THR A 70  ? GLU A 78  ? THR A 70  GLU A 78  
AA1 7 LEU A 65  ? ILE A 67  ? LEU A 65  ILE A 67  
# 
loop_
_pdbx_struct_sheet_hbond.sheet_id 
_pdbx_struct_sheet_hbond.range_id_1 
_pdbx_struct_sheet_hbond.range_id_2 
_pdbx_struct_sheet_hbond.range_1_label_atom_id 
_pdbx_struct_sheet_hbond.range_1_label_comp_id 
_pdbx_struct_sheet_hbond.range_1_label_asym_id 
_pdbx_struct_sheet_hbond.range_1_label_seq_id 
_pdbx_struct_sheet_hbond.range_1_PDB_ins_code 
_pdbx_struct_sheet_hbond.range_1_auth_atom_id 
_pdbx_struct_sheet_hbond.range_1_auth_comp_id 
_pdbx_struct_sheet_hbond.range_1_auth_asym_id 
_pdbx_struct_sheet_hbond.range_1_auth_seq_id 
_pdbx_struct_sheet_hbond.range_2_label_atom_id 
_pdbx_struct_sheet_hbond.range_2_label_comp_id 
_pdbx_struct_sheet_hbond.range_2_label_asym_id 
_pdbx_struct_sheet_hbond.range_2_label_seq_id 
_pdbx_struct_sheet_hbond.range_2_PDB_ins_code 
_pdbx_struct_sheet_hbond.range_2_auth_atom_id 
_pdbx_struct_sheet_hbond.range_2_auth_comp_id 
_pdbx_struct_sheet_hbond.range_2_auth_asym_id 
_pdbx_struct_sheet_hbond.range_2_auth_seq_id 
AA1 1 2 O ALA A 34  ? O ALA A 34  N ILE A 25  ? N ILE A 25  
AA1 2 3 N ALA A 24  ? N ALA A 24  O ILE A 103 ? O ILE A 103 
AA1 3 4 O ILE A 102 ? O ILE A 102 N LYS A 95  ? N LYS A 95  
AA1 4 5 O VAL A 94  ? O VAL A 94  N ILE A 83  ? N ILE A 83  
AA1 5 6 O VAL A 82  ? O VAL A 82  N GLU A 78  ? N GLU A 78  
AA1 6 7 O TYR A 72  ? O TYR A 72  N LEU A 65  ? N LEU A 65  
# 
loop_
_struct_site.id 
_struct_site.pdbx_evidence_code 
_struct_site.pdbx_auth_asym_id 
_struct_site.pdbx_auth_comp_id 
_struct_site.pdbx_auth_seq_id 
_struct_site.pdbx_auth_ins_code 
_struct_site.pdbx_num_residues 
_struct_site.details 
AC1 Software A GOL 201 ? 5 'binding site for residue GOL A 201' 
AC2 Software A SO4 202 ? 2 'binding site for residue SO4 A 202' 
# 
loop_
_struct_site_gen.id 
_struct_site_gen.site_id 
_struct_site_gen.pdbx_num_res 
_struct_site_gen.label_comp_id 
_struct_site_gen.label_asym_id 
_struct_site_gen.label_seq_id 
_struct_site_gen.pdbx_auth_ins_code 
_struct_site_gen.auth_comp_id 
_struct_site_gen.auth_asym_id 
_struct_site_gen.auth_seq_id 
_struct_site_gen.label_atom_id 
_struct_site_gen.label_alt_id 
_struct_site_gen.symmetry 
_struct_site_gen.details 
1 AC1 5 CYS A 13 ? CYS A 13  . ? 1_555 ? 
2 AC1 5 GLU A 14 ? GLU A 14  . ? 1_555 ? 
3 AC1 5 HIS A 19 ? HIS A 19  . ? 1_555 ? 
4 AC1 5 LYS A 71 ? LYS A 71  . ? 4_445 ? 
5 AC1 5 HOH D .  ? HOH A 393 . ? 1_555 ? 
6 AC2 2 LYS A 43 ? LYS A 43  . ? 1_555 ? 
7 AC2 2 SER A 44 ? SER A 44  . ? 1_555 ? 
# 
loop_
_pdbx_validate_torsion.id 
_pdbx_validate_torsion.PDB_model_num 
_pdbx_validate_torsion.auth_comp_id 
_pdbx_validate_torsion.auth_asym_id 
_pdbx_validate_torsion.auth_seq_id 
_pdbx_validate_torsion.PDB_ins_code 
_pdbx_validate_torsion.label_alt_id 
_pdbx_validate_torsion.phi 
_pdbx_validate_torsion.psi 
1 1 GLU A 45 ? ? 73.88   -10.18  
2 1 ALA A 81 ? ? -131.91 -44.50  
3 1 THR A 97 ? ? -114.28 -167.20 
# 
loop_
_chem_comp_atom.comp_id 
_chem_comp_atom.atom_id 
_chem_comp_atom.type_symbol 
_chem_comp_atom.pdbx_aromatic_flag 
_chem_comp_atom.pdbx_stereo_config 
_chem_comp_atom.pdbx_ordinal 
ALA N    N N N 1   
ALA CA   C N S 2   
ALA C    C N N 3   
ALA O    O N N 4   
ALA CB   C N N 5   
ALA OXT  O N N 6   
ALA H    H N N 7   
ALA H2   H N N 8   
ALA HA   H N N 9   
ALA HB1  H N N 10  
ALA HB2  H N N 11  
ALA HB3  H N N 12  
ALA HXT  H N N 13  
ARG N    N N N 14  
ARG CA   C N S 15  
ARG C    C N N 16  
ARG O    O N N 17  
ARG CB   C N N 18  
ARG CG   C N N 19  
ARG CD   C N N 20  
ARG NE   N N N 21  
ARG CZ   C N N 22  
ARG NH1  N N N 23  
ARG NH2  N N N 24  
ARG OXT  O N N 25  
ARG H    H N N 26  
ARG H2   H N N 27  
ARG HA   H N N 28  
ARG HB2  H N N 29  
ARG HB3  H N N 30  
ARG HG2  H N N 31  
ARG HG3  H N N 32  
ARG HD2  H N N 33  
ARG HD3  H N N 34  
ARG HE   H N N 35  
ARG HH11 H N N 36  
ARG HH12 H N N 37  
ARG HH21 H N N 38  
ARG HH22 H N N 39  
ARG HXT  H N N 40  
ASN N    N N N 41  
ASN CA   C N S 42  
ASN C    C N N 43  
ASN O    O N N 44  
ASN CB   C N N 45  
ASN CG   C N N 46  
ASN OD1  O N N 47  
ASN ND2  N N N 48  
ASN OXT  O N N 49  
ASN H    H N N 50  
ASN H2   H N N 51  
ASN HA   H N N 52  
ASN HB2  H N N 53  
ASN HB3  H N N 54  
ASN HD21 H N N 55  
ASN HD22 H N N 56  
ASN HXT  H N N 57  
ASP N    N N N 58  
ASP CA   C N S 59  
ASP C    C N N 60  
ASP O    O N N 61  
ASP CB   C N N 62  
ASP CG   C N N 63  
ASP OD1  O N N 64  
ASP OD2  O N N 65  
ASP OXT  O N N 66  
ASP H    H N N 67  
ASP H2   H N N 68  
ASP HA   H N N 69  
ASP HB2  H N N 70  
ASP HB3  H N N 71  
ASP HD2  H N N 72  
ASP HXT  H N N 73  
CYS N    N N N 74  
CYS CA   C N R 75  
CYS C    C N N 76  
CYS O    O N N 77  
CYS CB   C N N 78  
CYS SG   S N N 79  
CYS OXT  O N N 80  
CYS H    H N N 81  
CYS H2   H N N 82  
CYS HA   H N N 83  
CYS HB2  H N N 84  
CYS HB3  H N N 85  
CYS HG   H N N 86  
CYS HXT  H N N 87  
GLN N    N N N 88  
GLN CA   C N S 89  
GLN C    C N N 90  
GLN O    O N N 91  
GLN CB   C N N 92  
GLN CG   C N N 93  
GLN CD   C N N 94  
GLN OE1  O N N 95  
GLN NE2  N N N 96  
GLN OXT  O N N 97  
GLN H    H N N 98  
GLN H2   H N N 99  
GLN HA   H N N 100 
GLN HB2  H N N 101 
GLN HB3  H N N 102 
GLN HG2  H N N 103 
GLN HG3  H N N 104 
GLN HE21 H N N 105 
GLN HE22 H N N 106 
GLN HXT  H N N 107 
GLU N    N N N 108 
GLU CA   C N S 109 
GLU C    C N N 110 
GLU O    O N N 111 
GLU CB   C N N 112 
GLU CG   C N N 113 
GLU CD   C N N 114 
GLU OE1  O N N 115 
GLU OE2  O N N 116 
GLU OXT  O N N 117 
GLU H    H N N 118 
GLU H2   H N N 119 
GLU HA   H N N 120 
GLU HB2  H N N 121 
GLU HB3  H N N 122 
GLU HG2  H N N 123 
GLU HG3  H N N 124 
GLU HE2  H N N 125 
GLU HXT  H N N 126 
GLY N    N N N 127 
GLY CA   C N N 128 
GLY C    C N N 129 
GLY O    O N N 130 
GLY OXT  O N N 131 
GLY H    H N N 132 
GLY H2   H N N 133 
GLY HA2  H N N 134 
GLY HA3  H N N 135 
GLY HXT  H N N 136 
GOL C1   C N N 137 
GOL O1   O N N 138 
GOL C2   C N N 139 
GOL O2   O N N 140 
GOL C3   C N N 141 
GOL O3   O N N 142 
GOL H11  H N N 143 
GOL H12  H N N 144 
GOL HO1  H N N 145 
GOL H2   H N N 146 
GOL HO2  H N N 147 
GOL H31  H N N 148 
GOL H32  H N N 149 
GOL HO3  H N N 150 
HIS N    N N N 151 
HIS CA   C N S 152 
HIS C    C N N 153 
HIS O    O N N 154 
HIS CB   C N N 155 
HIS CG   C Y N 156 
HIS ND1  N Y N 157 
HIS CD2  C Y N 158 
HIS CE1  C Y N 159 
HIS NE2  N Y N 160 
HIS OXT  O N N 161 
HIS H    H N N 162 
HIS H2   H N N 163 
HIS HA   H N N 164 
HIS HB2  H N N 165 
HIS HB3  H N N 166 
HIS HD1  H N N 167 
HIS HD2  H N N 168 
HIS HE1  H N N 169 
HIS HE2  H N N 170 
HIS HXT  H N N 171 
HOH O    O N N 172 
HOH H1   H N N 173 
HOH H2   H N N 174 
ILE N    N N N 175 
ILE CA   C N S 176 
ILE C    C N N 177 
ILE O    O N N 178 
ILE CB   C N S 179 
ILE CG1  C N N 180 
ILE CG2  C N N 181 
ILE CD1  C N N 182 
ILE OXT  O N N 183 
ILE H    H N N 184 
ILE H2   H N N 185 
ILE HA   H N N 186 
ILE HB   H N N 187 
ILE HG12 H N N 188 
ILE HG13 H N N 189 
ILE HG21 H N N 190 
ILE HG22 H N N 191 
ILE HG23 H N N 192 
ILE HD11 H N N 193 
ILE HD12 H N N 194 
ILE HD13 H N N 195 
ILE HXT  H N N 196 
LEU N    N N N 197 
LEU CA   C N S 198 
LEU C    C N N 199 
LEU O    O N N 200 
LEU CB   C N N 201 
LEU CG   C N N 202 
LEU CD1  C N N 203 
LEU CD2  C N N 204 
LEU OXT  O N N 205 
LEU H    H N N 206 
LEU H2   H N N 207 
LEU HA   H N N 208 
LEU HB2  H N N 209 
LEU HB3  H N N 210 
LEU HG   H N N 211 
LEU HD11 H N N 212 
LEU HD12 H N N 213 
LEU HD13 H N N 214 
LEU HD21 H N N 215 
LEU HD22 H N N 216 
LEU HD23 H N N 217 
LEU HXT  H N N 218 
LYS N    N N N 219 
LYS CA   C N S 220 
LYS C    C N N 221 
LYS O    O N N 222 
LYS CB   C N N 223 
LYS CG   C N N 224 
LYS CD   C N N 225 
LYS CE   C N N 226 
LYS NZ   N N N 227 
LYS OXT  O N N 228 
LYS H    H N N 229 
LYS H2   H N N 230 
LYS HA   H N N 231 
LYS HB2  H N N 232 
LYS HB3  H N N 233 
LYS HG2  H N N 234 
LYS HG3  H N N 235 
LYS HD2  H N N 236 
LYS HD3  H N N 237 
LYS HE2  H N N 238 
LYS HE3  H N N 239 
LYS HZ1  H N N 240 
LYS HZ2  H N N 241 
LYS HZ3  H N N 242 
LYS HXT  H N N 243 
MET N    N N N 244 
MET CA   C N S 245 
MET C    C N N 246 
MET O    O N N 247 
MET CB   C N N 248 
MET CG   C N N 249 
MET SD   S N N 250 
MET CE   C N N 251 
MET OXT  O N N 252 
MET H    H N N 253 
MET H2   H N N 254 
MET HA   H N N 255 
MET HB2  H N N 256 
MET HB3  H N N 257 
MET HG2  H N N 258 
MET HG3  H N N 259 
MET HE1  H N N 260 
MET HE2  H N N 261 
MET HE3  H N N 262 
MET HXT  H N N 263 
PHE N    N N N 264 
PHE CA   C N S 265 
PHE C    C N N 266 
PHE O    O N N 267 
PHE CB   C N N 268 
PHE CG   C Y N 269 
PHE CD1  C Y N 270 
PHE CD2  C Y N 271 
PHE CE1  C Y N 272 
PHE CE2  C Y N 273 
PHE CZ   C Y N 274 
PHE OXT  O N N 275 
PHE H    H N N 276 
PHE H2   H N N 277 
PHE HA   H N N 278 
PHE HB2  H N N 279 
PHE HB3  H N N 280 
PHE HD1  H N N 281 
PHE HD2  H N N 282 
PHE HE1  H N N 283 
PHE HE2  H N N 284 
PHE HZ   H N N 285 
PHE HXT  H N N 286 
PRO N    N N N 287 
PRO CA   C N S 288 
PRO C    C N N 289 
PRO O    O N N 290 
PRO CB   C N N 291 
PRO CG   C N N 292 
PRO CD   C N N 293 
PRO OXT  O N N 294 
PRO H    H N N 295 
PRO HA   H N N 296 
PRO HB2  H N N 297 
PRO HB3  H N N 298 
PRO HG2  H N N 299 
PRO HG3  H N N 300 
PRO HD2  H N N 301 
PRO HD3  H N N 302 
PRO HXT  H N N 303 
SER N    N N N 304 
SER CA   C N S 305 
SER C    C N N 306 
SER O    O N N 307 
SER CB   C N N 308 
SER OG   O N N 309 
SER OXT  O N N 310 
SER H    H N N 311 
SER H2   H N N 312 
SER HA   H N N 313 
SER HB2  H N N 314 
SER HB3  H N N 315 
SER HG   H N N 316 
SER HXT  H N N 317 
SO4 S    S N N 318 
SO4 O1   O N N 319 
SO4 O2   O N N 320 
SO4 O3   O N N 321 
SO4 O4   O N N 322 
THR N    N N N 323 
THR CA   C N S 324 
THR C    C N N 325 
THR O    O N N 326 
THR CB   C N R 327 
THR OG1  O N N 328 
THR CG2  C N N 329 
THR OXT  O N N 330 
THR H    H N N 331 
THR H2   H N N 332 
THR HA   H N N 333 
THR HB   H N N 334 
THR HG1  H N N 335 
THR HG21 H N N 336 
THR HG22 H N N 337 
THR HG23 H N N 338 
THR HXT  H N N 339 
TRP N    N N N 340 
TRP CA   C N S 341 
TRP C    C N N 342 
TRP O    O N N 343 
TRP CB   C N N 344 
TRP CG   C Y N 345 
TRP CD1  C Y N 346 
TRP CD2  C Y N 347 
TRP NE1  N Y N 348 
TRP CE2  C Y N 349 
TRP CE3  C Y N 350 
TRP CZ2  C Y N 351 
TRP CZ3  C Y N 352 
TRP CH2  C Y N 353 
TRP OXT  O N N 354 
TRP H    H N N 355 
TRP H2   H N N 356 
TRP HA   H N N 357 
TRP HB2  H N N 358 
TRP HB3  H N N 359 
TRP HD1  H N N 360 
TRP HE1  H N N 361 
TRP HE3  H N N 362 
TRP HZ2  H N N 363 
TRP HZ3  H N N 364 
TRP HH2  H N N 365 
TRP HXT  H N N 366 
TYR N    N N N 367 
TYR CA   C N S 368 
TYR C    C N N 369 
TYR O    O N N 370 
TYR CB   C N N 371 
TYR CG   C Y N 372 
TYR CD1  C Y N 373 
TYR CD2  C Y N 374 
TYR CE1  C Y N 375 
TYR CE2  C Y N 376 
TYR CZ   C Y N 377 
TYR OH   O N N 378 
TYR OXT  O N N 379 
TYR H    H N N 380 
TYR H2   H N N 381 
TYR HA   H N N 382 
TYR HB2  H N N 383 
TYR HB3  H N N 384 
TYR HD1  H N N 385 
TYR HD2  H N N 386 
TYR HE1  H N N 387 
TYR HE2  H N N 388 
TYR HH   H N N 389 
TYR HXT  H N N 390 
VAL N    N N N 391 
VAL CA   C N S 392 
VAL C    C N N 393 
VAL O    O N N 394 
VAL CB   C N N 395 
VAL CG1  C N N 396 
VAL CG2  C N N 397 
VAL OXT  O N N 398 
VAL H    H N N 399 
VAL H2   H N N 400 
VAL HA   H N N 401 
VAL HB   H N N 402 
VAL HG11 H N N 403 
VAL HG12 H N N 404 
VAL HG13 H N N 405 
VAL HG21 H N N 406 
VAL HG22 H N N 407 
VAL HG23 H N N 408 
VAL HXT  H N N 409 
# 
loop_
_chem_comp_bond.comp_id 
_chem_comp_bond.atom_id_1 
_chem_comp_bond.atom_id_2 
_chem_comp_bond.value_order 
_chem_comp_bond.pdbx_aromatic_flag 
_chem_comp_bond.pdbx_stereo_config 
_chem_comp_bond.pdbx_ordinal 
ALA N   CA   sing N N 1   
ALA N   H    sing N N 2   
ALA N   H2   sing N N 3   
ALA CA  C    sing N N 4   
ALA CA  CB   sing N N 5   
ALA CA  HA   sing N N 6   
ALA C   O    doub N N 7   
ALA C   OXT  sing N N 8   
ALA CB  HB1  sing N N 9   
ALA CB  HB2  sing N N 10  
ALA CB  HB3  sing N N 11  
ALA OXT HXT  sing N N 12  
ARG N   CA   sing N N 13  
ARG N   H    sing N N 14  
ARG N   H2   sing N N 15  
ARG CA  C    sing N N 16  
ARG CA  CB   sing N N 17  
ARG CA  HA   sing N N 18  
ARG C   O    doub N N 19  
ARG C   OXT  sing N N 20  
ARG CB  CG   sing N N 21  
ARG CB  HB2  sing N N 22  
ARG CB  HB3  sing N N 23  
ARG CG  CD   sing N N 24  
ARG CG  HG2  sing N N 25  
ARG CG  HG3  sing N N 26  
ARG CD  NE   sing N N 27  
ARG CD  HD2  sing N N 28  
ARG CD  HD3  sing N N 29  
ARG NE  CZ   sing N N 30  
ARG NE  HE   sing N N 31  
ARG CZ  NH1  sing N N 32  
ARG CZ  NH2  doub N N 33  
ARG NH1 HH11 sing N N 34  
ARG NH1 HH12 sing N N 35  
ARG NH2 HH21 sing N N 36  
ARG NH2 HH22 sing N N 37  
ARG OXT HXT  sing N N 38  
ASN N   CA   sing N N 39  
ASN N   H    sing N N 40  
ASN N   H2   sing N N 41  
ASN CA  C    sing N N 42  
ASN CA  CB   sing N N 43  
ASN CA  HA   sing N N 44  
ASN C   O    doub N N 45  
ASN C   OXT  sing N N 46  
ASN CB  CG   sing N N 47  
ASN CB  HB2  sing N N 48  
ASN CB  HB3  sing N N 49  
ASN CG  OD1  doub N N 50  
ASN CG  ND2  sing N N 51  
ASN ND2 HD21 sing N N 52  
ASN ND2 HD22 sing N N 53  
ASN OXT HXT  sing N N 54  
ASP N   CA   sing N N 55  
ASP N   H    sing N N 56  
ASP N   H2   sing N N 57  
ASP CA  C    sing N N 58  
ASP CA  CB   sing N N 59  
ASP CA  HA   sing N N 60  
ASP C   O    doub N N 61  
ASP C   OXT  sing N N 62  
ASP CB  CG   sing N N 63  
ASP CB  HB2  sing N N 64  
ASP CB  HB3  sing N N 65  
ASP CG  OD1  doub N N 66  
ASP CG  OD2  sing N N 67  
ASP OD2 HD2  sing N N 68  
ASP OXT HXT  sing N N 69  
CYS N   CA   sing N N 70  
CYS N   H    sing N N 71  
CYS N   H2   sing N N 72  
CYS CA  C    sing N N 73  
CYS CA  CB   sing N N 74  
CYS CA  HA   sing N N 75  
CYS C   O    doub N N 76  
CYS C   OXT  sing N N 77  
CYS CB  SG   sing N N 78  
CYS CB  HB2  sing N N 79  
CYS CB  HB3  sing N N 80  
CYS SG  HG   sing N N 81  
CYS OXT HXT  sing N N 82  
GLN N   CA   sing N N 83  
GLN N   H    sing N N 84  
GLN N   H2   sing N N 85  
GLN CA  C    sing N N 86  
GLN CA  CB   sing N N 87  
GLN CA  HA   sing N N 88  
GLN C   O    doub N N 89  
GLN C   OXT  sing N N 90  
GLN CB  CG   sing N N 91  
GLN CB  HB2  sing N N 92  
GLN CB  HB3  sing N N 93  
GLN CG  CD   sing N N 94  
GLN CG  HG2  sing N N 95  
GLN CG  HG3  sing N N 96  
GLN CD  OE1  doub N N 97  
GLN CD  NE2  sing N N 98  
GLN NE2 HE21 sing N N 99  
GLN NE2 HE22 sing N N 100 
GLN OXT HXT  sing N N 101 
GLU N   CA   sing N N 102 
GLU N   H    sing N N 103 
GLU N   H2   sing N N 104 
GLU CA  C    sing N N 105 
GLU CA  CB   sing N N 106 
GLU CA  HA   sing N N 107 
GLU C   O    doub N N 108 
GLU C   OXT  sing N N 109 
GLU CB  CG   sing N N 110 
GLU CB  HB2  sing N N 111 
GLU CB  HB3  sing N N 112 
GLU CG  CD   sing N N 113 
GLU CG  HG2  sing N N 114 
GLU CG  HG3  sing N N 115 
GLU CD  OE1  doub N N 116 
GLU CD  OE2  sing N N 117 
GLU OE2 HE2  sing N N 118 
GLU OXT HXT  sing N N 119 
GLY N   CA   sing N N 120 
GLY N   H    sing N N 121 
GLY N   H2   sing N N 122 
GLY CA  C    sing N N 123 
GLY CA  HA2  sing N N 124 
GLY CA  HA3  sing N N 125 
GLY C   O    doub N N 126 
GLY C   OXT  sing N N 127 
GLY OXT HXT  sing N N 128 
GOL C1  O1   sing N N 129 
GOL C1  C2   sing N N 130 
GOL C1  H11  sing N N 131 
GOL C1  H12  sing N N 132 
GOL O1  HO1  sing N N 133 
GOL C2  O2   sing N N 134 
GOL C2  C3   sing N N 135 
GOL C2  H2   sing N N 136 
GOL O2  HO2  sing N N 137 
GOL C3  O3   sing N N 138 
GOL C3  H31  sing N N 139 
GOL C3  H32  sing N N 140 
GOL O3  HO3  sing N N 141 
HIS N   CA   sing N N 142 
HIS N   H    sing N N 143 
HIS N   H2   sing N N 144 
HIS CA  C    sing N N 145 
HIS CA  CB   sing N N 146 
HIS CA  HA   sing N N 147 
HIS C   O    doub N N 148 
HIS C   OXT  sing N N 149 
HIS CB  CG   sing N N 150 
HIS CB  HB2  sing N N 151 
HIS CB  HB3  sing N N 152 
HIS CG  ND1  sing Y N 153 
HIS CG  CD2  doub Y N 154 
HIS ND1 CE1  doub Y N 155 
HIS ND1 HD1  sing N N 156 
HIS CD2 NE2  sing Y N 157 
HIS CD2 HD2  sing N N 158 
HIS CE1 NE2  sing Y N 159 
HIS CE1 HE1  sing N N 160 
HIS NE2 HE2  sing N N 161 
HIS OXT HXT  sing N N 162 
HOH O   H1   sing N N 163 
HOH O   H2   sing N N 164 
ILE N   CA   sing N N 165 
ILE N   H    sing N N 166 
ILE N   H2   sing N N 167 
ILE CA  C    sing N N 168 
ILE CA  CB   sing N N 169 
ILE CA  HA   sing N N 170 
ILE C   O    doub N N 171 
ILE C   OXT  sing N N 172 
ILE CB  CG1  sing N N 173 
ILE CB  CG2  sing N N 174 
ILE CB  HB   sing N N 175 
ILE CG1 CD1  sing N N 176 
ILE CG1 HG12 sing N N 177 
ILE CG1 HG13 sing N N 178 
ILE CG2 HG21 sing N N 179 
ILE CG2 HG22 sing N N 180 
ILE CG2 HG23 sing N N 181 
ILE CD1 HD11 sing N N 182 
ILE CD1 HD12 sing N N 183 
ILE CD1 HD13 sing N N 184 
ILE OXT HXT  sing N N 185 
LEU N   CA   sing N N 186 
LEU N   H    sing N N 187 
LEU N   H2   sing N N 188 
LEU CA  C    sing N N 189 
LEU CA  CB   sing N N 190 
LEU CA  HA   sing N N 191 
LEU C   O    doub N N 192 
LEU C   OXT  sing N N 193 
LEU CB  CG   sing N N 194 
LEU CB  HB2  sing N N 195 
LEU CB  HB3  sing N N 196 
LEU CG  CD1  sing N N 197 
LEU CG  CD2  sing N N 198 
LEU CG  HG   sing N N 199 
LEU CD1 HD11 sing N N 200 
LEU CD1 HD12 sing N N 201 
LEU CD1 HD13 sing N N 202 
LEU CD2 HD21 sing N N 203 
LEU CD2 HD22 sing N N 204 
LEU CD2 HD23 sing N N 205 
LEU OXT HXT  sing N N 206 
LYS N   CA   sing N N 207 
LYS N   H    sing N N 208 
LYS N   H2   sing N N 209 
LYS CA  C    sing N N 210 
LYS CA  CB   sing N N 211 
LYS CA  HA   sing N N 212 
LYS C   O    doub N N 213 
LYS C   OXT  sing N N 214 
LYS CB  CG   sing N N 215 
LYS CB  HB2  sing N N 216 
LYS CB  HB3  sing N N 217 
LYS CG  CD   sing N N 218 
LYS CG  HG2  sing N N 219 
LYS CG  HG3  sing N N 220 
LYS CD  CE   sing N N 221 
LYS CD  HD2  sing N N 222 
LYS CD  HD3  sing N N 223 
LYS CE  NZ   sing N N 224 
LYS CE  HE2  sing N N 225 
LYS CE  HE3  sing N N 226 
LYS NZ  HZ1  sing N N 227 
LYS NZ  HZ2  sing N N 228 
LYS NZ  HZ3  sing N N 229 
LYS OXT HXT  sing N N 230 
MET N   CA   sing N N 231 
MET N   H    sing N N 232 
MET N   H2   sing N N 233 
MET CA  C    sing N N 234 
MET CA  CB   sing N N 235 
MET CA  HA   sing N N 236 
MET C   O    doub N N 237 
MET C   OXT  sing N N 238 
MET CB  CG   sing N N 239 
MET CB  HB2  sing N N 240 
MET CB  HB3  sing N N 241 
MET CG  SD   sing N N 242 
MET CG  HG2  sing N N 243 
MET CG  HG3  sing N N 244 
MET SD  CE   sing N N 245 
MET CE  HE1  sing N N 246 
MET CE  HE2  sing N N 247 
MET CE  HE3  sing N N 248 
MET OXT HXT  sing N N 249 
PHE N   CA   sing N N 250 
PHE N   H    sing N N 251 
PHE N   H2   sing N N 252 
PHE CA  C    sing N N 253 
PHE CA  CB   sing N N 254 
PHE CA  HA   sing N N 255 
PHE C   O    doub N N 256 
PHE C   OXT  sing N N 257 
PHE CB  CG   sing N N 258 
PHE CB  HB2  sing N N 259 
PHE CB  HB3  sing N N 260 
PHE CG  CD1  doub Y N 261 
PHE CG  CD2  sing Y N 262 
PHE CD1 CE1  sing Y N 263 
PHE CD1 HD1  sing N N 264 
PHE CD2 CE2  doub Y N 265 
PHE CD2 HD2  sing N N 266 
PHE CE1 CZ   doub Y N 267 
PHE CE1 HE1  sing N N 268 
PHE CE2 CZ   sing Y N 269 
PHE CE2 HE2  sing N N 270 
PHE CZ  HZ   sing N N 271 
PHE OXT HXT  sing N N 272 
PRO N   CA   sing N N 273 
PRO N   CD   sing N N 274 
PRO N   H    sing N N 275 
PRO CA  C    sing N N 276 
PRO CA  CB   sing N N 277 
PRO CA  HA   sing N N 278 
PRO C   O    doub N N 279 
PRO C   OXT  sing N N 280 
PRO CB  CG   sing N N 281 
PRO CB  HB2  sing N N 282 
PRO CB  HB3  sing N N 283 
PRO CG  CD   sing N N 284 
PRO CG  HG2  sing N N 285 
PRO CG  HG3  sing N N 286 
PRO CD  HD2  sing N N 287 
PRO CD  HD3  sing N N 288 
PRO OXT HXT  sing N N 289 
SER N   CA   sing N N 290 
SER N   H    sing N N 291 
SER N   H2   sing N N 292 
SER CA  C    sing N N 293 
SER CA  CB   sing N N 294 
SER CA  HA   sing N N 295 
SER C   O    doub N N 296 
SER C   OXT  sing N N 297 
SER CB  OG   sing N N 298 
SER CB  HB2  sing N N 299 
SER CB  HB3  sing N N 300 
SER OG  HG   sing N N 301 
SER OXT HXT  sing N N 302 
SO4 S   O1   doub N N 303 
SO4 S   O2   doub N N 304 
SO4 S   O3   sing N N 305 
SO4 S   O4   sing N N 306 
THR N   CA   sing N N 307 
THR N   H    sing N N 308 
THR N   H2   sing N N 309 
THR CA  C    sing N N 310 
THR CA  CB   sing N N 311 
THR CA  HA   sing N N 312 
THR C   O    doub N N 313 
THR C   OXT  sing N N 314 
THR CB  OG1  sing N N 315 
THR CB  CG2  sing N N 316 
THR CB  HB   sing N N 317 
THR OG1 HG1  sing N N 318 
THR CG2 HG21 sing N N 319 
THR CG2 HG22 sing N N 320 
THR CG2 HG23 sing N N 321 
THR OXT HXT  sing N N 322 
TRP N   CA   sing N N 323 
TRP N   H    sing N N 324 
TRP N   H2   sing N N 325 
TRP CA  C    sing N N 326 
TRP CA  CB   sing N N 327 
TRP CA  HA   sing N N 328 
TRP C   O    doub N N 329 
TRP C   OXT  sing N N 330 
TRP CB  CG   sing N N 331 
TRP CB  HB2  sing N N 332 
TRP CB  HB3  sing N N 333 
TRP CG  CD1  doub Y N 334 
TRP CG  CD2  sing Y N 335 
TRP CD1 NE1  sing Y N 336 
TRP CD1 HD1  sing N N 337 
TRP CD2 CE2  doub Y N 338 
TRP CD2 CE3  sing Y N 339 
TRP NE1 CE2  sing Y N 340 
TRP NE1 HE1  sing N N 341 
TRP CE2 CZ2  sing Y N 342 
TRP CE3 CZ3  doub Y N 343 
TRP CE3 HE3  sing N N 344 
TRP CZ2 CH2  doub Y N 345 
TRP CZ2 HZ2  sing N N 346 
TRP CZ3 CH2  sing Y N 347 
TRP CZ3 HZ3  sing N N 348 
TRP CH2 HH2  sing N N 349 
TRP OXT HXT  sing N N 350 
TYR N   CA   sing N N 351 
TYR N   H    sing N N 352 
TYR N   H2   sing N N 353 
TYR CA  C    sing N N 354 
TYR CA  CB   sing N N 355 
TYR CA  HA   sing N N 356 
TYR C   O    doub N N 357 
TYR C   OXT  sing N N 358 
TYR CB  CG   sing N N 359 
TYR CB  HB2  sing N N 360 
TYR CB  HB3  sing N N 361 
TYR CG  CD1  doub Y N 362 
TYR CG  CD2  sing Y N 363 
TYR CD1 CE1  sing Y N 364 
TYR CD1 HD1  sing N N 365 
TYR CD2 CE2  doub Y N 366 
TYR CD2 HD2  sing N N 367 
TYR CE1 CZ   doub Y N 368 
TYR CE1 HE1  sing N N 369 
TYR CE2 CZ   sing Y N 370 
TYR CE2 HE2  sing N N 371 
TYR CZ  OH   sing N N 372 
TYR OH  HH   sing N N 373 
TYR OXT HXT  sing N N 374 
VAL N   CA   sing N N 375 
VAL N   H    sing N N 376 
VAL N   H2   sing N N 377 
VAL CA  C    sing N N 378 
VAL CA  CB   sing N N 379 
VAL CA  HA   sing N N 380 
VAL C   O    doub N N 381 
VAL C   OXT  sing N N 382 
VAL CB  CG1  sing N N 383 
VAL CB  CG2  sing N N 384 
VAL CB  HB   sing N N 385 
VAL CG1 HG11 sing N N 386 
VAL CG1 HG12 sing N N 387 
VAL CG1 HG13 sing N N 388 
VAL CG2 HG21 sing N N 389 
VAL CG2 HG22 sing N N 390 
VAL CG2 HG23 sing N N 391 
VAL OXT HXT  sing N N 392 
# 
loop_
_pdbx_audit_support.funding_organization 
_pdbx_audit_support.country 
_pdbx_audit_support.grant_number 
_pdbx_audit_support.ordinal 
DGAPA-UNAM                                           Mexico IN207613 1 
'Consejo Nacional de Ciencia y Tecnologia (CONACYT)' Mexico 166472   2 
# 
_atom_sites.entry_id                    5FDS 
_atom_sites.fract_transf_matrix[1][1]   0.00758321 
_atom_sites.fract_transf_matrix[1][2]   -0.01503740 
_atom_sites.fract_transf_matrix[1][3]   0.00181696 
_atom_sites.fract_transf_matrix[2][1]   0.01511928 
_atom_sites.fract_transf_matrix[2][2]   0.00739242 
_atom_sites.fract_transf_matrix[2][3]   -0.00192074 
_atom_sites.fract_transf_matrix[3][1]   0.00040522 
_atom_sites.fract_transf_matrix[3][2]   0.00110244 
_atom_sites.fract_transf_matrix[3][3]   0.00743277 
_atom_sites.fract_transf_vector[1]      -0.273224 
_atom_sites.fract_transf_vector[2]      -0.199092 
_atom_sites.fract_transf_vector[3]      -0.118414 
# 
loop_
_atom_type.symbol 
C 
N 
O 
S 
# 
loop_
_atom_site.group_PDB 
_atom_site.id 
_atom_site.type_symbol 
_atom_site.label_atom_id 
_atom_site.label_alt_id 
_atom_site.label_comp_id 
_atom_site.label_asym_id 
_atom_site.label_entity_id 
_atom_site.label_seq_id 
_atom_site.pdbx_PDB_ins_code 
_atom_site.Cartn_x 
_atom_site.Cartn_y 
_atom_site.Cartn_z 
_atom_site.occupancy 
_atom_site.B_iso_or_equiv 
_atom_site.pdbx_formal_charge 
_atom_site.auth_seq_id 
_atom_site.auth_comp_id 
_atom_site.auth_asym_id 
_atom_site.auth_atom_id 
_atom_site.pdbx_PDB_model_num 
ATOM   1    N N   . MET A 1 1   ? -14.476 -2.258  15.611  1.00 57.36  ? 1   MET A N   1 
ATOM   2    C CA  . MET A 1 1   ? -13.844 -1.662  14.438  1.00 36.56  ? 1   MET A CA  1 
ATOM   3    C C   . MET A 1 1   ? -14.351 -2.272  13.127  1.00 36.11  ? 1   MET A C   1 
ATOM   4    O O   . MET A 1 1   ? -14.367 -3.488  12.952  1.00 33.67  ? 1   MET A O   1 
ATOM   5    C CB  . MET A 1 1   ? -12.323 -1.826  14.503  1.00 37.77  ? 1   MET A CB  1 
ATOM   6    C CG  . MET A 1 1   ? -11.628 -1.011  15.581  1.00 41.91  ? 1   MET A CG  1 
ATOM   7    S SD  . MET A 1 1   ? -11.832 0.761   15.342  1.00 42.72  ? 1   MET A SD  1 
ATOM   8    C CE  . MET A 1 1   ? -11.043 1.031   13.753  1.00 33.51  ? 1   MET A CE  1 
ATOM   9    N N   . SER A 1 2   ? -14.765 -1.409  12.210  1.00 38.11  ? 2   SER A N   1 
ATOM   10   C CA  . SER A 1 2   ? -14.983 -1.822  10.841  1.00 29.51  ? 2   SER A CA  1 
ATOM   11   C C   . SER A 1 2   ? -13.700 -1.595  10.061  1.00 27.90  ? 2   SER A C   1 
ATOM   12   O O   . SER A 1 2   ? -12.851 -0.799  10.475  1.00 20.87  ? 2   SER A O   1 
ATOM   13   C CB  . SER A 1 2   ? -16.111 -1.028  10.212  1.00 26.36  ? 2   SER A CB  1 
ATOM   14   O OG  . SER A 1 2   ? -15.724 0.318   10.040  1.00 29.51  ? 2   SER A OG  1 
ATOM   15   N N   . TRP A 1 3   ? -13.563 -2.259  8.921   1.00 23.40  ? 3   TRP A N   1 
ATOM   16   C CA  . TRP A 1 3   ? -12.435 -1.958  8.060   1.00 21.46  ? 3   TRP A CA  1 
ATOM   17   C C   . TRP A 1 3   ? -12.575 -0.546  7.496   1.00 25.08  ? 3   TRP A C   1 
ATOM   18   O O   . TRP A 1 3   ? -11.583 0.141   7.297   1.00 20.06  ? 3   TRP A O   1 
ATOM   19   C CB  . TRP A 1 3   ? -12.305 -2.995  6.935   1.00 19.79  ? 3   TRP A CB  1 
ATOM   20   C CG  . TRP A 1 3   ? -11.898 -4.339  7.454   1.00 18.11  ? 3   TRP A CG  1 
ATOM   21   C CD1 . TRP A 1 3   ? -12.581 -5.524  7.308   1.00 25.55  ? 3   TRP A CD1 1 
ATOM   22   C CD2 . TRP A 1 3   ? -10.733 -4.642  8.230   1.00 20.76  ? 3   TRP A CD2 1 
ATOM   23   N NE1 . TRP A 1 3   ? -11.896 -6.543  7.931   1.00 23.85  ? 3   TRP A NE1 1 
ATOM   24   C CE2 . TRP A 1 3   ? -10.758 -6.028  8.505   1.00 18.97  ? 3   TRP A CE2 1 
ATOM   25   C CE3 . TRP A 1 3   ? -9.650  -3.879  8.702   1.00 24.55  ? 3   TRP A CE3 1 
ATOM   26   C CZ2 . TRP A 1 3   ? -9.762  -6.667  9.244   1.00 21.76  ? 3   TRP A CZ2 1 
ATOM   27   C CZ3 . TRP A 1 3   ? -8.654  -4.521  9.441   1.00 16.53  ? 3   TRP A CZ3 1 
ATOM   28   C CH2 . TRP A 1 3   ? -8.723  -5.903  9.700   1.00 17.90  ? 3   TRP A CH2 1 
ATOM   29   N N   . GLN A 1 4   ? -13.801 -0.093  7.248   1.00 20.09  ? 4   GLN A N   1 
ATOM   30   C CA  . GLN A 1 4   ? -13.971 1.254   6.709   1.00 18.78  ? 4   GLN A CA  1 
ATOM   31   C C   . GLN A 1 4   ? -13.450 2.287   7.711   1.00 21.79  ? 4   GLN A C   1 
ATOM   32   O O   . GLN A 1 4   ? -12.847 3.287   7.326   1.00 24.37  ? 4   GLN A O   1 
ATOM   33   C CB  . GLN A 1 4   ? -15.433 1.543   6.366   1.00 24.51  ? 4   GLN A CB  1 
ATOM   34   C CG  . GLN A 1 4   ? -15.607 2.783   5.524   1.00 24.31  ? 4   GLN A CG  1 
ATOM   35   C CD  . GLN A 1 4   ? -14.974 2.637   4.145   1.00 28.85  ? 4   GLN A CD  1 
ATOM   36   O OE1 . GLN A 1 4   ? -15.366 1.774   3.355   1.00 27.45  ? 4   GLN A OE1 1 
ATOM   37   N NE2 . GLN A 1 4   ? -13.989 3.475   3.855   1.00 24.17  ? 4   GLN A NE2 1 
ATOM   38   N N   . ALA A 1 5   ? -13.681 2.028   8.994   1.00 22.26  ? 5   ALA A N   1 
ATOM   39   C CA  . ALA A 1 5   ? -13.187 2.906   10.054  1.00 26.72  ? 5   ALA A CA  1 
ATOM   40   C C   . ALA A 1 5   ? -11.651 2.930   10.088  1.00 23.27  ? 5   ALA A C   1 
ATOM   41   O O   . ALA A 1 5   ? -11.043 3.999   10.252  1.00 22.23  ? 5   ALA A O   1 
ATOM   42   C CB  . ALA A 1 5   ? -13.754 2.471   11.414  1.00 24.83  ? 5   ALA A CB  1 
ATOM   43   N N   . TYR A 1 6   ? -11.029 1.763   9.930   1.00 20.45  ? 6   TYR A N   1 
ATOM   44   C CA  . TYR A 1 6   ? -9.564  1.701   9.851   1.00 18.10  ? 6   TYR A CA  1 
ATOM   45   C C   . TYR A 1 6   ? -9.063  2.538   8.677   1.00 18.36  ? 6   TYR A C   1 
ATOM   46   O O   . TYR A 1 6   ? -8.104  3.299   8.813   1.00 22.75  ? 6   TYR A O   1 
ATOM   47   C CB  . TYR A 1 6   ? -9.073  0.252   9.726   1.00 16.72  ? 6   TYR A CB  1 
ATOM   48   C CG  . TYR A 1 6   ? -8.779  -0.365  11.076  1.00 20.33  ? 6   TYR A CG  1 
ATOM   49   C CD1 . TYR A 1 6   ? -7.777  0.160   11.893  1.00 19.26  ? 6   TYR A CD1 1 
ATOM   50   C CD2 . TYR A 1 6   ? -9.518  -1.443  11.551  1.00 16.64  ? 6   TYR A CD2 1 
ATOM   51   C CE1 . TYR A 1 6   ? -7.505  -0.373  13.138  1.00 17.73  ? 6   TYR A CE1 1 
ATOM   52   C CE2 . TYR A 1 6   ? -9.243  -2.004  12.806  1.00 19.21  ? 6   TYR A CE2 1 
ATOM   53   C CZ  . TYR A 1 6   ? -8.236  -1.456  13.591  1.00 22.93  ? 6   TYR A CZ  1 
ATOM   54   O OH  . TYR A 1 6   ? -7.954  -1.991  14.828  1.00 23.02  ? 6   TYR A OH  1 
ATOM   55   N N   . VAL A 1 7   ? -9.722  2.433   7.522   1.00 19.68  ? 7   VAL A N   1 
ATOM   56   C CA  . VAL A 1 7   ? -9.316  3.257   6.387   1.00 17.33  ? 7   VAL A CA  1 
ATOM   57   C C   . VAL A 1 7   ? -9.562  4.757   6.631   1.00 25.15  ? 7   VAL A C   1 
ATOM   58   O O   . VAL A 1 7   ? -8.660  5.577   6.438   1.00 21.22  ? 7   VAL A O   1 
ATOM   59   C CB  . VAL A 1 7   ? -10.043 2.828   5.077   1.00 22.17  ? 7   VAL A CB  1 
ATOM   60   C CG1 . VAL A 1 7   ? -9.842  3.864   3.985   1.00 23.27  ? 7   VAL A CG1 1 
ATOM   61   C CG2 . VAL A 1 7   ? -9.537  1.460   4.603   1.00 16.99  ? 7   VAL A CG2 1 
ATOM   62   N N   . ASP A 1 8   ? -10.779 5.116   7.045   1.00 22.71  ? 8   ASP A N   1 
ATOM   63   C CA  . ASP A 1 8   ? -11.153 6.532   7.143   1.00 29.21  ? 8   ASP A CA  1 
ATOM   64   C C   . ASP A 1 8   ? -10.422 7.254   8.270   1.00 28.72  ? 8   ASP A C   1 
ATOM   65   O O   . ASP A 1 8   ? -9.988  8.400   8.095   1.00 24.81  ? 8   ASP A O   1 
ATOM   66   C CB  . ASP A 1 8   ? -12.665 6.695   7.358   1.00 22.89  ? 8   ASP A CB  1 
ATOM   67   C CG  . ASP A 1 8   ? -13.494 6.171   6.195   1.00 31.32  ? 8   ASP A CG  1 
ATOM   68   O OD1 . ASP A 1 8   ? -12.918 5.841   5.135   1.00 26.23  ? 8   ASP A OD1 1 
ATOM   69   O OD2 . ASP A 1 8   ? -14.737 6.099   6.344   1.00 32.36  ? 8   ASP A OD2 1 
ATOM   70   N N   . ASP A 1 9   ? -10.303 6.585   9.419   1.00 21.32  ? 9   ASP A N   1 
ATOM   71   C CA  . ASP A 1 9   ? -9.807  7.204   10.654  1.00 23.51  ? 9   ASP A CA  1 
ATOM   72   C C   . ASP A 1 9   ? -8.354  6.879   10.987  1.00 25.54  ? 9   ASP A C   1 
ATOM   73   O O   . ASP A 1 9   ? -7.738  7.586   11.781  1.00 26.20  ? 9   ASP A O   1 
ATOM   74   C CB  . ASP A 1 9   ? -10.658 6.783   11.858  1.00 24.74  ? 9   ASP A CB  1 
ATOM   75   C CG  . ASP A 1 9   ? -12.109 7.201   11.738  1.00 28.54  ? 9   ASP A CG  1 
ATOM   76   O OD1 . ASP A 1 9   ? -12.399 8.176   11.012  1.00 33.91  ? 9   ASP A OD1 1 
ATOM   77   O OD2 . ASP A 1 9   ? -12.959 6.539   12.380  1.00 39.95  ? 9   ASP A OD2 1 
ATOM   78   N N   . HIS A 1 10  ? -7.810  5.798   10.426  1.00 21.24  ? 10  HIS A N   1 
ATOM   79   C CA  . HIS A 1 10  ? -6.434  5.419   10.758  1.00 18.23  ? 10  HIS A CA  1 
ATOM   80   C C   . HIS A 1 10  ? -5.467  5.491   9.578   1.00 26.21  ? 10  HIS A C   1 
ATOM   81   O O   . HIS A 1 10  ? -4.259  5.519   9.789   1.00 23.11  ? 10  HIS A O   1 
ATOM   82   C CB  . HIS A 1 10  ? -6.393  4.007   11.357  1.00 18.29  ? 10  HIS A CB  1 
ATOM   83   C CG  . HIS A 1 10  ? -7.167  3.875   12.635  1.00 24.03  ? 10  HIS A CG  1 
ATOM   84   N ND1 . HIS A 1 10  ? -6.557  3.805   13.869  1.00 22.46  ? 10  HIS A ND1 1 
ATOM   85   C CD2 . HIS A 1 10  ? -8.501  3.815   12.868  1.00 24.13  ? 10  HIS A CD2 1 
ATOM   86   C CE1 . HIS A 1 10  ? -7.484  3.700   14.810  1.00 27.97  ? 10  HIS A CE1 1 
ATOM   87   N NE2 . HIS A 1 10  ? -8.672  3.705   14.229  1.00 25.23  ? 10  HIS A NE2 1 
ATOM   88   N N   . LEU A 1 11  ? -5.979  5.483   8.348   1.00 17.17  ? 11  LEU A N   1 
ATOM   89   C CA  . LEU A 1 11  ? -5.102  5.674   7.184   1.00 14.10  ? 11  LEU A CA  1 
ATOM   90   C C   . LEU A 1 11  ? -5.312  7.029   6.506   1.00 19.92  ? 11  LEU A C   1 
ATOM   91   O O   . LEU A 1 11  ? -4.367  7.619   5.993   1.00 19.60  ? 11  LEU A O   1 
ATOM   92   C CB  . LEU A 1 11  ? -5.304  4.564   6.158   1.00 21.20  ? 11  LEU A CB  1 
ATOM   93   C CG  . LEU A 1 11  ? -4.820  3.159   6.545   1.00 20.61  ? 11  LEU A CG  1 
ATOM   94   C CD1 . LEU A 1 11  ? -5.230  2.146   5.476   1.00 19.87  ? 11  LEU A CD1 1 
ATOM   95   C CD2 . LEU A 1 11  ? -3.291  3.146   6.740   1.00 18.30  ? 11  LEU A CD2 1 
ATOM   96   N N   . MET A 1 12  ? -6.544  7.524   6.506   1.00 22.27  ? 12  MET A N   1 
ATOM   97   C CA  . MET A 1 12  ? -6.849  8.739   5.744   1.00 24.02  ? 12  MET A CA  1 
ATOM   98   C C   . MET A 1 12  ? -6.805  9.977   6.627   1.00 25.08  ? 12  MET A C   1 
ATOM   99   O O   . MET A 1 12  ? -7.115  11.084  6.179   1.00 26.61  ? 12  MET A O   1 
ATOM   100  C CB  . MET A 1 12  ? -8.210  8.613   5.054   1.00 23.08  ? 12  MET A CB  1 
ATOM   101  C CG  . MET A 1 12  ? -8.197  7.636   3.859   1.00 19.92  ? 12  MET A CG  1 
ATOM   102  S SD  . MET A 1 12  ? -7.043  8.083   2.542   1.00 25.12  ? 12  MET A SD  1 
ATOM   103  C CE  . MET A 1 12  ? -7.895  9.479   1.792   1.00 28.31  ? 12  MET A CE  1 
ATOM   104  N N   . CYS A 1 13  ? -6.411  9.777   7.880   1.00 19.94  ? 13  CYS A N   1 
ATOM   105  C CA  . CYS A 1 13  ? -6.244  10.878  8.824   1.00 25.01  ? 13  CYS A CA  1 
ATOM   106  C C   . CYS A 1 13  ? -4.968  11.667  8.560   1.00 24.92  ? 13  CYS A C   1 
ATOM   107  O O   . CYS A 1 13  ? -4.098  11.238  7.811   1.00 22.45  ? 13  CYS A O   1 
ATOM   108  C CB  . CYS A 1 13  ? -6.239  10.347  10.258  1.00 24.47  ? 13  CYS A CB  1 
ATOM   109  S SG  . CYS A 1 13  ? -4.971  9.065   10.573  1.00 24.63  ? 13  CYS A SG  1 
ATOM   110  N N   . GLU A 1 14  ? -4.863  12.823  9.199   1.00 28.55  ? 14  GLU A N   1 
ATOM   111  C CA  . GLU A 1 14  ? -3.693  13.689  9.074   1.00 28.55  ? 14  GLU A CA  1 
ATOM   112  C C   . GLU A 1 14  ? -2.426  13.067  9.676   1.00 26.68  ? 14  GLU A C   1 
ATOM   113  O O   . GLU A 1 14  ? -2.464  12.453  10.746  1.00 22.59  ? 14  GLU A O   1 
ATOM   114  C CB  . GLU A 1 14  ? -3.984  15.039  9.752   1.00 36.14  ? 14  GLU A CB  1 
ATOM   115  C CG  . GLU A 1 14  ? -3.081  16.175  9.314   1.00 43.49  ? 14  GLU A CG  1 
ATOM   116  C CD  . GLU A 1 14  ? -3.582  17.538  9.782   1.00 64.90  ? 14  GLU A CD  1 
ATOM   117  O OE1 . GLU A 1 14  ? -3.275  17.925  10.931  1.00 58.31  ? 14  GLU A OE1 1 
ATOM   118  O OE2 . GLU A 1 14  ? -4.287  18.219  8.999   1.00 61.93  ? 14  GLU A OE2 1 
ATOM   119  N N   . ILE A 1 15  ? -1.306  13.205  8.979   1.00 22.08  ? 15  ILE A N   1 
ATOM   120  C CA  . ILE A 1 15  ? -0.008  12.921  9.597   1.00 23.17  ? 15  ILE A CA  1 
ATOM   121  C C   . ILE A 1 15  ? 0.926   14.064  9.241   1.00 22.74  ? 15  ILE A C   1 
ATOM   122  O O   . ILE A 1 15  ? 1.123   14.376  8.065   1.00 26.08  ? 15  ILE A O   1 
ATOM   123  C CB  . ILE A 1 15  ? 0.602   11.550  9.161   1.00 24.47  ? 15  ILE A CB  1 
ATOM   124  C CG1 . ILE A 1 15  ? 2.049   11.433  9.661   1.00 24.39  ? 15  ILE A CG1 1 
ATOM   125  C CG2 . ILE A 1 15  ? 0.535   11.380  7.645   1.00 24.44  ? 15  ILE A CG2 1 
ATOM   126  C CD1 . ILE A 1 15  ? 2.616   10.006  9.648   1.00 22.44  ? 15  ILE A CD1 1 
ATOM   127  N N   . GLU A 1 16  ? 1.462   14.719  10.268  1.00 25.87  ? 16  GLU A N   1 
ATOM   128  C CA  . GLU A 1 16  ? 2.305   15.904  10.077  1.00 27.94  ? 16  GLU A CA  1 
ATOM   129  C C   . GLU A 1 16  ? 1.679   16.918  9.105   1.00 29.59  ? 16  GLU A C   1 
ATOM   130  O O   . GLU A 1 16  ? 2.363   17.487  8.258   1.00 30.65  ? 16  GLU A O   1 
ATOM   131  C CB  . GLU A 1 16  ? 3.704   15.479  9.605   1.00 24.39  ? 16  GLU A CB  1 
ATOM   132  C CG  . GLU A 1 16  ? 4.479   14.718  10.679  1.00 31.69  ? 16  GLU A CG  1 
ATOM   133  C CD  . GLU A 1 16  ? 5.716   14.003  10.147  1.00 46.98  ? 16  GLU A CD  1 
ATOM   134  O OE1 . GLU A 1 16  ? 6.167   14.327  9.031   1.00 47.53  ? 16  GLU A OE1 1 
ATOM   135  O OE2 . GLU A 1 16  ? 6.230   13.104  10.850  1.00 56.26  ? 16  GLU A OE2 1 
ATOM   136  N N   . GLY A 1 17  ? 0.367   17.120  9.216   1.00 37.72  ? 17  GLY A N   1 
ATOM   137  C CA  . GLY A 1 17  ? -0.328  18.103  8.399   1.00 36.88  ? 17  GLY A CA  1 
ATOM   138  C C   . GLY A 1 17  ? -0.728  17.633  7.010   1.00 40.49  ? 17  GLY A C   1 
ATOM   139  O O   . GLY A 1 17  ? -1.435  18.336  6.285   1.00 30.60  ? 17  GLY A O   1 
ATOM   140  N N   . ASN A 1 18  ? -0.280  16.444  6.620   1.00 28.12  ? 18  ASN A N   1 
ATOM   141  C CA  . ASN A 1 18  ? -0.570  15.941  5.277   1.00 22.55  ? 18  ASN A CA  1 
ATOM   142  C C   . ASN A 1 18  ? -1.547  14.760  5.300   1.00 27.61  ? 18  ASN A C   1 
ATOM   143  O O   . ASN A 1 18  ? -1.769  14.159  6.351   1.00 26.80  ? 18  ASN A O   1 
ATOM   144  C CB  . ASN A 1 18  ? 0.742   15.560  4.585   1.00 28.94  ? 18  ASN A CB  1 
ATOM   145  C CG  . ASN A 1 18  ? 1.605   16.780  4.285   1.00 36.98  ? 18  ASN A CG  1 
ATOM   146  O OD1 . ASN A 1 18  ? 1.080   17.853  3.995   1.00 36.29  ? 18  ASN A OD1 1 
ATOM   147  N ND2 . ASN A 1 18  ? 2.922   16.624  4.366   1.00 24.58  ? 18  ASN A ND2 1 
ATOM   148  N N   A HIS A 1 19  ? -2.119  14.437  4.142   0.97 22.35  ? 19  HIS A N   1 
ATOM   149  N N   B HIS A 1 19  ? -2.174  14.474  4.161   0.03 22.90  ? 19  HIS A N   1 
ATOM   150  C CA  A HIS A 1 19  ? -3.068  13.331  4.022   0.97 25.00  ? 19  HIS A CA  1 
ATOM   151  C CA  B HIS A 1 19  ? -3.085  13.333  4.039   0.03 25.08  ? 19  HIS A CA  1 
ATOM   152  C C   A HIS A 1 19  ? -2.718  12.473  2.818   0.97 24.94  ? 19  HIS A C   1 
ATOM   153  C C   B HIS A 1 19  ? -2.672  12.465  2.851   0.03 24.90  ? 19  HIS A C   1 
ATOM   154  O O   A HIS A 1 19  ? -2.283  12.996  1.788   0.97 26.79  ? 19  HIS A O   1 
ATOM   155  O O   B HIS A 1 19  ? -2.132  12.973  1.869   0.03 26.21  ? 19  HIS A O   1 
ATOM   156  C CB  A HIS A 1 19  ? -4.513  13.828  3.869   0.97 25.63  ? 19  HIS A CB  1 
ATOM   157  C CB  B HIS A 1 19  ? -4.546  13.773  3.834   0.03 25.88  ? 19  HIS A CB  1 
ATOM   158  C CG  A HIS A 1 19  ? -5.021  14.605  5.041   0.97 30.32  ? 19  HIS A CG  1 
ATOM   159  C CG  B HIS A 1 19  ? -5.085  14.703  4.881   0.03 30.19  ? 19  HIS A CG  1 
ATOM   160  N ND1 A HIS A 1 19  ? -4.693  15.927  5.256   0.97 34.58  ? 19  HIS A ND1 1 
ATOM   161  N ND1 B HIS A 1 19  ? -4.321  15.226  5.900   0.03 32.40  ? 19  HIS A ND1 1 
ATOM   162  C CD2 A HIS A 1 19  ? -5.828  14.245  6.068   0.97 32.08  ? 19  HIS A CD2 1 
ATOM   163  C CD2 B HIS A 1 19  ? -6.330  15.210  5.051   0.03 32.70  ? 19  HIS A CD2 1 
ATOM   164  C CE1 A HIS A 1 19  ? -5.276  16.348  6.365   0.97 38.06  ? 19  HIS A CE1 1 
ATOM   165  C CE1 B HIS A 1 19  ? -5.067  16.016  6.651   0.03 35.67  ? 19  HIS A CE1 1 
ATOM   166  N NE2 A HIS A 1 19  ? -5.971  15.347  6.879   0.97 34.82  ? 19  HIS A NE2 1 
ATOM   167  N NE2 B HIS A 1 19  ? -6.293  16.020  6.159   0.03 35.20  ? 19  HIS A NE2 1 
ATOM   168  N N   . LEU A 1 20  ? -2.931  11.163  2.935   1.00 19.59  ? 20  LEU A N   1 
ATOM   169  C CA  . LEU A 1 20  ? -2.824  10.286  1.768   1.00 17.82  ? 20  LEU A CA  1 
ATOM   170  C C   . LEU A 1 20  ? -3.847  10.714  0.727   1.00 23.13  ? 20  LEU A C   1 
ATOM   171  O O   . LEU A 1 20  ? -4.922  11.196  1.078   1.00 24.39  ? 20  LEU A O   1 
ATOM   172  C CB  . LEU A 1 20  ? -3.078  8.827   2.138   1.00 17.55  ? 20  LEU A CB  1 
ATOM   173  C CG  . LEU A 1 20  ? -2.042  8.117   2.999   1.00 23.17  ? 20  LEU A CG  1 
ATOM   174  C CD1 . LEU A 1 20  ? -2.602  6.767   3.411   1.00 15.89  ? 20  LEU A CD1 1 
ATOM   175  C CD2 . LEU A 1 20  ? -0.755  7.944   2.202   1.00 18.33  ? 20  LEU A CD2 1 
ATOM   176  N N   . SER A 1 21  ? -3.533  10.519  -0.550  1.00 22.36  ? 21  SER A N   1 
ATOM   177  C CA  . SER A 1 21  ? -4.528  10.752  -1.603  1.00 23.65  ? 21  SER A CA  1 
ATOM   178  C C   . SER A 1 21  ? -5.592  9.642   -1.614  1.00 26.84  ? 21  SER A C   1 
ATOM   179  O O   . SER A 1 21  ? -6.774  9.891   -1.885  1.00 23.17  ? 21  SER A O   1 
ATOM   180  C CB  . SER A 1 21  ? -3.833  10.851  -2.966  1.00 23.38  ? 21  SER A CB  1 
ATOM   181  O OG  . SER A 1 21  ? -2.890  11.910  -2.952  1.00 26.63  ? 21  SER A OG  1 
ATOM   182  N N   . ALA A 1 22  ? -5.172  8.414   -1.310  1.00 20.21  ? 22  ALA A N   1 
ATOM   183  C CA  . ALA A 1 22  ? -6.101  7.287   -1.231  1.00 20.74  ? 22  ALA A CA  1 
ATOM   184  C C   . ALA A 1 22  ? -5.503  6.149   -0.408  1.00 22.56  ? 22  ALA A C   1 
ATOM   185  O O   . ALA A 1 22  ? -4.288  6.082   -0.218  1.00 17.98  ? 22  ALA A O   1 
ATOM   186  C CB  . ALA A 1 22  ? -6.460  6.791   -2.615  1.00 22.11  ? 22  ALA A CB  1 
ATOM   187  N N   . ALA A 1 23  ? -6.352  5.243   0.060   1.00 18.70  ? 23  ALA A N   1 
ATOM   188  C CA  . ALA A 1 23  ? -5.882  4.144   0.896   1.00 21.72  ? 23  ALA A CA  1 
ATOM   189  C C   . ALA A 1 23  ? -6.832  2.980   0.816   1.00 22.63  ? 23  ALA A C   1 
ATOM   190  O O   . ALA A 1 23  ? -8.003  3.157   0.502   1.00 20.57  ? 23  ALA A O   1 
ATOM   191  C CB  . ALA A 1 23  ? -5.723  4.598   2.356   1.00 22.08  ? 23  ALA A CB  1 
ATOM   192  N N   . ALA A 1 24  ? -6.330  1.791   1.128   1.00 17.59  ? 24  ALA A N   1 
ATOM   193  C CA  . ALA A 1 24  ? -7.141  0.598   1.078   1.00 18.82  ? 24  ALA A CA  1 
ATOM   194  C C   . ALA A 1 24  ? -6.541  -0.506  1.939   1.00 19.95  ? 24  ALA A C   1 
ATOM   195  O O   . ALA A 1 24  ? -5.336  -0.542  2.175   1.00 18.58  ? 24  ALA A O   1 
ATOM   196  C CB  . ALA A 1 24  ? -7.280  0.115   -0.363  1.00 19.51  ? 24  ALA A CB  1 
ATOM   197  N N   . ILE A 1 25  ? -7.408  -1.394  2.403   1.00 16.47  ? 25  ILE A N   1 
ATOM   198  C CA  . ILE A 1 25  ? -7.014  -2.646  3.013   1.00 15.69  ? 25  ILE A CA  1 
ATOM   199  C C   . ILE A 1 25  ? -7.622  -3.692  2.113   1.00 24.98  ? 25  ILE A C   1 
ATOM   200  O O   . ILE A 1 25  ? -8.834  -3.700  1.899   1.00 21.25  ? 25  ILE A O   1 
ATOM   201  C CB  . ILE A 1 25  ? -7.512  -2.775  4.456   1.00 16.69  ? 25  ILE A CB  1 
ATOM   202  C CG1 . ILE A 1 25  ? -6.931  -1.630  5.307   1.00 18.97  ? 25  ILE A CG1 1 
ATOM   203  C CG2 . ILE A 1 25  ? -7.157  -4.159  5.029   1.00 16.41  ? 25  ILE A CG2 1 
ATOM   204  C CD1 . ILE A 1 25  ? -7.608  -1.428  6.683   1.00 17.74  ? 25  ILE A CD1 1 
ATOM   205  N N   A ILE A 1 26  ? -6.771  -4.571  1.590   0.82 20.57  ? 26  ILE A N   1 
ATOM   206  N N   B ILE A 1 26  ? -6.785  -4.560  1.562   0.18 20.49  ? 26  ILE A N   1 
ATOM   207  C CA  A ILE A 1 26  ? -7.136  -5.516  0.537   0.82 19.16  ? 26  ILE A CA  1 
ATOM   208  C CA  B ILE A 1 26  ? -7.253  -5.530  0.586   0.18 19.31  ? 26  ILE A CA  1 
ATOM   209  C C   A ILE A 1 26  ? -6.675  -6.925  0.917   0.82 19.97  ? 26  ILE A C   1 
ATOM   210  C C   B ILE A 1 26  ? -6.692  -6.914  0.888   0.18 19.99  ? 26  ILE A C   1 
ATOM   211  O O   A ILE A 1 26  ? -5.521  -7.111  1.294   0.82 20.33  ? 26  ILE A O   1 
ATOM   212  O O   B ILE A 1 26  ? -5.510  -7.068  1.198   0.18 20.20  ? 26  ILE A O   1 
ATOM   213  C CB  A ILE A 1 26  ? -6.487  -5.136  -0.826  0.82 22.12  ? 26  ILE A CB  1 
ATOM   214  C CB  B ILE A 1 26  ? -6.874  -5.100  -0.851  0.18 21.23  ? 26  ILE A CB  1 
ATOM   215  C CG1 A ILE A 1 26  ? -6.711  -3.658  -1.173  0.82 22.97  ? 26  ILE A CG1 1 
ATOM   216  C CG1 B ILE A 1 26  ? -7.331  -6.146  -1.870  0.18 22.27  ? 26  ILE A CG1 1 
ATOM   217  C CG2 A ILE A 1 26  ? -6.977  -6.051  -1.950  0.82 21.79  ? 26  ILE A CG2 1 
ATOM   218  C CG2 B ILE A 1 26  ? -5.377  -4.847  -0.966  0.18 20.52  ? 26  ILE A CG2 1 
ATOM   219  C CD1 A ILE A 1 26  ? -8.115  -3.310  -1.521  0.82 27.94  ? 26  ILE A CD1 1 
ATOM   220  C CD1 B ILE A 1 26  ? -7.108  -5.733  -3.299  0.18 24.18  ? 26  ILE A CD1 1 
ATOM   221  N N   . GLY A 1 27  ? -7.564  -7.913  0.820   1.00 20.25  ? 27  GLY A N   1 
ATOM   222  C CA  . GLY A 1 27  ? -7.167  -9.294  1.051   1.00 18.98  ? 27  GLY A CA  1 
ATOM   223  C C   . GLY A 1 27  ? -6.155  -9.720  -0.008  1.00 16.53  ? 27  GLY A C   1 
ATOM   224  O O   . GLY A 1 27  ? -6.162  -9.205  -1.129  1.00 19.59  ? 27  GLY A O   1 
ATOM   225  N N   . GLN A 1 28  ? -5.275  -10.650 0.345   1.00 17.08  ? 28  GLN A N   1 
ATOM   226  C CA  . GLN A 1 28  ? -4.227  -11.063 -0.574  1.00 16.53  ? 28  GLN A CA  1 
ATOM   227  C C   . GLN A 1 28  ? -4.777  -11.801 -1.794  1.00 27.65  ? 28  GLN A C   1 
ATOM   228  O O   . GLN A 1 28  ? -4.063  -11.987 -2.775  1.00 21.95  ? 28  GLN A O   1 
ATOM   229  C CB  . GLN A 1 28  ? -3.195  -11.921 0.163   1.00 20.35  ? 28  GLN A CB  1 
ATOM   230  C CG  . GLN A 1 28  ? -2.298  -11.058 1.056   1.00 19.71  ? 28  GLN A CG  1 
ATOM   231  C CD  . GLN A 1 28  ? -1.452  -11.871 2.020   1.00 24.20  ? 28  GLN A CD  1 
ATOM   232  O OE1 . GLN A 1 28  ? -1.293  -13.080 1.857   1.00 22.36  ? 28  GLN A OE1 1 
ATOM   233  N NE2 . GLN A 1 28  ? -0.909  -11.206 3.035   1.00 21.34  ? 28  GLN A NE2 1 
ATOM   234  N N   . ASP A 1 29  ? -6.048  -12.197 -1.735  1.00 21.56  ? 29  ASP A N   1 
ATOM   235  C CA  . ASP A 1 29  ? -6.735  -12.757 -2.898  1.00 24.98  ? 29  ASP A CA  1 
ATOM   236  C C   . ASP A 1 29  ? -7.203  -11.660 -3.858  1.00 27.00  ? 29  ASP A C   1 
ATOM   237  O O   . ASP A 1 29  ? -7.580  -11.939 -5.007  1.00 25.71  ? 29  ASP A O   1 
ATOM   238  C CB  . ASP A 1 29  ? -7.947  -13.579 -2.458  1.00 24.39  ? 29  ASP A CB  1 
ATOM   239  C CG  . ASP A 1 29  ? -9.092  -12.697 -1.966  1.00 36.03  ? 29  ASP A CG  1 
ATOM   240  O OD1 . ASP A 1 29  ? -8.817  -11.795 -1.139  1.00 26.85  ? 29  ASP A OD1 1 
ATOM   241  O OD2 . ASP A 1 29  ? -10.249 -12.878 -2.427  1.00 22.43  ? 29  ASP A OD2 1 
ATOM   242  N N   . GLY A 1 30  ? -7.215  -10.420 -3.373  1.00 21.01  ? 30  GLY A N   1 
ATOM   243  C CA  . GLY A 1 30  ? -7.650  -9.286  -4.171  1.00 23.28  ? 30  GLY A CA  1 
ATOM   244  C C   . GLY A 1 30  ? -9.006  -8.734  -3.742  1.00 20.27  ? 30  GLY A C   1 
ATOM   245  O O   . GLY A 1 30  ? -9.479  -7.726  -4.288  1.00 22.39  ? 30  GLY A O   1 
ATOM   246  N N   . SER A 1 31  ? -9.640  -9.395  -2.778  1.00 20.87  ? 31  SER A N   1 
ATOM   247  C CA  . SER A 1 31  ? -10.906 -8.895  -2.218  1.00 24.54  ? 31  SER A CA  1 
ATOM   248  C C   . SER A 1 31  ? -10.732 -7.598  -1.412  1.00 23.10  ? 31  SER A C   1 
ATOM   249  O O   . SER A 1 31  ? -10.038 -7.591  -0.391  1.00 24.30  ? 31  SER A O   1 
ATOM   250  C CB  . SER A 1 31  ? -11.548 -9.951  -1.310  1.00 26.61  ? 31  SER A CB  1 
ATOM   251  O OG  . SER A 1 31  ? -12.052 -11.043 -2.060  1.00 23.10  ? 31  SER A OG  1 
ATOM   252  N N   . VAL A 1 32  ? -11.375 -6.513  -1.840  1.00 21.94  ? 32  VAL A N   1 
ATOM   253  C CA  . VAL A 1 32  ? -11.337 -5.274  -1.049  1.00 18.80  ? 32  VAL A CA  1 
ATOM   254  C C   . VAL A 1 32  ? -11.963 -5.467  0.335   1.00 25.59  ? 32  VAL A C   1 
ATOM   255  O O   . VAL A 1 32  ? -13.098 -5.933  0.454   1.00 20.66  ? 32  VAL A O   1 
ATOM   256  C CB  . VAL A 1 32  ? -12.059 -4.106  -1.768  1.00 24.90  ? 32  VAL A CB  1 
ATOM   257  C CG1 . VAL A 1 32  ? -12.059 -2.848  -0.895  1.00 20.36  ? 32  VAL A CG1 1 
ATOM   258  C CG2 . VAL A 1 32  ? -11.413 -3.807  -3.111  1.00 29.41  ? 32  VAL A CG2 1 
ATOM   259  N N   . TRP A 1 33  ? -11.222 -5.132  1.390   1.00 21.19  ? 33  TRP A N   1 
ATOM   260  C CA  . TRP A 1 33  ? -11.799 -5.137  2.735   1.00 21.12  ? 33  TRP A CA  1 
ATOM   261  C C   . TRP A 1 33  ? -12.446 -3.782  2.986   1.00 29.47  ? 33  TRP A C   1 
ATOM   262  O O   . TRP A 1 33  ? -13.619 -3.724  3.344   1.00 23.77  ? 33  TRP A O   1 
ATOM   263  C CB  . TRP A 1 33  ? -10.763 -5.487  3.805   1.00 16.76  ? 33  TRP A CB  1 
ATOM   264  C CG  . TRP A 1 33  ? -10.373 -6.946  3.729   1.00 16.88  ? 33  TRP A CG  1 
ATOM   265  C CD1 . TRP A 1 33  ? -10.698 -7.827  2.730   1.00 18.59  ? 33  TRP A CD1 1 
ATOM   266  C CD2 . TRP A 1 33  ? -9.597  -7.692  4.681   1.00 17.63  ? 33  TRP A CD2 1 
ATOM   267  N NE1 . TRP A 1 33  ? -10.178 -9.072  3.009   1.00 19.67  ? 33  TRP A NE1 1 
ATOM   268  C CE2 . TRP A 1 33  ? -9.505  -9.018  4.201   1.00 18.37  ? 33  TRP A CE2 1 
ATOM   269  C CE3 . TRP A 1 33  ? -8.981  -7.370  5.897   1.00 20.38  ? 33  TRP A CE3 1 
ATOM   270  C CZ2 . TRP A 1 33  ? -8.804  -10.017 4.884   1.00 16.45  ? 33  TRP A CZ2 1 
ATOM   271  C CZ3 . TRP A 1 33  ? -8.289  -8.368  6.579   1.00 20.85  ? 33  TRP A CZ3 1 
ATOM   272  C CH2 . TRP A 1 33  ? -8.216  -9.673  6.072   1.00 23.08  ? 33  TRP A CH2 1 
ATOM   273  N N   . ALA A 1 34  ? -11.698 -2.702  2.769   1.00 18.89  ? 34  ALA A N   1 
ATOM   274  C CA  . ALA A 1 34  ? -12.276 -1.375  2.653   1.00 19.24  ? 34  ALA A CA  1 
ATOM   275  C C   . ALA A 1 34  ? -11.306 -0.485  1.893   1.00 21.08  ? 34  ALA A C   1 
ATOM   276  O O   . ALA A 1 34  ? -10.112 -0.783  1.831   1.00 22.12  ? 34  ALA A O   1 
ATOM   277  C CB  . ALA A 1 34  ? -12.597 -0.785  4.032   1.00 20.81  ? 34  ALA A CB  1 
ATOM   278  N N   . GLN A 1 35  ? -11.810 0.596   1.305   1.00 17.13  ? 35  GLN A N   1 
ATOM   279  C CA  . GLN A 1 35  ? -10.946 1.552   0.609   1.00 19.61  ? 35  GLN A CA  1 
ATOM   280  C C   . GLN A 1 35  ? -11.529 2.950   0.673   1.00 23.56  ? 35  GLN A C   1 
ATOM   281  O O   . GLN A 1 35  ? -12.699 3.125   1.010   1.00 25.52  ? 35  GLN A O   1 
ATOM   282  C CB  . GLN A 1 35  ? -10.743 1.141   -0.849  1.00 21.26  ? 35  GLN A CB  1 
ATOM   283  C CG  . GLN A 1 35  ? -12.023 1.127   -1.664  1.00 25.49  ? 35  GLN A CG  1 
ATOM   284  C CD  . GLN A 1 35  ? -11.780 0.693   -3.094  1.00 36.58  ? 35  GLN A CD  1 
ATOM   285  O OE1 . GLN A 1 35  ? -11.075 -0.281  -3.345  1.00 33.65  ? 35  GLN A OE1 1 
ATOM   286  N NE2 . GLN A 1 35  ? -12.338 1.433   -4.040  1.00 35.04  ? 35  GLN A NE2 1 
ATOM   287  N N   . SER A 1 36  ? -10.712 3.948   0.353   1.00 20.90  ? 36  SER A N   1 
ATOM   288  C CA  . SER A 1 36  ? -11.183 5.329   0.300   1.00 26.35  ? 36  SER A CA  1 
ATOM   289  C C   . SER A 1 36  ? -11.861 5.634   -1.038  1.00 24.35  ? 36  SER A C   1 
ATOM   290  O O   . SER A 1 36  ? -11.801 4.832   -1.971  1.00 21.35  ? 36  SER A O   1 
ATOM   291  C CB  . SER A 1 36  ? -10.025 6.301   0.528   1.00 21.36  ? 36  SER A CB  1 
ATOM   292  O OG  . SER A 1 36  ? -9.050  6.162   -0.493  1.00 20.99  ? 36  SER A OG  1 
ATOM   293  N N   . ALA A 1 37  ? -12.481 6.814   -1.122  1.00 26.77  ? 37  ALA A N   1 
ATOM   294  C CA  . ALA A 1 37  ? -13.273 7.227   -2.283  1.00 25.71  ? 37  ALA A CA  1 
ATOM   295  C C   . ALA A 1 37  ? -12.510 7.138   -3.603  1.00 33.00  ? 37  ALA A C   1 
ATOM   296  O O   . ALA A 1 37  ? -13.038 6.634   -4.592  1.00 31.08  ? 37  ALA A O   1 
ATOM   297  C CB  . ALA A 1 37  ? -13.793 8.659   -2.078  1.00 30.73  ? 37  ALA A CB  1 
ATOM   298  N N   . ASN A 1 38  ? -11.270 7.623   -3.616  1.00 23.62  ? 38  ASN A N   1 
ATOM   299  C CA  . ASN A 1 38  ? -10.495 7.696   -4.855  1.00 26.38  ? 38  ASN A CA  1 
ATOM   300  C C   . ASN A 1 38  ? -9.457  6.599   -5.036  1.00 27.33  ? 38  ASN A C   1 
ATOM   301  O O   . ASN A 1 38  ? -8.588  6.699   -5.901  1.00 27.12  ? 38  ASN A O   1 
ATOM   302  C CB  . ASN A 1 38  ? -9.808  9.061   -4.944  1.00 32.97  ? 38  ASN A CB  1 
ATOM   303  C CG  . ASN A 1 38  ? -10.806 10.196  -4.982  1.00 40.47  ? 38  ASN A CG  1 
ATOM   304  O OD1 . ASN A 1 38  ? -11.893 10.047  -5.543  1.00 39.78  ? 38  ASN A OD1 1 
ATOM   305  N ND2 . ASN A 1 38  ? -10.457 11.331  -4.372  1.00 38.80  ? 38  ASN A ND2 1 
ATOM   306  N N   . PHE A 1 39  ? -9.540  5.546   -4.236  1.00 26.60  ? 39  PHE A N   1 
ATOM   307  C CA  . PHE A 1 39  ? -8.622  4.431   -4.434  1.00 26.32  ? 39  PHE A CA  1 
ATOM   308  C C   . PHE A 1 39  ? -9.027  3.678   -5.710  1.00 31.32  ? 39  PHE A C   1 
ATOM   309  O O   . PHE A 1 39  ? -10.209 3.394   -5.905  1.00 30.97  ? 39  PHE A O   1 
ATOM   310  C CB  . PHE A 1 39  ? -8.623  3.492   -3.231  1.00 26.64  ? 39  PHE A CB  1 
ATOM   311  C CG  . PHE A 1 39  ? -7.510  2.496   -3.266  1.00 24.36  ? 39  PHE A CG  1 
ATOM   312  C CD1 . PHE A 1 39  ? -6.282  2.797   -2.700  1.00 23.46  ? 39  PHE A CD1 1 
ATOM   313  C CD2 . PHE A 1 39  ? -7.670  1.277   -3.914  1.00 27.95  ? 39  PHE A CD2 1 
ATOM   314  C CE1 . PHE A 1 39  ? -5.228  1.875   -2.760  1.00 21.15  ? 39  PHE A CE1 1 
ATOM   315  C CE2 . PHE A 1 39  ? -6.626  0.357   -3.981  1.00 25.97  ? 39  PHE A CE2 1 
ATOM   316  C CZ  . PHE A 1 39  ? -5.408  0.653   -3.401  1.00 25.91  ? 39  PHE A CZ  1 
ATOM   317  N N   . PRO A 1 40  ? -8.051  3.355   -6.580  1.00 28.33  ? 40  PRO A N   1 
ATOM   318  C CA  . PRO A 1 40  ? -8.391  2.744   -7.873  1.00 30.07  ? 40  PRO A CA  1 
ATOM   319  C C   . PRO A 1 40  ? -8.794  1.271   -7.781  1.00 25.85  ? 40  PRO A C   1 
ATOM   320  O O   . PRO A 1 40  ? -8.495  0.578   -6.807  1.00 27.58  ? 40  PRO A O   1 
ATOM   321  C CB  . PRO A 1 40  ? -7.097  2.895   -8.678  1.00 31.50  ? 40  PRO A CB  1 
ATOM   322  C CG  . PRO A 1 40  ? -6.025  2.852   -7.656  1.00 31.55  ? 40  PRO A CG  1 
ATOM   323  C CD  . PRO A 1 40  ? -6.596  3.559   -6.436  1.00 27.15  ? 40  PRO A CD  1 
ATOM   324  N N   . GLN A 1 41  ? -9.492  0.797   -8.806  1.00 31.77  ? 41  GLN A N   1 
ATOM   325  C CA  . GLN A 1 41  ? -9.755  -0.627  -8.924  1.00 33.13  ? 41  GLN A CA  1 
ATOM   326  C C   . GLN A 1 41  ? -8.507  -1.311  -9.479  1.00 32.04  ? 41  GLN A C   1 
ATOM   327  O O   . GLN A 1 41  ? -7.871  -0.797  -10.401 1.00 33.75  ? 41  GLN A O   1 
ATOM   328  C CB  . GLN A 1 41  ? -10.971 -0.877  -9.820  1.00 38.05  ? 41  GLN A CB  1 
ATOM   329  C CG  . GLN A 1 41  ? -11.413 -2.331  -9.876  1.00 56.75  ? 41  GLN A CG  1 
ATOM   330  C CD  . GLN A 1 41  ? -12.757 -2.510  -10.561 1.00 67.84  ? 41  GLN A CD  1 
ATOM   331  O OE1 . GLN A 1 41  ? -13.554 -1.574  -10.646 1.00 68.46  ? 41  GLN A OE1 1 
ATOM   332  N NE2 . GLN A 1 41  ? -13.015 -3.717  -11.054 1.00 62.20  ? 41  GLN A NE2 1 
ATOM   333  N N   . PHE A 1 42  ? -8.133  -2.448  -8.896  1.00 26.08  ? 42  PHE A N   1 
ATOM   334  C CA  . PHE A 1 42  ? -6.984  -3.207  -9.391  1.00 32.51  ? 42  PHE A CA  1 
ATOM   335  C C   . PHE A 1 42  ? -7.295  -3.857  -10.717 1.00 39.74  ? 42  PHE A C   1 
ATOM   336  O O   . PHE A 1 42  ? -8.423  -4.278  -10.950 1.00 35.19  ? 42  PHE A O   1 
ATOM   337  C CB  . PHE A 1 42  ? -6.563  -4.291  -8.401  1.00 29.43  ? 42  PHE A CB  1 
ATOM   338  C CG  . PHE A 1 42  ? -5.743  -3.777  -7.271  1.00 36.70  ? 42  PHE A CG  1 
ATOM   339  C CD1 . PHE A 1 42  ? -4.372  -3.605  -7.421  1.00 32.94  ? 42  PHE A CD1 1 
ATOM   340  C CD2 . PHE A 1 42  ? -6.336  -3.452  -6.062  1.00 37.08  ? 42  PHE A CD2 1 
ATOM   341  C CE1 . PHE A 1 42  ? -3.600  -3.121  -6.377  1.00 36.77  ? 42  PHE A CE1 1 
ATOM   342  C CE2 . PHE A 1 42  ? -5.574  -2.966  -5.009  1.00 37.91  ? 42  PHE A CE2 1 
ATOM   343  C CZ  . PHE A 1 42  ? -4.202  -2.800  -5.167  1.00 33.33  ? 42  PHE A CZ  1 
ATOM   344  N N   . LYS A 1 43  ? -6.284  -3.951  -11.574 1.00 37.26  ? 43  LYS A N   1 
ATOM   345  C CA  . LYS A 1 43  ? -6.416  -4.638  -12.854 1.00 38.29  ? 43  LYS A CA  1 
ATOM   346  C C   . LYS A 1 43  ? -5.911  -6.071  -12.700 1.00 40.69  ? 43  LYS A C   1 
ATOM   347  O O   . LYS A 1 43  ? -5.380  -6.435  -11.647 1.00 35.50  ? 43  LYS A O   1 
ATOM   348  C CB  . LYS A 1 43  ? -5.653  -3.892  -13.949 1.00 40.10  ? 43  LYS A CB  1 
ATOM   349  C CG  . LYS A 1 43  ? -6.170  -2.475  -14.195 1.00 48.55  ? 43  LYS A CG  1 
ATOM   350  C CD  . LYS A 1 43  ? -5.704  -1.928  -15.543 1.00 56.48  ? 43  LYS A CD  1 
ATOM   351  C CE  . LYS A 1 43  ? -6.295  -0.550  -15.823 1.00 57.05  ? 43  LYS A CE  1 
ATOM   352  N NZ  . LYS A 1 43  ? -7.786  -0.554  -15.831 1.00 69.93  ? 43  LYS A NZ  1 
ATOM   353  N N   . SER A 1 44  ? -6.089  -6.894  -13.729 1.00 48.20  ? 44  SER A N   1 
ATOM   354  C CA  . SER A 1 44  ? -5.687  -8.297  -13.631 1.00 44.94  ? 44  SER A CA  1 
ATOM   355  C C   . SER A 1 44  ? -4.172  -8.404  -13.494 1.00 43.21  ? 44  SER A C   1 
ATOM   356  O O   . SER A 1 44  ? -3.430  -7.564  -14.017 1.00 39.69  ? 44  SER A O   1 
ATOM   357  C CB  . SER A 1 44  ? -6.182  -9.101  -14.841 1.00 51.06  ? 44  SER A CB  1 
ATOM   358  O OG  . SER A 1 44  ? -5.668  -8.586  -16.054 1.00 54.46  ? 44  SER A OG  1 
ATOM   359  N N   . GLU A 1 45  ? -3.738  -9.418  -12.752 1.00 36.89  ? 45  GLU A N   1 
ATOM   360  C CA  . GLU A 1 45  ? -2.324  -9.703  -12.511 1.00 40.27  ? 45  GLU A CA  1 
ATOM   361  C C   . GLU A 1 45  ? -1.673  -8.722  -11.534 1.00 29.75  ? 45  GLU A C   1 
ATOM   362  O O   . GLU A 1 45  ? -0.546  -8.946  -11.116 1.00 31.69  ? 45  GLU A O   1 
ATOM   363  C CB  . GLU A 1 45  ? -1.521  -9.703  -13.824 1.00 46.20  ? 45  GLU A CB  1 
ATOM   364  C CG  . GLU A 1 45  ? -2.060  -10.608 -14.920 1.00 59.90  ? 45  GLU A CG  1 
ATOM   365  C CD  . GLU A 1 45  ? -1.486  -12.012 -14.854 1.00 79.83  ? 45  GLU A CD  1 
ATOM   366  O OE1 . GLU A 1 45  ? -1.403  -12.580 -13.740 1.00 68.79  ? 45  GLU A OE1 1 
ATOM   367  O OE2 . GLU A 1 45  ? -1.114  -12.544 -15.924 1.00 87.46  ? 45  GLU A OE2 1 
ATOM   368  N N   . GLU A 1 46  ? -2.355  -7.635  -11.183 1.00 27.20  ? 46  GLU A N   1 
ATOM   369  C CA  . GLU A 1 46  ? -1.710  -6.619  -10.351 1.00 31.03  ? 46  GLU A CA  1 
ATOM   370  C C   . GLU A 1 46  ? -1.485  -7.130  -8.929  1.00 29.03  ? 46  GLU A C   1 
ATOM   371  O O   . GLU A 1 46  ? -0.385  -7.000  -8.393  1.00 27.26  ? 46  GLU A O   1 
ATOM   372  C CB  . GLU A 1 46  ? -2.521  -5.322  -10.359 1.00 26.43  ? 46  GLU A CB  1 
ATOM   373  C CG  . GLU A 1 46  ? -2.292  -4.528  -11.635 1.00 24.55  ? 46  GLU A CG  1 
ATOM   374  C CD  . GLU A 1 46  ? -2.927  -3.162  -11.617 1.00 28.23  ? 46  GLU A CD  1 
ATOM   375  O OE1 . GLU A 1 46  ? -3.791  -2.898  -10.747 1.00 29.78  ? 46  GLU A OE1 1 
ATOM   376  O OE2 . GLU A 1 46  ? -2.562  -2.347  -12.491 1.00 31.83  ? 46  GLU A OE2 1 
ATOM   377  N N   . ILE A 1 47  ? -2.508  -7.737  -8.329  1.00 26.70  ? 47  ILE A N   1 
ATOM   378  C CA  . ILE A 1 47  ? -2.363  -8.322  -6.996  1.00 22.30  ? 47  ILE A CA  1 
ATOM   379  C C   . ILE A 1 47  ? -1.407  -9.516  -7.031  1.00 22.98  ? 47  ILE A C   1 
ATOM   380  O O   . ILE A 1 47  ? -0.557  -9.684  -6.161  1.00 27.11  ? 47  ILE A O   1 
ATOM   381  C CB  . ILE A 1 47  ? -3.741  -8.762  -6.417  1.00 28.64  ? 47  ILE A CB  1 
ATOM   382  C CG1 . ILE A 1 47  ? -4.630  -7.541  -6.151  1.00 29.67  ? 47  ILE A CG1 1 
ATOM   383  C CG2 . ILE A 1 47  ? -3.566  -9.560  -5.136  1.00 21.70  ? 47  ILE A CG2 1 
ATOM   384  C CD1 . ILE A 1 47  ? -4.056  -6.570  -5.124  1.00 31.73  ? 47  ILE A CD1 1 
ATOM   385  N N   . THR A 1 48  ? -1.540  -10.342 -8.063  1.00 24.55  ? 48  THR A N   1 
ATOM   386  C CA  . THR A 1 48  ? -0.638  -11.467 -8.253  1.00 26.25  ? 48  THR A CA  1 
ATOM   387  C C   . THR A 1 48  ? 0.831   -11.020 -8.344  1.00 24.11  ? 48  THR A C   1 
ATOM   388  O O   . THR A 1 48  ? 1.719   -11.640 -7.739  1.00 26.87  ? 48  THR A O   1 
ATOM   389  C CB  . THR A 1 48  ? -1.030  -12.261 -9.523  1.00 35.24  ? 48  THR A CB  1 
ATOM   390  O OG1 . THR A 1 48  ? -2.279  -12.927 -9.288  1.00 37.35  ? 48  THR A OG1 1 
ATOM   391  C CG2 . THR A 1 48  ? 0.028   -13.297 -9.863  1.00 39.61  ? 48  THR A CG2 1 
ATOM   392  N N   . GLY A 1 49  ? 1.075   -9.945  -9.088  1.00 27.18  ? 49  GLY A N   1 
ATOM   393  C CA  . GLY A 1 49  ? 2.417   -9.393  -9.213  1.00 28.88  ? 49  GLY A CA  1 
ATOM   394  C C   . GLY A 1 49  ? 2.950   -8.951  -7.862  1.00 29.75  ? 49  GLY A C   1 
ATOM   395  O O   . GLY A 1 49  ? 4.108   -9.213  -7.514  1.00 25.22  ? 49  GLY A O   1 
ATOM   396  N N   . ILE A 1 50  ? 2.096   -8.291  -7.085  1.00 26.27  ? 50  ILE A N   1 
ATOM   397  C CA  . ILE A 1 50  ? 2.480   -7.846  -5.746  1.00 20.13  ? 50  ILE A CA  1 
ATOM   398  C C   . ILE A 1 50  ? 2.853   -9.029  -4.839  1.00 25.62  ? 50  ILE A C   1 
ATOM   399  O O   . ILE A 1 50  ? 3.901   -9.024  -4.191  1.00 22.40  ? 50  ILE A O   1 
ATOM   400  C CB  . ILE A 1 50  ? 1.342   -7.016  -5.110  1.00 24.48  ? 50  ILE A CB  1 
ATOM   401  C CG1 . ILE A 1 50  ? 1.240   -5.652  -5.805  1.00 25.06  ? 50  ILE A CG1 1 
ATOM   402  C CG2 . ILE A 1 50  ? 1.557   -6.859  -3.601  1.00 23.25  ? 50  ILE A CG2 1 
ATOM   403  C CD1 . ILE A 1 50  ? -0.013  -4.862  -5.488  1.00 26.65  ? 50  ILE A CD1 1 
ATOM   404  N N   . MET A 1 51  ? 1.999   -10.049 -4.785  1.00 22.96  ? 51  MET A N   1 
ATOM   405  C CA  . MET A 1 51  ? 2.282   -11.200 -3.927  1.00 21.08  ? 51  MET A CA  1 
ATOM   406  C C   . MET A 1 51  ? 3.536   -11.960 -4.353  1.00 20.70  ? 51  MET A C   1 
ATOM   407  O O   . MET A 1 51  ? 4.252   -12.486 -3.498  1.00 24.74  ? 51  MET A O   1 
ATOM   408  C CB  . MET A 1 51  ? 1.089   -12.163 -3.886  1.00 24.65  ? 51  MET A CB  1 
ATOM   409  C CG  . MET A 1 51  ? -0.170  -11.546 -3.288  1.00 22.62  ? 51  MET A CG  1 
ATOM   410  S SD  . MET A 1 51  ? 0.088   -10.621 -1.740  1.00 23.51  ? 51  MET A SD  1 
ATOM   411  C CE  . MET A 1 51  ? 0.787   -11.897 -0.701  1.00 22.83  ? 51  MET A CE  1 
ATOM   412  N N   . SER A 1 52  ? 3.806   -12.037 -5.655  1.00 28.60  ? 52  SER A N   1 
ATOM   413  C CA  . SER A 1 52  ? 4.996   -12.764 -6.115  1.00 26.67  ? 52  SER A CA  1 
ATOM   414  C C   . SER A 1 52  ? 6.261   -12.029 -5.677  1.00 29.36  ? 52  SER A C   1 
ATOM   415  O O   . SER A 1 52  ? 7.281   -12.653 -5.359  1.00 26.79  ? 52  SER A O   1 
ATOM   416  C CB  . SER A 1 52  ? 4.975   -12.958 -7.636  1.00 26.79  ? 52  SER A CB  1 
ATOM   417  O OG  . SER A 1 52  ? 4.755   -11.737 -8.312  1.00 48.52  ? 52  SER A OG  1 
ATOM   418  N N   . ASP A 1 53  ? 6.180   -10.702 -5.618  1.00 27.39  ? 53  ASP A N   1 
ATOM   419  C CA  . ASP A 1 53  ? 7.318   -9.915  -5.139  1.00 28.03  ? 53  ASP A CA  1 
ATOM   420  C C   . ASP A 1 53  ? 7.550   -10.079 -3.632  1.00 26.14  ? 53  ASP A C   1 
ATOM   421  O O   . ASP A 1 53  ? 8.686   -10.063 -3.175  1.00 28.55  ? 53  ASP A O   1 
ATOM   422  C CB  . ASP A 1 53  ? 7.137   -8.438  -5.480  1.00 24.05  ? 53  ASP A CB  1 
ATOM   423  C CG  . ASP A 1 53  ? 8.431   -7.645  -5.309  1.00 34.56  ? 53  ASP A CG  1 
ATOM   424  O OD1 . ASP A 1 53  ? 9.412   -7.960  -6.019  1.00 27.47  ? 53  ASP A OD1 1 
ATOM   425  O OD2 . ASP A 1 53  ? 8.470   -6.726  -4.461  1.00 30.47  ? 53  ASP A OD2 1 
ATOM   426  N N   . PHE A 1 54  ? 6.485   -10.227 -2.852  1.00 22.89  ? 54  PHE A N   1 
ATOM   427  C CA  . PHE A 1 54  ? 6.657   -10.516 -1.430  1.00 23.97  ? 54  PHE A CA  1 
ATOM   428  C C   . PHE A 1 54  ? 7.298   -11.898 -1.258  1.00 29.48  ? 54  PHE A C   1 
ATOM   429  O O   . PHE A 1 54  ? 8.136   -12.116 -0.376  1.00 28.44  ? 54  PHE A O   1 
ATOM   430  C CB  . PHE A 1 54  ? 5.310   -10.441 -0.680  1.00 25.92  ? 54  PHE A CB  1 
ATOM   431  C CG  . PHE A 1 54  ? 4.856   -9.026  -0.374  1.00 24.47  ? 54  PHE A CG  1 
ATOM   432  C CD1 . PHE A 1 54  ? 5.714   -8.133  0.262   1.00 24.43  ? 54  PHE A CD1 1 
ATOM   433  C CD2 . PHE A 1 54  ? 3.582   -8.598  -0.718  1.00 22.19  ? 54  PHE A CD2 1 
ATOM   434  C CE1 . PHE A 1 54  ? 5.306   -6.846  0.549   1.00 19.99  ? 54  PHE A CE1 1 
ATOM   435  C CE2 . PHE A 1 54  ? 3.152   -7.302  -0.443  1.00 21.35  ? 54  PHE A CE2 1 
ATOM   436  C CZ  . PHE A 1 54  ? 4.019   -6.420  0.191   1.00 21.52  ? 54  PHE A CZ  1 
ATOM   437  N N   . HIS A 1 55  ? 6.904   -12.830 -2.118  1.00 30.20  ? 55  HIS A N   1 
ATOM   438  C CA  . HIS A 1 55  ? 7.403   -14.197 -2.035  1.00 35.18  ? 55  HIS A CA  1 
ATOM   439  C C   . HIS A 1 55  ? 8.851   -14.294 -2.526  1.00 32.00  ? 55  HIS A C   1 
ATOM   440  O O   . HIS A 1 55  ? 9.671   -15.009 -1.946  1.00 32.70  ? 55  HIS A O   1 
ATOM   441  C CB  . HIS A 1 55  ? 6.506   -15.141 -2.841  1.00 28.69  ? 55  HIS A CB  1 
ATOM   442  C CG  . HIS A 1 55  ? 7.062   -16.525 -2.971  1.00 53.43  ? 55  HIS A CG  1 
ATOM   443  N ND1 . HIS A 1 55  ? 7.343   -17.320 -1.879  1.00 49.17  ? 55  HIS A ND1 1 
ATOM   444  C CD2 . HIS A 1 55  ? 7.405   -17.251 -4.063  1.00 44.61  ? 55  HIS A CD2 1 
ATOM   445  C CE1 . HIS A 1 55  ? 7.830   -18.477 -2.293  1.00 53.65  ? 55  HIS A CE1 1 
ATOM   446  N NE2 . HIS A 1 55  ? 7.877   -18.460 -3.613  1.00 57.26  ? 55  HIS A NE2 1 
ATOM   447  N N   . GLU A 1 56  ? 9.149   -13.572 -3.600  1.00 25.28  ? 56  GLU A N   1 
ATOM   448  C CA  . GLU A 1 56  ? 10.492  -13.530 -4.152  1.00 34.12  ? 56  GLU A CA  1 
ATOM   449  C C   . GLU A 1 56  ? 10.867  -12.074 -4.427  1.00 27.97  ? 56  GLU A C   1 
ATOM   450  O O   . GLU A 1 56  ? 10.641  -11.573 -5.533  1.00 27.59  ? 56  GLU A O   1 
ATOM   451  C CB  . GLU A 1 56  ? 10.580  -14.374 -5.426  1.00 38.35  ? 56  GLU A CB  1 
ATOM   452  C CG  . GLU A 1 56  ? 11.994  -14.527 -5.972  1.00 54.17  ? 56  GLU A CG  1 
ATOM   453  C CD  . GLU A 1 56  ? 12.078  -15.513 -7.125  1.00 74.07  ? 56  GLU A CD  1 
ATOM   454  O OE1 . GLU A 1 56  ? 11.067  -16.199 -7.403  1.00 73.38  ? 56  GLU A OE1 1 
ATOM   455  O OE2 . GLU A 1 56  ? 13.155  -15.602 -7.753  1.00 79.11  ? 56  GLU A OE2 1 
ATOM   456  N N   . PRO A 1 57  ? 11.412  -11.389 -3.403  1.00 28.35  ? 57  PRO A N   1 
ATOM   457  C CA  . PRO A 1 57  ? 11.743  -9.959  -3.468  1.00 28.80  ? 57  PRO A CA  1 
ATOM   458  C C   . PRO A 1 57  ? 12.636  -9.664  -4.656  1.00 32.19  ? 57  PRO A C   1 
ATOM   459  O O   . PRO A 1 57  ? 13.639  -10.349 -4.848  1.00 34.32  ? 57  PRO A O   1 
ATOM   460  C CB  . PRO A 1 57  ? 12.465  -9.703  -2.136  1.00 26.41  ? 57  PRO A CB  1 
ATOM   461  C CG  . PRO A 1 57  ? 11.910  -10.728 -1.217  1.00 32.45  ? 57  PRO A CG  1 
ATOM   462  C CD  . PRO A 1 57  ? 11.724  -11.958 -2.083  1.00 30.56  ? 57  PRO A CD  1 
ATOM   463  N N   . GLY A 1 58  ? 12.253  -8.682  -5.461  1.00 31.54  ? 58  GLY A N   1 
ATOM   464  C CA  . GLY A 1 58  ? 13.050  -8.302  -6.607  1.00 31.91  ? 58  GLY A CA  1 
ATOM   465  C C   . GLY A 1 58  ? 12.418  -8.677  -7.932  1.00 33.75  ? 58  GLY A C   1 
ATOM   466  O O   . GLY A 1 58  ? 12.897  -8.263  -8.988  1.00 31.05  ? 58  GLY A O   1 
ATOM   467  N N   A THR A 1 59  ? 11.338  -9.454  -7.891  0.30 30.13  ? 59  THR A N   1 
ATOM   468  N N   B THR A 1 59  ? 11.338  -9.455  -7.874  0.70 30.16  ? 59  THR A N   1 
ATOM   469  C CA  A THR A 1 59  ? 10.713  -9.927  -9.123  0.30 28.73  ? 59  THR A CA  1 
ATOM   470  C CA  B THR A 1 59  ? 10.671  -9.928  -9.080  0.70 28.66  ? 59  THR A CA  1 
ATOM   471  C C   A THR A 1 59  ? 9.915   -8.838  -9.832  0.30 31.19  ? 59  THR A C   1 
ATOM   472  C C   B THR A 1 59  ? 9.998   -8.792  -9.826  0.70 31.27  ? 59  THR A C   1 
ATOM   473  O O   A THR A 1 59  ? 9.767   -8.865  -11.050 0.30 28.63  ? 59  THR A O   1 
ATOM   474  O O   B THR A 1 59  ? 10.021  -8.735  -11.050 0.70 27.89  ? 59  THR A O   1 
ATOM   475  C CB  A THR A 1 59  ? 9.785   -11.132 -8.863  0.30 30.53  ? 59  THR A CB  1 
ATOM   476  C CB  B THR A 1 59  ? 9.612   -11.002 -8.754  0.70 30.64  ? 59  THR A CB  1 
ATOM   477  O OG1 A THR A 1 59  ? 8.972   -10.877 -7.710  0.30 30.66  ? 59  THR A OG1 1 
ATOM   478  O OG1 B THR A 1 59  ? 10.204  -12.025 -7.945  0.70 27.89  ? 59  THR A OG1 1 
ATOM   479  C CG2 A THR A 1 59  ? 10.600  -12.389 -8.628  0.30 31.36  ? 59  THR A CG2 1 
ATOM   480  C CG2 B THR A 1 59  ? 9.054   -11.621 -10.034 0.70 33.09  ? 59  THR A CG2 1 
ATOM   481  N N   . LEU A 1 60  ? 9.404   -7.877  -9.069  1.00 24.35  ? 60  LEU A N   1 
ATOM   482  C CA  . LEU A 1 60  ? 8.564   -6.841  -9.637  1.00 29.02  ? 60  LEU A CA  1 
ATOM   483  C C   . LEU A 1 60  ? 9.364   -5.677  -10.233 1.00 31.38  ? 60  LEU A C   1 
ATOM   484  O O   . LEU A 1 60  ? 8.950   -5.069  -11.224 1.00 29.85  ? 60  LEU A O   1 
ATOM   485  C CB  . LEU A 1 60  ? 7.608   -6.329  -8.551  1.00 27.38  ? 60  LEU A CB  1 
ATOM   486  C CG  . LEU A 1 60  ? 6.301   -5.668  -8.971  1.00 40.15  ? 60  LEU A CG  1 
ATOM   487  C CD1 . LEU A 1 60  ? 5.548   -6.545  -9.965  1.00 32.36  ? 60  LEU A CD1 1 
ATOM   488  C CD2 . LEU A 1 60  ? 5.457   -5.405  -7.733  1.00 31.94  ? 60  LEU A CD2 1 
ATOM   489  N N   . ALA A 1 61  ? 10.512  -5.376  -9.626  1.00 29.01  ? 61  ALA A N   1 
ATOM   490  C CA  . ALA A 1 61  ? 11.289  -4.185  -9.988  1.00 27.83  ? 61  ALA A CA  1 
ATOM   491  C C   . ALA A 1 61  ? 11.573  -4.013  -11.494 1.00 30.05  ? 61  ALA A C   1 
ATOM   492  O O   . ALA A 1 61  ? 11.360  -2.920  -12.020 1.00 27.77  ? 61  ALA A O   1 
ATOM   493  C CB  . ALA A 1 61  ? 12.602  -4.165  -9.197  1.00 31.00  ? 61  ALA A CB  1 
ATOM   494  N N   . PRO A 1 62  ? 12.028  -5.078  -12.195 1.00 27.33  ? 62  PRO A N   1 
ATOM   495  C CA  . PRO A 1 62  ? 12.323  -4.913  -13.625 1.00 30.28  ? 62  PRO A CA  1 
ATOM   496  C C   . PRO A 1 62  ? 11.167  -4.345  -14.446 1.00 33.16  ? 62  PRO A C   1 
ATOM   497  O O   . PRO A 1 62  ? 11.385  -3.486  -15.297 1.00 30.40  ? 62  PRO A O   1 
ATOM   498  C CB  . PRO A 1 62  ? 12.642  -6.341  -14.081 1.00 35.75  ? 62  PRO A CB  1 
ATOM   499  C CG  . PRO A 1 62  ? 13.193  -6.994  -12.878 1.00 32.41  ? 62  PRO A CG  1 
ATOM   500  C CD  . PRO A 1 62  ? 12.386  -6.437  -11.733 1.00 30.69  ? 62  PRO A CD  1 
ATOM   501  N N   . THR A 1 63  ? 9.949   -4.804  -14.190 1.00 30.21  ? 63  THR A N   1 
ATOM   502  C CA  . THR A 1 63  ? 8.826   -4.397  -15.028 1.00 33.04  ? 63  THR A CA  1 
ATOM   503  C C   . THR A 1 63  ? 7.994   -3.286  -14.388 1.00 32.00  ? 63  THR A C   1 
ATOM   504  O O   . THR A 1 63  ? 7.224   -2.597  -15.073 1.00 33.22  ? 63  THR A O   1 
ATOM   505  C CB  . THR A 1 63  ? 7.916   -5.599  -15.350 1.00 34.16  ? 63  THR A CB  1 
ATOM   506  O OG1 . THR A 1 63  ? 7.583   -6.283  -14.136 1.00 41.49  ? 63  THR A OG1 1 
ATOM   507  C CG2 . THR A 1 63  ? 8.639   -6.563  -16.274 1.00 40.05  ? 63  THR A CG2 1 
ATOM   508  N N   . GLY A 1 64  ? 8.140   -3.121  -13.075 1.00 30.63  ? 64  GLY A N   1 
ATOM   509  C CA  . GLY A 1 64  ? 7.463   -2.047  -12.371 1.00 29.09  ? 64  GLY A CA  1 
ATOM   510  C C   . GLY A 1 64  ? 6.279   -2.497  -11.535 1.00 33.80  ? 64  GLY A C   1 
ATOM   511  O O   . GLY A 1 64  ? 5.700   -3.554  -11.771 1.00 30.47  ? 64  GLY A O   1 
ATOM   512  N N   . LEU A 1 65  ? 5.917   -1.677  -10.554 1.00 25.16  ? 65  LEU A N   1 
ATOM   513  C CA  . LEU A 1 65  ? 4.749   -1.942  -9.709  1.00 29.18  ? 65  LEU A CA  1 
ATOM   514  C C   . LEU A 1 65  ? 3.519   -1.268  -10.313 1.00 22.52  ? 65  LEU A C   1 
ATOM   515  O O   . LEU A 1 65  ? 3.479   -0.047  -10.450 1.00 26.11  ? 65  LEU A O   1 
ATOM   516  C CB  . LEU A 1 65  ? 4.998   -1.439  -8.276  1.00 26.40  ? 65  LEU A CB  1 
ATOM   517  C CG  . LEU A 1 65  ? 3.802   -1.295  -7.331  1.00 25.78  ? 65  LEU A CG  1 
ATOM   518  C CD1 . LEU A 1 65  ? 3.186   -2.659  -7.030  1.00 19.46  ? 65  LEU A CD1 1 
ATOM   519  C CD2 . LEU A 1 65  ? 4.223   -0.592  -6.044  1.00 24.98  ? 65  LEU A CD2 1 
ATOM   520  N N   . TYR A 1 66  ? 2.516   -2.060  -10.677 1.00 28.03  ? 66  TYR A N   1 
ATOM   521  C CA  . TYR A 1 66  ? 1.290   -1.512  -11.253 1.00 30.31  ? 66  TYR A CA  1 
ATOM   522  C C   . TYR A 1 66  ? 0.121   -1.577  -10.280 1.00 29.80  ? 66  TYR A C   1 
ATOM   523  O O   . TYR A 1 66  ? -0.167  -2.630  -9.712  1.00 27.09  ? 66  TYR A O   1 
ATOM   524  C CB  . TYR A 1 66  ? 0.922   -2.251  -12.540 1.00 29.27  ? 66  TYR A CB  1 
ATOM   525  C CG  . TYR A 1 66  ? 1.756   -1.818  -13.719 1.00 24.82  ? 66  TYR A CG  1 
ATOM   526  C CD1 . TYR A 1 66  ? 1.279   -0.875  -14.623 1.00 30.46  ? 66  TYR A CD1 1 
ATOM   527  C CD2 . TYR A 1 66  ? 3.032   -2.341  -13.922 1.00 34.14  ? 66  TYR A CD2 1 
ATOM   528  C CE1 . TYR A 1 66  ? 2.049   -0.467  -15.711 1.00 35.41  ? 66  TYR A CE1 1 
ATOM   529  C CE2 . TYR A 1 66  ? 3.811   -1.939  -15.001 1.00 35.53  ? 66  TYR A CE2 1 
ATOM   530  C CZ  . TYR A 1 66  ? 3.312   -1.004  -15.893 1.00 42.18  ? 66  TYR A CZ  1 
ATOM   531  O OH  . TYR A 1 66  ? 4.079   -0.600  -16.966 1.00 38.90  ? 66  TYR A OH  1 
ATOM   532  N N   . ILE A 1 67  ? -0.542  -0.440  -10.094 1.00 28.56  ? 67  ILE A N   1 
ATOM   533  C CA  . ILE A 1 67  ? -1.749  -0.377  -9.279  1.00 28.56  ? 67  ILE A CA  1 
ATOM   534  C C   . ILE A 1 67  ? -2.782  0.487   -9.988  1.00 29.04  ? 67  ILE A C   1 
ATOM   535  O O   . ILE A 1 67  ? -2.551  1.672   -10.237 1.00 28.50  ? 67  ILE A O   1 
ATOM   536  C CB  . ILE A 1 67  ? -1.466  0.185   -7.867  1.00 23.54  ? 67  ILE A CB  1 
ATOM   537  C CG1 . ILE A 1 67  ? -0.485  -0.723  -7.120  1.00 25.88  ? 67  ILE A CG1 1 
ATOM   538  C CG2 . ILE A 1 67  ? -2.766  0.303   -7.076  1.00 30.65  ? 67  ILE A CG2 1 
ATOM   539  C CD1 . ILE A 1 67  ? 0.011   -0.131  -5.830  1.00 29.50  ? 67  ILE A CD1 1 
ATOM   540  N N   . GLY A 1 68  ? -3.920  -0.109  -10.329 1.00 32.50  ? 68  GLY A N   1 
ATOM   541  C CA  . GLY A 1 68  ? -4.925  0.595   -11.105 1.00 32.64  ? 68  GLY A CA  1 
ATOM   542  C C   . GLY A 1 68  ? -4.407  1.006   -12.474 1.00 29.72  ? 68  GLY A C   1 
ATOM   543  O O   . GLY A 1 68  ? -4.830  2.018   -13.026 1.00 33.95  ? 68  GLY A O   1 
ATOM   544  N N   . GLY A 1 69  ? -3.488  0.219   -13.026 1.00 34.04  ? 69  GLY A N   1 
ATOM   545  C CA  . GLY A 1 69  ? -2.874  0.551   -14.302 1.00 40.78  ? 69  GLY A CA  1 
ATOM   546  C C   . GLY A 1 69  ? -1.783  1.613   -14.241 1.00 40.06  ? 69  GLY A C   1 
ATOM   547  O O   . GLY A 1 69  ? -1.096  1.863   -15.232 1.00 34.99  ? 69  GLY A O   1 
ATOM   548  N N   . THR A 1 70  ? -1.615  2.244   -13.084 1.00 33.57  ? 70  THR A N   1 
ATOM   549  C CA  . THR A 1 70  ? -0.563  3.245   -12.919 1.00 32.20  ? 70  THR A CA  1 
ATOM   550  C C   . THR A 1 70  ? 0.767   2.568   -12.603 1.00 33.20  ? 70  THR A C   1 
ATOM   551  O O   . THR A 1 70  ? 0.839   1.723   -11.710 1.00 27.96  ? 70  THR A O   1 
ATOM   552  C CB  . THR A 1 70  ? -0.907  4.245   -11.803 1.00 31.66  ? 70  THR A CB  1 
ATOM   553  O OG1 . THR A 1 70  ? -2.119  4.931   -12.134 1.00 33.49  ? 70  THR A OG1 1 
ATOM   554  C CG2 . THR A 1 70  ? 0.220   5.270   -11.623 1.00 26.59  ? 70  THR A CG2 1 
ATOM   555  N N   . LYS A 1 71  ? 1.818   2.937   -13.332 1.00 23.86  ? 71  LYS A N   1 
ATOM   556  C CA  . LYS A 1 71  ? 3.124   2.330   -13.128 1.00 26.34  ? 71  LYS A CA  1 
ATOM   557  C C   . LYS A 1 71  ? 3.941   3.125   -12.114 1.00 28.35  ? 71  LYS A C   1 
ATOM   558  O O   . LYS A 1 71  ? 4.075   4.344   -12.237 1.00 28.52  ? 71  LYS A O   1 
ATOM   559  C CB  . LYS A 1 71  ? 3.889   2.239   -14.455 1.00 24.78  ? 71  LYS A CB  1 
ATOM   560  C CG  . LYS A 1 71  ? 5.260   1.561   -14.359 1.00 38.70  ? 71  LYS A CG  1 
ATOM   561  C CD  . LYS A 1 71  ? 6.049   1.729   -15.665 1.00 38.76  ? 71  LYS A CD  1 
ATOM   562  C CE  . LYS A 1 71  ? 7.271   0.818   -15.719 1.00 53.75  ? 71  LYS A CE  1 
ATOM   563  N NZ  . LYS A 1 71  ? 7.974   0.889   -17.039 1.00 62.71  ? 71  LYS A NZ  1 
ATOM   564  N N   . TYR A 1 72  ? 4.472   2.430   -11.111 1.00 22.59  ? 72  TYR A N   1 
ATOM   565  C CA  . TYR A 1 72  ? 5.396   3.041   -10.162 1.00 21.98  ? 72  TYR A CA  1 
ATOM   566  C C   . TYR A 1 72  ? 6.767   2.368   -10.258 1.00 26.12  ? 72  TYR A C   1 
ATOM   567  O O   . TYR A 1 72  ? 6.860   1.161   -10.501 1.00 26.12  ? 72  TYR A O   1 
ATOM   568  C CB  . TYR A 1 72  ? 4.875   2.919   -8.717  1.00 23.99  ? 72  TYR A CB  1 
ATOM   569  C CG  . TYR A 1 72  ? 3.518   3.537   -8.454  1.00 24.87  ? 72  TYR A CG  1 
ATOM   570  C CD1 . TYR A 1 72  ? 2.354   2.835   -8.735  1.00 22.64  ? 72  TYR A CD1 1 
ATOM   571  C CD2 . TYR A 1 72  ? 3.401   4.809   -7.895  1.00 22.18  ? 72  TYR A CD2 1 
ATOM   572  C CE1 . TYR A 1 72  ? 1.104   3.391   -8.496  1.00 24.74  ? 72  TYR A CE1 1 
ATOM   573  C CE2 . TYR A 1 72  ? 2.151   5.365   -7.640  1.00 26.01  ? 72  TYR A CE2 1 
ATOM   574  C CZ  . TYR A 1 72  ? 1.012   4.647   -7.949  1.00 29.74  ? 72  TYR A CZ  1 
ATOM   575  O OH  . TYR A 1 72  ? -0.231  5.182   -7.709  1.00 30.56  ? 72  TYR A OH  1 
ATOM   576  N N   A MET A 1 73  ? 7.833   3.140   -10.076 0.75 25.51  ? 73  MET A N   1 
ATOM   577  N N   B MET A 1 73  ? 7.825   3.148   -10.055 0.25 25.43  ? 73  MET A N   1 
ATOM   578  C CA  A MET A 1 73  ? 9.158   2.538   -10.006 0.75 23.76  ? 73  MET A CA  1 
ATOM   579  C CA  B MET A 1 73  ? 9.170   2.593   -9.950  0.25 23.82  ? 73  MET A CA  1 
ATOM   580  C C   A MET A 1 73  ? 9.347   1.960   -8.612  0.75 22.02  ? 73  MET A C   1 
ATOM   581  C C   B MET A 1 73  ? 9.351   1.962   -8.579  0.25 22.14  ? 73  MET A C   1 
ATOM   582  O O   A MET A 1 73  ? 9.057   2.623   -7.623  0.75 24.43  ? 73  MET A O   1 
ATOM   583  O O   B MET A 1 73  ? 9.078   2.602   -7.568  0.25 24.32  ? 73  MET A O   1 
ATOM   584  C CB  A MET A 1 73  ? 10.254  3.564   -10.327 0.75 25.95  ? 73  MET A CB  1 
ATOM   585  C CB  B MET A 1 73  ? 10.232  3.674   -10.171 0.25 26.10  ? 73  MET A CB  1 
ATOM   586  C CG  A MET A 1 73  ? 10.284  3.979   -11.787 0.75 32.43  ? 73  MET A CG  1 
ATOM   587  C CG  B MET A 1 73  ? 10.143  4.405   -11.500 0.25 28.49  ? 73  MET A CG  1 
ATOM   588  S SD  A MET A 1 73  ? 10.938  2.624   -12.791 0.75 37.87  ? 73  MET A SD  1 
ATOM   589  S SD  B MET A 1 73  ? 10.527  3.343   -12.904 0.25 35.40  ? 73  MET A SD  1 
ATOM   590  C CE  A MET A 1 73  ? 12.669  2.706   -12.384 0.75 26.43  ? 73  MET A CE  1 
ATOM   591  C CE  B MET A 1 73  ? 8.893   2.836   -13.415 0.25 33.15  ? 73  MET A CE  1 
ATOM   592  N N   . VAL A 1 74  ? 9.805   0.715   -8.534  1.00 18.78  ? 74  VAL A N   1 
ATOM   593  C CA  . VAL A 1 74  ? 10.042  0.085   -7.242  1.00 20.85  ? 74  VAL A CA  1 
ATOM   594  C C   . VAL A 1 74  ? 11.271  0.728   -6.598  1.00 20.14  ? 74  VAL A C   1 
ATOM   595  O O   . VAL A 1 74  ? 12.330  0.831   -7.228  1.00 24.58  ? 74  VAL A O   1 
ATOM   596  C CB  . VAL A 1 74  ? 10.235  -1.448  -7.365  1.00 25.22  ? 74  VAL A CB  1 
ATOM   597  C CG1 . VAL A 1 74  ? 10.669  -2.043  -6.032  1.00 20.78  ? 74  VAL A CG1 1 
ATOM   598  C CG2 . VAL A 1 74  ? 8.938   -2.113  -7.874  1.00 22.62  ? 74  VAL A CG2 1 
ATOM   599  N N   . ILE A 1 75  ? 11.131  1.201   -5.363  1.00 17.97  ? 75  ILE A N   1 
ATOM   600  C CA  . ILE A 1 75  ? 12.306  1.696   -4.637  1.00 22.12  ? 75  ILE A CA  1 
ATOM   601  C C   . ILE A 1 75  ? 12.528  0.795   -3.431  1.00 24.44  ? 75  ILE A C   1 
ATOM   602  O O   . ILE A 1 75  ? 11.849  -0.232  -3.302  1.00 21.30  ? 75  ILE A O   1 
ATOM   603  C CB  . ILE A 1 75  ? 12.149  3.170   -4.238  1.00 22.66  ? 75  ILE A CB  1 
ATOM   604  C CG1 . ILE A 1 75  ? 10.945  3.380   -3.308  1.00 25.85  ? 75  ILE A CG1 1 
ATOM   605  C CG2 . ILE A 1 75  ? 12.009  4.023   -5.500  1.00 21.02  ? 75  ILE A CG2 1 
ATOM   606  C CD1 . ILE A 1 75  ? 10.776  4.843   -2.852  1.00 22.69  ? 75  ILE A CD1 1 
ATOM   607  N N   . GLN A 1 76  ? 13.480  1.126   -2.562  1.00 16.68  ? 76  GLN A N   1 
ATOM   608  C CA  . GLN A 1 76  ? 13.870  0.153   -1.540  1.00 22.22  ? 76  GLN A CA  1 
ATOM   609  C C   . GLN A 1 76  ? 12.718  -0.099  -0.574  1.00 22.14  ? 76  GLN A C   1 
ATOM   610  O O   . GLN A 1 76  ? 12.123  0.836   -0.059  1.00 19.04  ? 76  GLN A O   1 
ATOM   611  C CB  . GLN A 1 76  ? 15.100  0.610   -0.759  1.00 24.91  ? 76  GLN A CB  1 
ATOM   612  C CG  . GLN A 1 76  ? 15.565  -0.423  0.266   1.00 30.02  ? 76  GLN A CG  1 
ATOM   613  C CD  . GLN A 1 76  ? 16.707  0.075   1.136   1.00 47.05  ? 76  GLN A CD  1 
ATOM   614  O OE1 . GLN A 1 76  ? 17.860  -0.315  0.946   1.00 49.37  ? 76  GLN A OE1 1 
ATOM   615  N NE2 . GLN A 1 76  ? 16.388  0.944   2.100   1.00 38.83  ? 76  GLN A NE2 1 
ATOM   616  N N   . GLY A 1 77  ? 12.407  -1.367  -0.337  1.00 21.42  ? 77  GLY A N   1 
ATOM   617  C CA  . GLY A 1 77  ? 11.362  -1.708  0.603   1.00 23.88  ? 77  GLY A CA  1 
ATOM   618  C C   . GLY A 1 77  ? 11.918  -2.566  1.711   1.00 30.52  ? 77  GLY A C   1 
ATOM   619  O O   . GLY A 1 77  ? 13.056  -2.397  2.133   1.00 26.38  ? 77  GLY A O   1 
ATOM   620  N N   A GLU A 1 78  ? 11.106  -3.498  2.190   0.49 25.21  ? 78  GLU A N   1 
ATOM   621  N N   B GLU A 1 78  ? 11.089  -3.481  2.200   0.51 25.22  ? 78  GLU A N   1 
ATOM   622  C CA  A GLU A 1 78  ? 11.548  -4.443  3.201   0.49 26.37  ? 78  GLU A CA  1 
ATOM   623  C CA  B GLU A 1 78  ? 11.495  -4.454  3.204   0.51 26.38  ? 78  GLU A CA  1 
ATOM   624  C C   A GLU A 1 78  ? 11.132  -5.834  2.736   0.49 27.97  ? 78  GLU A C   1 
ATOM   625  C C   B GLU A 1 78  ? 11.118  -5.824  2.649   0.51 27.99  ? 78  GLU A C   1 
ATOM   626  O O   A GLU A 1 78  ? 9.938   -6.126  2.647   0.49 25.69  ? 78  GLU A O   1 
ATOM   627  O O   B GLU A 1 78  ? 9.938   -6.091  2.406   0.51 25.56  ? 78  GLU A O   1 
ATOM   628  C CB  A GLU A 1 78  ? 10.960  -4.094  4.574   0.49 25.82  ? 78  GLU A CB  1 
ATOM   629  C CB  B GLU A 1 78  ? 10.814  -4.177  4.554   0.51 25.85  ? 78  GLU A CB  1 
ATOM   630  C CG  A GLU A 1 78  ? 11.306  -2.676  5.023   0.49 26.41  ? 78  GLU A CG  1 
ATOM   631  C CG  B GLU A 1 78  ? 11.191  -5.126  5.690   0.51 25.50  ? 78  GLU A CG  1 
ATOM   632  C CD  A GLU A 1 78  ? 10.709  -2.294  6.364   0.49 31.18  ? 78  GLU A CD  1 
ATOM   633  C CD  B GLU A 1 78  ? 10.372  -4.880  6.959   0.51 28.74  ? 78  GLU A CD  1 
ATOM   634  O OE1 A GLU A 1 78  ? 9.898   -3.072  6.914   0.49 32.51  ? 78  GLU A OE1 1 
ATOM   635  O OE1 B GLU A 1 78  ? 9.723   -3.817  7.053   0.51 32.19  ? 78  GLU A OE1 1 
ATOM   636  O OE2 A GLU A 1 78  ? 11.051  -1.203  6.868   0.49 38.06  ? 78  GLU A OE2 1 
ATOM   637  O OE2 B GLU A 1 78  ? 10.365  -5.747  7.859   0.51 23.71  ? 78  GLU A OE2 1 
ATOM   638  N N   . PRO A 1 79  ? 12.126  -6.682  2.411   1.00 25.41  ? 79  PRO A N   1 
ATOM   639  C CA  . PRO A 1 79  ? 11.939  -8.000  1.783   1.00 28.05  ? 79  PRO A CA  1 
ATOM   640  C C   . PRO A 1 79  ? 10.844  -8.817  2.457   1.00 25.88  ? 79  PRO A C   1 
ATOM   641  O O   . PRO A 1 79  ? 10.900  -9.021  3.671   1.00 28.09  ? 79  PRO A O   1 
ATOM   642  C CB  . PRO A 1 79  ? 13.302  -8.671  1.969   1.00 37.87  ? 79  PRO A CB  1 
ATOM   643  C CG  . PRO A 1 79  ? 14.268  -7.528  2.032   1.00 39.86  ? 79  PRO A CG  1 
ATOM   644  C CD  . PRO A 1 79  ? 13.540  -6.431  2.747   1.00 32.38  ? 79  PRO A CD  1 
ATOM   645  N N   . GLY A 1 80  ? 9.847   -9.218  1.672   1.00 25.45  ? 80  GLY A N   1 
ATOM   646  C CA  . GLY A 1 80  ? 8.738   -10.015 2.161   1.00 26.30  ? 80  GLY A CA  1 
ATOM   647  C C   . GLY A 1 80  ? 7.758   -9.278  3.058   1.00 28.26  ? 80  GLY A C   1 
ATOM   648  O O   . GLY A 1 80  ? 6.826   -9.899  3.573   1.00 26.30  ? 80  GLY A O   1 
ATOM   649  N N   . ALA A 1 81  ? 7.944   -7.965  3.238   1.00 22.15  ? 81  ALA A N   1 
ATOM   650  C CA  . ALA A 1 81  ? 7.125   -7.192  4.190   1.00 20.39  ? 81  ALA A CA  1 
ATOM   651  C C   . ALA A 1 81  ? 6.563   -5.896  3.624   1.00 21.96  ? 81  ALA A C   1 
ATOM   652  O O   . ALA A 1 81  ? 5.402   -5.562  3.862   1.00 20.49  ? 81  ALA A O   1 
ATOM   653  C CB  . ALA A 1 81  ? 7.927   -6.882  5.439   1.00 22.33  ? 81  ALA A CB  1 
ATOM   654  N N   . VAL A 1 82  ? 7.387   -5.133  2.912   1.00 18.47  ? 82  VAL A N   1 
ATOM   655  C CA  . VAL A 1 82  ? 6.933   -3.845  2.394   1.00 18.84  ? 82  VAL A CA  1 
ATOM   656  C C   . VAL A 1 82  ? 7.415   -3.627  0.967   1.00 18.77  ? 82  VAL A C   1 
ATOM   657  O O   . VAL A 1 82  ? 8.597   -3.804  0.666   1.00 20.28  ? 82  VAL A O   1 
ATOM   658  C CB  . VAL A 1 82  ? 7.416   -2.656  3.276   1.00 20.38  ? 82  VAL A CB  1 
ATOM   659  C CG1 . VAL A 1 82  ? 6.910   -1.329  2.707   1.00 19.80  ? 82  VAL A CG1 1 
ATOM   660  C CG2 . VAL A 1 82  ? 6.974   -2.828  4.741   1.00 16.37  ? 82  VAL A CG2 1 
ATOM   661  N N   . ILE A 1 83  ? 6.494   -3.238  0.093   1.00 17.68  ? 83  ILE A N   1 
ATOM   662  C CA  . ILE A 1 83  ? 6.849   -2.781  -1.243  1.00 18.62  ? 83  ILE A CA  1 
ATOM   663  C C   . ILE A 1 83  ? 6.618   -1.272  -1.333  1.00 22.82  ? 83  ILE A C   1 
ATOM   664  O O   . ILE A 1 83  ? 5.576   -0.769  -0.914  1.00 21.07  ? 83  ILE A O   1 
ATOM   665  C CB  . ILE A 1 83  ? 6.024   -3.494  -2.337  1.00 23.04  ? 83  ILE A CB  1 
ATOM   666  C CG1 . ILE A 1 83  ? 6.355   -4.987  -2.391  1.00 21.64  ? 83  ILE A CG1 1 
ATOM   667  C CG2 . ILE A 1 83  ? 6.274   -2.862  -3.697  1.00 21.96  ? 83  ILE A CG2 1 
ATOM   668  C CD1 . ILE A 1 83  ? 5.354   -5.777  -3.245  1.00 23.91  ? 83  ILE A CD1 1 
ATOM   669  N N   . ARG A 1 84  ? 7.596   -0.547  -1.873  1.00 18.64  ? 84  ARG A N   1 
ATOM   670  C CA  . ARG A 1 84  ? 7.480   0.901   -2.018  1.00 22.43  ? 84  ARG A CA  1 
ATOM   671  C C   . ARG A 1 84  ? 7.674   1.299   -3.474  1.00 23.19  ? 84  ARG A C   1 
ATOM   672  O O   . ARG A 1 84  ? 8.530   0.740   -4.172  1.00 20.73  ? 84  ARG A O   1 
ATOM   673  C CB  . ARG A 1 84  ? 8.500   1.621   -1.134  1.00 19.71  ? 84  ARG A CB  1 
ATOM   674  C CG  . ARG A 1 84  ? 8.377   1.295   0.330   1.00 19.97  ? 84  ARG A CG  1 
ATOM   675  C CD  . ARG A 1 84  ? 9.237   2.206   1.190   1.00 19.19  ? 84  ARG A CD  1 
ATOM   676  N NE  . ARG A 1 84  ? 9.111   1.906   2.614   1.00 18.92  ? 84  ARG A NE  1 
ATOM   677  C CZ  . ARG A 1 84  ? 10.041  1.299   3.341   1.00 28.90  ? 84  ARG A CZ  1 
ATOM   678  N NH1 . ARG A 1 84  ? 11.179  0.907   2.772   1.00 31.15  ? 84  ARG A NH1 1 
ATOM   679  N NH2 . ARG A 1 84  ? 9.839   1.080   4.635   1.00 23.38  ? 84  ARG A NH2 1 
ATOM   680  N N   . GLY A 1 85  ? 6.881   2.267   -3.921  1.00 19.81  ? 85  GLY A N   1 
ATOM   681  C CA  . GLY A 1 85  ? 6.903   2.702   -5.302  1.00 16.71  ? 85  GLY A CA  1 
ATOM   682  C C   . GLY A 1 85  ? 6.938   4.211   -5.416  1.00 22.06  ? 85  GLY A C   1 
ATOM   683  O O   . GLY A 1 85  ? 6.371   4.917   -4.573  1.00 21.50  ? 85  GLY A O   1 
ATOM   684  N N   . LYS A 1 86  ? 7.601   4.708   -6.459  1.00 22.92  ? 86  LYS A N   1 
ATOM   685  C CA  . LYS A 1 86  ? 7.693   6.148   -6.692  1.00 19.86  ? 86  LYS A CA  1 
ATOM   686  C C   . LYS A 1 86  ? 7.114   6.494   -8.059  1.00 24.15  ? 86  LYS A C   1 
ATOM   687  O O   . LYS A 1 86  ? 7.331   5.775   -9.026  1.00 22.59  ? 86  LYS A O   1 
ATOM   688  C CB  . LYS A 1 86  ? 9.159   6.610   -6.611  1.00 25.19  ? 86  LYS A CB  1 
ATOM   689  C CG  . LYS A 1 86  ? 9.364   8.091   -6.293  1.00 25.47  ? 86  LYS A CG  1 
ATOM   690  C CD  . LYS A 1 86  ? 9.304   8.326   -4.777  1.00 23.35  ? 86  LYS A CD  1 
ATOM   691  C CE  . LYS A 1 86  ? 9.437   9.809   -4.424  1.00 26.03  ? 86  LYS A CE  1 
ATOM   692  N NZ  . LYS A 1 86  ? 8.255   10.612  -4.837  1.00 26.94  ? 86  LYS A NZ  1 
ATOM   693  N N   . LYS A 1 87  ? 6.366   7.588   -8.141  1.00 22.60  ? 87  LYS A N   1 
ATOM   694  C CA  . LYS A 1 87  ? 5.987   8.122   -9.447  1.00 25.58  ? 87  LYS A CA  1 
ATOM   695  C C   . LYS A 1 87  ? 6.046   9.642   -9.397  1.00 28.76  ? 87  LYS A C   1 
ATOM   696  O O   . LYS A 1 87  ? 5.120   10.288  -8.911  1.00 28.05  ? 87  LYS A O   1 
ATOM   697  C CB  . LYS A 1 87  ? 4.594   7.657   -9.868  1.00 26.07  ? 87  LYS A CB  1 
ATOM   698  C CG  . LYS A 1 87  ? 4.190   8.128   -11.267 1.00 36.31  ? 87  LYS A CG  1 
ATOM   699  C CD  . LYS A 1 87  ? 2.712   7.894   -11.526 1.00 38.77  ? 87  LYS A CD  1 
ATOM   700  C CE  . LYS A 1 87  ? 2.246   8.598   -12.789 1.00 47.67  ? 87  LYS A CE  1 
ATOM   701  N NZ  . LYS A 1 87  ? 2.926   8.052   -13.991 1.00 57.53  ? 87  LYS A NZ  1 
ATOM   702  N N   . GLY A 1 88  ? 7.147   10.205  -9.894  1.00 26.08  ? 88  GLY A N   1 
ATOM   703  C CA  . GLY A 1 88  ? 7.389   11.631  -9.763  1.00 33.53  ? 88  GLY A CA  1 
ATOM   704  C C   . GLY A 1 88  ? 7.315   12.036  -8.303  1.00 28.66  ? 88  GLY A C   1 
ATOM   705  O O   . GLY A 1 88  ? 7.921   11.384  -7.448  1.00 28.78  ? 88  GLY A O   1 
ATOM   706  N N   . PRO A 1 89  ? 6.548   13.100  -8.001  1.00 25.77  ? 89  PRO A N   1 
ATOM   707  C CA  . PRO A 1 89  ? 6.431   13.604  -6.630  1.00 30.72  ? 89  PRO A CA  1 
ATOM   708  C C   . PRO A 1 89  ? 5.417   12.804  -5.804  1.00 29.40  ? 89  PRO A C   1 
ATOM   709  O O   . PRO A 1 89  ? 5.080   13.209  -4.692  1.00 31.08  ? 89  PRO A O   1 
ATOM   710  C CB  . PRO A 1 89  ? 5.948   15.038  -6.839  1.00 34.55  ? 89  PRO A CB  1 
ATOM   711  C CG  . PRO A 1 89  ? 5.057   14.915  -8.028  1.00 34.15  ? 89  PRO A CG  1 
ATOM   712  C CD  . PRO A 1 89  ? 5.682   13.853  -8.927  1.00 32.96  ? 89  PRO A CD  1 
ATOM   713  N N   . GLY A 1 90  ? 4.931   11.694  -6.351  1.00 30.99  ? 90  GLY A N   1 
ATOM   714  C CA  . GLY A 1 90  ? 4.007   10.828  -5.636  1.00 24.09  ? 90  GLY A CA  1 
ATOM   715  C C   . GLY A 1 90  ? 4.566   9.426   -5.479  1.00 27.37  ? 90  GLY A C   1 
ATOM   716  O O   . GLY A 1 90  ? 5.724   9.165   -5.829  1.00 20.38  ? 90  GLY A O   1 
ATOM   717  N N   . GLY A 1 91  ? 3.749   8.515   -4.953  1.00 23.24  ? 91  GLY A N   1 
ATOM   718  C CA  . GLY A 1 91  ? 4.174   7.139   -4.804  1.00 22.12  ? 91  GLY A CA  1 
ATOM   719  C C   . GLY A 1 91  ? 3.204   6.335   -3.958  1.00 28.13  ? 91  GLY A C   1 
ATOM   720  O O   . GLY A 1 91  ? 2.065   6.754   -3.705  1.00 20.34  ? 91  GLY A O   1 
ATOM   721  N N   . VAL A 1 92  ? 3.667   5.182   -3.494  1.00 19.72  ? 92  VAL A N   1 
ATOM   722  C CA  . VAL A 1 92  ? 2.761   4.226   -2.874  1.00 22.85  ? 92  VAL A CA  1 
ATOM   723  C C   . VAL A 1 92  ? 3.545   3.351   -1.920  1.00 22.01  ? 92  VAL A C   1 
ATOM   724  O O   . VAL A 1 92  ? 4.726   3.089   -2.142  1.00 18.55  ? 92  VAL A O   1 
ATOM   725  C CB  . VAL A 1 92  ? 2.032   3.359   -3.949  1.00 21.85  ? 92  VAL A CB  1 
ATOM   726  C CG1 . VAL A 1 92  ? 3.034   2.613   -4.817  1.00 22.98  ? 92  VAL A CG1 1 
ATOM   727  C CG2 . VAL A 1 92  ? 1.033   2.383   -3.304  1.00 19.80  ? 92  VAL A CG2 1 
ATOM   728  N N   . THR A 1 93  ? 2.890   2.916   -0.849  1.00 17.61  ? 93  THR A N   1 
ATOM   729  C CA  . THR A 1 93  ? 3.477   1.947   0.058   1.00 16.39  ? 93  THR A CA  1 
ATOM   730  C C   . THR A 1 93  ? 2.512   0.786   0.198   1.00 20.53  ? 93  THR A C   1 
ATOM   731  O O   . THR A 1 93  ? 1.322   1.004   0.438   1.00 16.60  ? 93  THR A O   1 
ATOM   732  C CB  . THR A 1 93  ? 3.752   2.546   1.432   1.00 16.96  ? 93  THR A CB  1 
ATOM   733  O OG1 . THR A 1 93  ? 4.600   3.697   1.290   1.00 16.95  ? 93  THR A OG1 1 
ATOM   734  C CG2 . THR A 1 93  ? 4.419   1.495   2.356   1.00 16.84  ? 93  THR A CG2 1 
ATOM   735  N N   . VAL A 1 94  ? 3.029   -0.430  0.048   1.00 17.90  ? 94  VAL A N   1 
ATOM   736  C CA  . VAL A 1 94  ? 2.235   -1.642  0.232   1.00 16.94  ? 94  VAL A CA  1 
ATOM   737  C C   . VAL A 1 94  ? 2.826   -2.468  1.363   1.00 20.30  ? 94  VAL A C   1 
ATOM   738  O O   . VAL A 1 94  ? 3.934   -2.972  1.254   1.00 18.13  ? 94  VAL A O   1 
ATOM   739  C CB  . VAL A 1 94  ? 2.186   -2.498  -1.048  1.00 16.64  ? 94  VAL A CB  1 
ATOM   740  C CG1 . VAL A 1 94  ? 1.364   -3.770  -0.815  1.00 21.39  ? 94  VAL A CG1 1 
ATOM   741  C CG2 . VAL A 1 94  ? 1.627   -1.679  -2.211  1.00 16.38  ? 94  VAL A CG2 1 
ATOM   742  N N   . LYS A 1 95  ? 2.079   -2.587  2.452   1.00 15.78  ? 95  LYS A N   1 
ATOM   743  C CA  . LYS A 1 95  ? 2.534   -3.296  3.643   1.00 14.83  ? 95  LYS A CA  1 
ATOM   744  C C   . LYS A 1 95  ? 1.805   -4.620  3.760   1.00 19.70  ? 95  LYS A C   1 
ATOM   745  O O   . LYS A 1 95  ? 0.581   -4.639  3.816   1.00 16.86  ? 95  LYS A O   1 
ATOM   746  C CB  . LYS A 1 95  ? 2.287   -2.425  4.885   1.00 18.81  ? 95  LYS A CB  1 
ATOM   747  C CG  . LYS A 1 95  ? 2.387   -3.137  6.242   1.00 16.01  ? 95  LYS A CG  1 
ATOM   748  C CD  . LYS A 1 95  ? 3.792   -3.603  6.591   1.00 16.76  ? 95  LYS A CD  1 
ATOM   749  C CE  . LYS A 1 95  ? 3.880   -3.962  8.081   1.00 19.74  ? 95  LYS A CE  1 
ATOM   750  N NZ  . LYS A 1 95  ? 5.190   -4.587  8.466   1.00 21.14  ? 95  LYS A NZ  1 
ATOM   751  N N   . LYS A 1 96  ? 2.549   -5.720  3.789   1.00 19.48  ? 96  LYS A N   1 
ATOM   752  C CA  . LYS A 1 96  ? 1.955   -7.052  3.882   1.00 20.25  ? 96  LYS A CA  1 
ATOM   753  C C   . LYS A 1 96  ? 1.550   -7.406  5.318   1.00 20.57  ? 96  LYS A C   1 
ATOM   754  O O   . LYS A 1 96  ? 2.309   -7.164  6.247   1.00 20.95  ? 96  LYS A O   1 
ATOM   755  C CB  . LYS A 1 96  ? 2.950   -8.098  3.346   1.00 22.35  ? 96  LYS A CB  1 
ATOM   756  C CG  . LYS A 1 96  ? 2.415   -9.526  3.331   1.00 28.50  ? 96  LYS A CG  1 
ATOM   757  C CD  . LYS A 1 96  ? 3.422   -10.480 2.718   1.00 26.89  ? 96  LYS A CD  1 
ATOM   758  C CE  . LYS A 1 96  ? 3.197   -11.900 3.197   1.00 41.31  ? 96  LYS A CE  1 
ATOM   759  N NZ  . LYS A 1 96  ? 3.325   -11.974 4.674   1.00 56.59  ? 96  LYS A NZ  1 
ATOM   760  N N   . THR A 1 97  ? 0.354   -7.975  5.509   1.00 17.87  ? 97  THR A N   1 
ATOM   761  C CA  . THR A 1 97  ? 0.035   -8.557  6.809   1.00 16.31  ? 97  THR A CA  1 
ATOM   762  C C   . THR A 1 97  ? -0.113  -10.063 6.597   1.00 20.85  ? 97  THR A C   1 
ATOM   763  O O   . THR A 1 97  ? 0.269   -10.556 5.544   1.00 20.40  ? 97  THR A O   1 
ATOM   764  C CB  . THR A 1 97  ? -1.237  -7.957  7.441   1.00 21.06  ? 97  THR A CB  1 
ATOM   765  O OG1 . THR A 1 97  ? -2.402  -8.397  6.722   1.00 18.46  ? 97  THR A OG1 1 
ATOM   766  C CG2 . THR A 1 97  ? -1.157  -6.435  7.427   1.00 19.47  ? 97  THR A CG2 1 
ATOM   767  N N   . ASN A 1 98  ? -0.654  -10.802 7.565   1.00 19.37  ? 98  ASN A N   1 
ATOM   768  C CA  . ASN A 1 98  ? -0.721  -12.252 7.344   1.00 23.28  ? 98  ASN A CA  1 
ATOM   769  C C   . ASN A 1 98  ? -1.668  -12.640 6.211   1.00 23.69  ? 98  ASN A C   1 
ATOM   770  O O   . ASN A 1 98  ? -1.390  -13.576 5.459   1.00 21.00  ? 98  ASN A O   1 
ATOM   771  C CB  . ASN A 1 98  ? -1.130  -13.005 8.599   1.00 22.62  ? 98  ASN A CB  1 
ATOM   772  C CG  . ASN A 1 98  ? -1.230  -14.515 8.344   1.00 37.32  ? 98  ASN A CG  1 
ATOM   773  O OD1 . ASN A 1 98  ? -2.324  -15.091 8.325   1.00 34.37  ? 98  ASN A OD1 1 
ATOM   774  N ND2 . ASN A 1 98  ? -0.086  -15.147 8.108   1.00 47.77  ? 98  ASN A ND2 1 
ATOM   775  N N   . GLN A 1 99  ? -2.779  -11.925 6.050   1.00 20.17  ? 99  GLN A N   1 
ATOM   776  C CA  A GLN A 1 99  ? -3.756  -12.272 5.023   0.49 21.21  ? 99  GLN A CA  1 
ATOM   777  C CA  B GLN A 1 99  ? -3.690  -12.281 4.964   0.51 21.21  ? 99  GLN A CA  1 
ATOM   778  C C   . GLN A 1 99  ? -4.191  -11.089 4.164   1.00 24.84  ? 99  GLN A C   1 
ATOM   779  O O   . GLN A 1 99  ? -5.010  -11.246 3.258   1.00 20.08  ? 99  GLN A O   1 
ATOM   780  C CB  A GLN A 1 99  ? -4.983  -12.913 5.678   0.49 27.95  ? 99  GLN A CB  1 
ATOM   781  C CB  B GLN A 1 99  ? -4.884  -13.068 5.505   0.51 28.31  ? 99  GLN A CB  1 
ATOM   782  C CG  A GLN A 1 99  ? -5.475  -12.173 6.911   0.49 29.27  ? 99  GLN A CG  1 
ATOM   783  C CG  B GLN A 1 99  ? -5.951  -12.225 6.160   0.51 20.95  ? 99  GLN A CG  1 
ATOM   784  C CD  A GLN A 1 99  ? -5.825  -13.107 8.070   0.49 29.72  ? 99  GLN A CD  1 
ATOM   785  C CD  B GLN A 1 99  ? -7.015  -13.079 6.827   0.51 31.18  ? 99  GLN A CD  1 
ATOM   786  O OE1 A GLN A 1 99  ? -4.949  -13.571 8.812   0.49 20.22  ? 99  GLN A OE1 1 
ATOM   787  O OE1 B GLN A 1 99  ? -7.019  -13.238 8.048   0.51 31.72  ? 99  GLN A OE1 1 
ATOM   788  N NE2 A GLN A 1 99  ? -7.113  -13.380 8.226   0.49 32.65  ? 99  GLN A NE2 1 
ATOM   789  N NE2 B GLN A 1 99  ? -7.914  -13.645 6.024   0.51 26.21  ? 99  GLN A NE2 1 
ATOM   790  N N   . ALA A 1 100 ? -3.668  -9.904  4.463   1.00 21.52  ? 100 ALA A N   1 
ATOM   791  C CA  . ALA A 1 100 ? -4.090  -8.713  3.741   1.00 21.37  ? 100 ALA A CA  1 
ATOM   792  C C   . ALA A 1 100 ? -2.916  -7.840  3.295   1.00 17.31  ? 100 ALA A C   1 
ATOM   793  O O   . ALA A 1 100 ? -1.756  -8.193  3.468   1.00 21.19  ? 100 ALA A O   1 
ATOM   794  C CB  . ALA A 1 100 ? -5.057  -7.887  4.601   1.00 16.62  ? 100 ALA A CB  1 
ATOM   795  N N   . LEU A 1 101 ? -3.268  -6.705  2.708   1.00 16.43  ? 101 LEU A N   1 
ATOM   796  C CA  . LEU A 1 101 ? -2.335  -5.702  2.213   1.00 20.64  ? 101 LEU A CA  1 
ATOM   797  C C   . LEU A 1 101 ? -2.850  -4.362  2.679   1.00 24.47  ? 101 LEU A C   1 
ATOM   798  O O   . LEU A 1 101 ? -4.035  -4.084  2.527   1.00 18.72  ? 101 LEU A O   1 
ATOM   799  C CB  . LEU A 1 101 ? -2.261  -5.714  0.684   1.00 22.43  ? 101 LEU A CB  1 
ATOM   800  C CG  . LEU A 1 101 ? -1.893  -7.028  0.003   1.00 23.03  ? 101 LEU A CG  1 
ATOM   801  C CD1 . LEU A 1 101 ? -2.177  -6.945  -1.494  1.00 21.54  ? 101 LEU A CD1 1 
ATOM   802  C CD2 . LEU A 1 101 ? -0.417  -7.370  0.286   1.00 17.76  ? 101 LEU A CD2 1 
ATOM   803  N N   . ILE A 1 102 ? -1.979  -3.534  3.239   1.00 16.92  ? 102 ILE A N   1 
ATOM   804  C CA  . ILE A 1 102 ? -2.354  -2.173  3.596   1.00 16.20  ? 102 ILE A CA  1 
ATOM   805  C C   . ILE A 1 102 ? -1.686  -1.272  2.570   1.00 19.60  ? 102 ILE A C   1 
ATOM   806  O O   . ILE A 1 102 ? -0.472  -1.360  2.380   1.00 19.68  ? 102 ILE A O   1 
ATOM   807  C CB  . ILE A 1 102 ? -1.889  -1.775  5.030   1.00 15.73  ? 102 ILE A CB  1 
ATOM   808  C CG1 . ILE A 1 102 ? -2.068  -2.942  6.004   1.00 17.95  ? 102 ILE A CG1 1 
ATOM   809  C CG2 . ILE A 1 102 ? -2.618  -0.501  5.502   1.00 17.98  ? 102 ILE A CG2 1 
ATOM   810  C CD1 . ILE A 1 102 ? -3.533  -3.349  6.212   1.00 19.94  ? 102 ILE A CD1 1 
ATOM   811  N N   . ILE A 1 103 ? -2.470  -0.423  1.902   1.00 15.20  ? 103 ILE A N   1 
ATOM   812  C CA  . ILE A 1 103 ? -1.931  0.381   0.812   1.00 18.38  ? 103 ILE A CA  1 
ATOM   813  C C   . ILE A 1 103 ? -2.250  1.862   0.985   1.00 20.55  ? 103 ILE A C   1 
ATOM   814  O O   . ILE A 1 103 ? -3.374  2.230   1.298   1.00 17.12  ? 103 ILE A O   1 
ATOM   815  C CB  . ILE A 1 103 ? -2.469  -0.125  -0.540  1.00 16.95  ? 103 ILE A CB  1 
ATOM   816  C CG1 . ILE A 1 103 ? -2.171  -1.633  -0.669  1.00 20.48  ? 103 ILE A CG1 1 
ATOM   817  C CG2 . ILE A 1 103 ? -1.862  0.682   -1.699  1.00 17.37  ? 103 ILE A CG2 1 
ATOM   818  C CD1 . ILE A 1 103 ? -2.722  -2.286  -1.923  1.00 22.54  ? 103 ILE A CD1 1 
ATOM   819  N N   . GLY A 1 104 ? -1.232  2.702   0.839   1.00 16.22  ? 104 GLY A N   1 
ATOM   820  C CA  . GLY A 1 104 ? -1.441  4.138   0.829   1.00 17.49  ? 104 GLY A CA  1 
ATOM   821  C C   . GLY A 1 104 ? -0.817  4.726   -0.422  1.00 17.50  ? 104 GLY A C   1 
ATOM   822  O O   . GLY A 1 104 ? 0.301   4.364   -0.791  1.00 18.80  ? 104 GLY A O   1 
ATOM   823  N N   . ILE A 1 105 ? -1.545  5.634   -1.064  1.00 20.42  ? 105 ILE A N   1 
ATOM   824  C CA  . ILE A 1 105 ? -1.044  6.390   -2.213  1.00 18.12  ? 105 ILE A CA  1 
ATOM   825  C C   . ILE A 1 105 ? -0.921  7.867   -1.837  1.00 16.72  ? 105 ILE A C   1 
ATOM   826  O O   . ILE A 1 105 ? -1.862  8.455   -1.295  1.00 20.78  ? 105 ILE A O   1 
ATOM   827  C CB  . ILE A 1 105 ? -1.980  6.233   -3.425  1.00 23.46  ? 105 ILE A CB  1 
ATOM   828  C CG1 . ILE A 1 105 ? -2.135  4.752   -3.768  1.00 17.53  ? 105 ILE A CG1 1 
ATOM   829  C CG2 . ILE A 1 105 ? -1.443  7.014   -4.630  1.00 20.81  ? 105 ILE A CG2 1 
ATOM   830  C CD1 . ILE A 1 105 ? -3.190  4.461   -4.829  1.00 28.57  ? 105 ILE A CD1 1 
ATOM   831  N N   . TYR A 1 106 ? 0.235   8.467   -2.103  1.00 21.20  ? 106 TYR A N   1 
ATOM   832  C CA  . TYR A 1 106 ? 0.451   9.868   -1.732  1.00 23.97  ? 106 TYR A CA  1 
ATOM   833  C C   . TYR A 1 106 ? 0.868   10.716  -2.933  1.00 27.81  ? 106 TYR A C   1 
ATOM   834  O O   . TYR A 1 106 ? 1.323   10.198  -3.954  1.00 23.95  ? 106 TYR A O   1 
ATOM   835  C CB  . TYR A 1 106 ? 1.528   9.990   -0.637  1.00 21.94  ? 106 TYR A CB  1 
ATOM   836  C CG  . TYR A 1 106 ? 2.926   9.695   -1.151  1.00 23.60  ? 106 TYR A CG  1 
ATOM   837  C CD1 . TYR A 1 106 ? 3.410   8.393   -1.197  1.00 22.01  ? 106 TYR A CD1 1 
ATOM   838  C CD2 . TYR A 1 106 ? 3.764   10.722  -1.593  1.00 25.54  ? 106 TYR A CD2 1 
ATOM   839  C CE1 . TYR A 1 106 ? 4.687   8.116   -1.665  1.00 21.42  ? 106 TYR A CE1 1 
ATOM   840  C CE2 . TYR A 1 106 ? 5.036   10.454  -2.077  1.00 22.45  ? 106 TYR A CE2 1 
ATOM   841  C CZ  . TYR A 1 106 ? 5.491   9.154   -2.112  1.00 23.37  ? 106 TYR A CZ  1 
ATOM   842  O OH  . TYR A 1 106 ? 6.751   8.882   -2.588  1.00 24.81  ? 106 TYR A OH  1 
ATOM   843  N N   . ASP A 1 107 ? 0.710   12.023  -2.768  1.00 27.34  ? 107 ASP A N   1 
ATOM   844  C CA  A ASP A 1 107 ? 1.217   12.998  -3.726  0.57 26.95  ? 107 ASP A CA  1 
ATOM   845  C CA  B ASP A 1 107 ? 1.176   13.015  -3.725  0.43 26.99  ? 107 ASP A CA  1 
ATOM   846  C C   . ASP A 1 107 ? 1.789   14.164  -2.932  1.00 27.85  ? 107 ASP A C   1 
ATOM   847  O O   . ASP A 1 107 ? 1.522   14.294  -1.739  1.00 25.34  ? 107 ASP A O   1 
ATOM   848  C CB  A ASP A 1 107 ? 0.113   13.467  -4.679  0.57 31.20  ? 107 ASP A CB  1 
ATOM   849  C CB  B ASP A 1 107 ? 0.021   13.509  -4.609  0.43 31.05  ? 107 ASP A CB  1 
ATOM   850  C CG  A ASP A 1 107 ? 0.641   14.352  -5.808  0.57 42.28  ? 107 ASP A CG  1 
ATOM   851  C CG  B ASP A 1 107 ? -0.519  12.427  -5.532  0.43 42.28  ? 107 ASP A CG  1 
ATOM   852  O OD1 A ASP A 1 107 ? 1.824   14.217  -6.195  0.57 27.86  ? 107 ASP A OD1 1 
ATOM   853  O OD1 B ASP A 1 107 ? -0.040  12.334  -6.682  0.43 33.42  ? 107 ASP A OD1 1 
ATOM   854  O OD2 A ASP A 1 107 ? -0.137  15.184  -6.313  0.57 46.18  ? 107 ASP A OD2 1 
ATOM   855  O OD2 B ASP A 1 107 ? -1.421  11.676  -5.109  0.43 46.18  ? 107 ASP A OD2 1 
ATOM   856  N N   . GLU A 1 108 ? 2.594   15.002  -3.583  1.00 28.66  ? 108 GLU A N   1 
ATOM   857  C CA  . GLU A 1 108 ? 3.126   16.187  -2.912  1.00 27.80  ? 108 GLU A CA  1 
ATOM   858  C C   . GLU A 1 108 ? 1.946   16.985  -2.343  1.00 22.30  ? 108 GLU A C   1 
ATOM   859  O O   . GLU A 1 108 ? 0.857   16.958  -2.913  1.00 26.51  ? 108 GLU A O   1 
ATOM   860  C CB  . GLU A 1 108 ? 3.954   17.036  -3.885  1.00 35.48  ? 108 GLU A CB  1 
ATOM   861  C CG  . GLU A 1 108 ? 3.162   17.488  -5.093  1.00 36.68  ? 108 GLU A CG  1 
ATOM   862  C CD  . GLU A 1 108 ? 4.028   18.103  -6.179  1.00 54.18  ? 108 GLU A CD  1 
ATOM   863  O OE1 . GLU A 1 108 ? 5.182   18.477  -5.884  1.00 51.99  ? 108 GLU A OE1 1 
ATOM   864  O OE2 . GLU A 1 108 ? 3.552   18.206  -7.331  1.00 52.63  ? 108 GLU A OE2 1 
ATOM   865  N N   . PRO A 1 109 ? 2.142   17.667  -1.204  1.00 25.56  ? 109 PRO A N   1 
ATOM   866  C CA  . PRO A 1 109 ? 3.387   17.822  -0.445  1.00 28.51  ? 109 PRO A CA  1 
ATOM   867  C C   . PRO A 1 109 ? 3.687   16.679  0.528   1.00 34.18  ? 109 PRO A C   1 
ATOM   868  O O   . PRO A 1 109 ? 4.681   16.766  1.257   1.00 25.04  ? 109 PRO A O   1 
ATOM   869  C CB  . PRO A 1 109 ? 3.139   19.107  0.341   1.00 31.40  ? 109 PRO A CB  1 
ATOM   870  C CG  . PRO A 1 109 ? 1.682   19.023  0.667   1.00 30.84  ? 109 PRO A CG  1 
ATOM   871  C CD  . PRO A 1 109 ? 1.028   18.386  -0.557  1.00 30.45  ? 109 PRO A CD  1 
ATOM   872  N N   . MET A 1 110 ? 2.842   15.649  0.570   1.00 28.01  ? 110 MET A N   1 
ATOM   873  C CA  . MET A 1 110 ? 3.102   14.533  1.478   1.00 20.19  ? 110 MET A CA  1 
ATOM   874  C C   . MET A 1 110 ? 4.388   13.824  1.065   1.00 27.73  ? 110 MET A C   1 
ATOM   875  O O   . MET A 1 110 ? 4.673   13.688  -0.136  1.00 25.54  ? 110 MET A O   1 
ATOM   876  C CB  . MET A 1 110 ? 1.927   13.555  1.495   1.00 21.26  ? 110 MET A CB  1 
ATOM   877  C CG  . MET A 1 110 ? 2.077   12.410  2.510   1.00 22.46  ? 110 MET A CG  1 
ATOM   878  S SD  . MET A 1 110 ? 0.512   11.520  2.713   1.00 27.03  ? 110 MET A SD  1 
ATOM   879  C CE  . MET A 1 110 ? 0.823   10.547  4.198   1.00 19.80  ? 110 MET A CE  1 
ATOM   880  N N   . THR A 1 111 ? 5.160   13.371  2.052   1.00 21.91  ? 111 THR A N   1 
ATOM   881  C CA  . THR A 1 111 ? 6.472   12.781  1.796   1.00 26.64  ? 111 THR A CA  1 
ATOM   882  C C   . THR A 1 111 ? 6.395   11.257  1.765   1.00 23.20  ? 111 THR A C   1 
ATOM   883  O O   . THR A 1 111 ? 5.451   10.677  2.311   1.00 24.11  ? 111 THR A O   1 
ATOM   884  C CB  . THR A 1 111 ? 7.495   13.205  2.862   1.00 24.86  ? 111 THR A CB  1 
ATOM   885  O OG1 . THR A 1 111 ? 7.213   12.524  4.100   1.00 21.37  ? 111 THR A OG1 1 
ATOM   886  C CG2 . THR A 1 111 ? 7.466   14.729  3.063   1.00 25.82  ? 111 THR A CG2 1 
ATOM   887  N N   . PRO A 1 112 ? 7.387   10.607  1.131   1.00 19.55  ? 112 PRO A N   1 
ATOM   888  C CA  . PRO A 1 112 ? 7.461   9.148   1.175   1.00 21.04  ? 112 PRO A CA  1 
ATOM   889  C C   . PRO A 1 112 ? 7.485   8.613   2.614   1.00 21.23  ? 112 PRO A C   1 
ATOM   890  O O   . PRO A 1 112 ? 6.821   7.609   2.910   1.00 23.53  ? 112 PRO A O   1 
ATOM   891  C CB  . PRO A 1 112 ? 8.775   8.844   0.441   1.00 26.49  ? 112 PRO A CB  1 
ATOM   892  C CG  . PRO A 1 112 ? 8.905   9.975   -0.539  1.00 24.67  ? 112 PRO A CG  1 
ATOM   893  C CD  . PRO A 1 112 ? 8.370   11.183  0.186   1.00 23.36  ? 112 PRO A CD  1 
ATOM   894  N N   . GLY A 1 113 ? 8.229   9.288   3.491   1.00 20.58  ? 113 GLY A N   1 
ATOM   895  C CA  . GLY A 1 113 ? 8.357   8.860   4.871   1.00 20.53  ? 113 GLY A CA  1 
ATOM   896  C C   . GLY A 1 113 ? 7.033   8.902   5.611   1.00 23.49  ? 113 GLY A C   1 
ATOM   897  O O   . GLY A 1 113 ? 6.745   8.033   6.442   1.00 21.17  ? 113 GLY A O   1 
ATOM   898  N N   . GLN A 1 114 ? 6.219   9.909   5.305   1.00 17.25  ? 114 GLN A N   1 
ATOM   899  C CA  . GLN A 1 114 ? 4.912   10.048  5.940   1.00 19.88  ? 114 GLN A CA  1 
ATOM   900  C C   . GLN A 1 114 ? 3.961   8.941   5.486   1.00 19.44  ? 114 GLN A C   1 
ATOM   901  O O   . GLN A 1 114 ? 3.240   8.330   6.297   1.00 17.42  ? 114 GLN A O   1 
ATOM   902  C CB  . GLN A 1 114 ? 4.328   11.432  5.640   1.00 17.82  ? 114 GLN A CB  1 
ATOM   903  C CG  . GLN A 1 114 ? 5.032   12.541  6.450   1.00 21.23  ? 114 GLN A CG  1 
ATOM   904  C CD  . GLN A 1 114 ? 4.805   13.934  5.886   1.00 26.58  ? 114 GLN A CD  1 
ATOM   905  O OE1 . GLN A 1 114 ? 4.208   14.094  4.829   1.00 23.07  ? 114 GLN A OE1 1 
ATOM   906  N NE2 . GLN A 1 114 ? 5.298   14.951  6.598   1.00 22.07  ? 114 GLN A NE2 1 
ATOM   907  N N   . CYS A 1 115 ? 3.966   8.667   4.190   1.00 17.35  ? 115 CYS A N   1 
ATOM   908  C CA  . CYS A 1 115 ? 3.180   7.559   3.666   1.00 17.53  ? 115 CYS A CA  1 
ATOM   909  C C   . CYS A 1 115 ? 3.652   6.219   4.264   1.00 22.45  ? 115 CYS A C   1 
ATOM   910  O O   . CYS A 1 115 ? 2.839   5.418   4.730   1.00 19.26  ? 115 CYS A O   1 
ATOM   911  C CB  . CYS A 1 115 ? 3.259   7.533   2.142   1.00 20.54  ? 115 CYS A CB  1 
ATOM   912  S SG  . CYS A 1 115 ? 2.277   6.185   1.399   1.00 20.14  ? 115 CYS A SG  1 
ATOM   913  N N   . ASN A 1 116 ? 4.964   5.987   4.268   1.00 15.61  ? 116 ASN A N   1 
ATOM   914  C CA  . ASN A 1 116 ? 5.521   4.776   4.878   1.00 20.20  ? 116 ASN A CA  1 
ATOM   915  C C   . ASN A 1 116 ? 5.071   4.628   6.316   1.00 19.60  ? 116 ASN A C   1 
ATOM   916  O O   . ASN A 1 116 ? 4.678   3.551   6.731   1.00 16.61  ? 116 ASN A O   1 
ATOM   917  C CB  . ASN A 1 116 ? 7.058   4.767   4.854   1.00 18.65  ? 116 ASN A CB  1 
ATOM   918  C CG  . ASN A 1 116 ? 7.628   4.711   3.463   1.00 21.89  ? 116 ASN A CG  1 
ATOM   919  O OD1 . ASN A 1 116 ? 6.963   4.287   2.518   1.00 21.85  ? 116 ASN A OD1 1 
ATOM   920  N ND2 . ASN A 1 116 ? 8.884   5.145   3.327   1.00 19.55  ? 116 ASN A ND2 1 
ATOM   921  N N   . MET A 1 117 ? 5.119   5.715   7.078   1.00 16.45  ? 117 MET A N   1 
ATOM   922  C CA  . MET A 1 117 ? 4.821   5.614   8.496   1.00 14.68  ? 117 MET A CA  1 
ATOM   923  C C   . MET A 1 117 ? 3.353   5.246   8.724   1.00 17.97  ? 117 MET A C   1 
ATOM   924  O O   . MET A 1 117 ? 3.061   4.314   9.476   1.00 18.35  ? 117 MET A O   1 
ATOM   925  C CB  . MET A 1 117 ? 5.159   6.911   9.229   1.00 21.15  ? 117 MET A CB  1 
ATOM   926  C CG  . MET A 1 117 ? 4.725   6.890   10.712  1.00 21.92  ? 117 MET A CG  1 
ATOM   927  S SD  . MET A 1 117 ? 5.481   5.570   11.709  1.00 27.86  ? 117 MET A SD  1 
ATOM   928  C CE  . MET A 1 117 ? 6.977   6.376   12.262  1.00 29.68  ? 117 MET A CE  1 
ATOM   929  N N   . ILE A 1 118 ? 2.440   5.946   8.061   1.00 15.31  ? 118 ILE A N   1 
ATOM   930  C CA  . ILE A 1 118 ? 1.019   5.747   8.365   1.00 20.37  ? 118 ILE A CA  1 
ATOM   931  C C   . ILE A 1 118 ? 0.599   4.353   7.892   1.00 17.65  ? 118 ILE A C   1 
ATOM   932  O O   . ILE A 1 118 ? -0.155  3.649   8.583   1.00 16.79  ? 118 ILE A O   1 
ATOM   933  C CB  . ILE A 1 118 ? 0.122   6.884   7.748   1.00 19.51  ? 118 ILE A CB  1 
ATOM   934  C CG1 . ILE A 1 118 ? -1.275  6.895   8.396   1.00 22.99  ? 118 ILE A CG1 1 
ATOM   935  C CG2 . ILE A 1 118 ? 0.050   6.801   6.217   1.00 17.98  ? 118 ILE A CG2 1 
ATOM   936  C CD1 . ILE A 1 118 ? -2.056  8.218   8.219   1.00 17.98  ? 118 ILE A CD1 1 
ATOM   937  N N   . VAL A 1 119 ? 1.143   3.914   6.762   1.00 16.60  ? 119 VAL A N   1 
ATOM   938  C CA  . VAL A 1 119 ? 0.759   2.614   6.212   1.00 15.55  ? 119 VAL A CA  1 
ATOM   939  C C   . VAL A 1 119 ? 1.388   1.467   7.000   1.00 18.74  ? 119 VAL A C   1 
ATOM   940  O O   . VAL A 1 119 ? 0.696   0.519   7.409   1.00 16.02  ? 119 VAL A O   1 
ATOM   941  C CB  . VAL A 1 119 ? 1.138   2.503   4.719   1.00 12.17  ? 119 VAL A CB  1 
ATOM   942  C CG1 . VAL A 1 119 ? 0.868   1.111   4.202   1.00 18.03  ? 119 VAL A CG1 1 
ATOM   943  C CG2 . VAL A 1 119 ? 0.314   3.529   3.896   1.00 15.65  ? 119 VAL A CG2 1 
ATOM   944  N N   . GLU A 1 120 ? 2.690   1.561   7.239   1.00 14.18  ? 120 GLU A N   1 
ATOM   945  C CA  . GLU A 1 120 ? 3.410   0.470   7.898   1.00 14.79  ? 120 GLU A CA  1 
ATOM   946  C C   . GLU A 1 120 ? 3.040   0.337   9.370   1.00 15.12  ? 120 GLU A C   1 
ATOM   947  O O   . GLU A 1 120 ? 2.971   -0.773  9.890   1.00 18.64  ? 120 GLU A O   1 
ATOM   948  C CB  . GLU A 1 120 ? 4.922   0.671   7.745   1.00 18.03  ? 120 GLU A CB  1 
ATOM   949  C CG  . GLU A 1 120 ? 5.384   0.537   6.287   1.00 19.41  ? 120 GLU A CG  1 
ATOM   950  C CD  . GLU A 1 120 ? 6.826   0.984   6.084   1.00 26.23  ? 120 GLU A CD  1 
ATOM   951  O OE1 . GLU A 1 120 ? 7.624   0.853   7.023   1.00 29.41  ? 120 GLU A OE1 1 
ATOM   952  O OE2 . GLU A 1 120 ? 7.156   1.474   4.984   1.00 23.46  ? 120 GLU A OE2 1 
ATOM   953  N N   . ARG A 1 121 ? 2.759   1.450   10.044  1.00 16.44  ? 121 ARG A N   1 
ATOM   954  C CA  . ARG A 1 121 ? 2.428   1.350   11.464  1.00 15.06  ? 121 ARG A CA  1 
ATOM   955  C C   . ARG A 1 121 ? 1.075   0.646   11.629  1.00 19.65  ? 121 ARG A C   1 
ATOM   956  O O   . ARG A 1 121 ? 0.931   -0.181  12.533  1.00 16.85  ? 121 ARG A O   1 
ATOM   957  C CB  . ARG A 1 121 ? 2.438   2.726   12.173  1.00 14.00  ? 121 ARG A CB  1 
ATOM   958  C CG  . ARG A 1 121 ? 1.226   3.602   11.888  1.00 17.41  ? 121 ARG A CG  1 
ATOM   959  C CD  . ARG A 1 121 ? 1.371   5.000   12.493  1.00 17.08  ? 121 ARG A CD  1 
ATOM   960  N NE  . ARG A 1 121 ? 0.189   5.810   12.179  1.00 16.27  ? 121 ARG A NE  1 
ATOM   961  C CZ  . ARG A 1 121 ? 0.154   7.135   12.188  1.00 20.49  ? 121 ARG A CZ  1 
ATOM   962  N NH1 . ARG A 1 121 ? 1.249   7.839   12.469  1.00 18.94  ? 121 ARG A NH1 1 
ATOM   963  N NH2 . ARG A 1 121 ? -0.984  7.758   11.898  1.00 17.36  ? 121 ARG A NH2 1 
ATOM   964  N N   . LEU A 1 122 ? 0.098   0.914   10.756  1.00 14.50  ? 122 LEU A N   1 
ATOM   965  C CA  . LEU A 1 122 ? -1.182  0.206   10.886  1.00 16.99  ? 122 LEU A CA  1 
ATOM   966  C C   . LEU A 1 122 ? -1.010  -1.282  10.579  1.00 16.29  ? 122 LEU A C   1 
ATOM   967  O O   . LEU A 1 122 ? -1.573  -2.135  11.272  1.00 18.44  ? 122 LEU A O   1 
ATOM   968  C CB  . LEU A 1 122 ? -2.262  0.804   9.976   1.00 12.90  ? 122 LEU A CB  1 
ATOM   969  C CG  . LEU A 1 122 ? -3.630  0.144   10.152  1.00 18.00  ? 122 LEU A CG  1 
ATOM   970  C CD1 . LEU A 1 122 ? -4.070  0.234   11.611  1.00 17.50  ? 122 LEU A CD1 1 
ATOM   971  C CD2 . LEU A 1 122 ? -4.691  0.788   9.221   1.00 16.21  ? 122 LEU A CD2 1 
ATOM   972  N N   . GLY A 1 123 ? -0.231  -1.592  9.547   1.00 17.16  ? 123 GLY A N   1 
ATOM   973  C CA  . GLY A 1 123 ? 0.052   -2.979  9.217   1.00 18.99  ? 123 GLY A CA  1 
ATOM   974  C C   . GLY A 1 123 ? 0.616   -3.762  10.398  1.00 17.22  ? 123 GLY A C   1 
ATOM   975  O O   . GLY A 1 123 ? 0.183   -4.878  10.668  1.00 17.51  ? 123 GLY A O   1 
ATOM   976  N N   . ASP A 1 124 ? 1.570   -3.173  11.115  1.00 17.17  ? 124 ASP A N   1 
ATOM   977  C CA  . ASP A 1 124 ? 2.174   -3.834  12.274  1.00 21.18  ? 124 ASP A CA  1 
ATOM   978  C C   . ASP A 1 124 ? 1.152   -4.059  13.381  1.00 22.24  ? 124 ASP A C   1 
ATOM   979  O O   . ASP A 1 124 ? 1.147   -5.101  14.032  1.00 19.98  ? 124 ASP A O   1 
ATOM   980  C CB  . ASP A 1 124 ? 3.347   -3.022  12.815  1.00 20.47  ? 124 ASP A CB  1 
ATOM   981  C CG  . ASP A 1 124 ? 4.596   -3.144  11.944  1.00 27.82  ? 124 ASP A CG  1 
ATOM   982  O OD1 . ASP A 1 124 ? 4.700   -4.108  11.155  1.00 28.43  ? 124 ASP A OD1 1 
ATOM   983  O OD2 . ASP A 1 124 ? 5.476   -2.275  12.058  1.00 32.11  ? 124 ASP A OD2 1 
ATOM   984  N N   . TYR A 1 125 ? 0.283   -3.077  13.583  1.00 15.20  ? 125 TYR A N   1 
ATOM   985  C CA  . TYR A 1 125 ? -0.763  -3.178  14.592  1.00 18.39  ? 125 TYR A CA  1 
ATOM   986  C C   . TYR A 1 125 ? -1.776  -4.274  14.206  1.00 23.97  ? 125 TYR A C   1 
ATOM   987  O O   . TYR A 1 125 ? -2.210  -5.060  15.053  1.00 20.92  ? 125 TYR A O   1 
ATOM   988  C CB  . TYR A 1 125 ? -1.439  -1.801  14.770  1.00 16.42  ? 125 TYR A CB  1 
ATOM   989  C CG  . TYR A 1 125 ? -2.568  -1.759  15.773  1.00 17.65  ? 125 TYR A CG  1 
ATOM   990  C CD1 . TYR A 1 125 ? -2.406  -2.281  17.053  1.00 18.34  ? 125 TYR A CD1 1 
ATOM   991  C CD2 . TYR A 1 125 ? -3.790  -1.180  15.449  1.00 21.08  ? 125 TYR A CD2 1 
ATOM   992  C CE1 . TYR A 1 125 ? -3.446  -2.251  17.969  1.00 17.45  ? 125 TYR A CE1 1 
ATOM   993  C CE2 . TYR A 1 125 ? -4.840  -1.134  16.369  1.00 18.59  ? 125 TYR A CE2 1 
ATOM   994  C CZ  . TYR A 1 125 ? -4.655  -1.679  17.627  1.00 18.53  ? 125 TYR A CZ  1 
ATOM   995  O OH  . TYR A 1 125 ? -5.678  -1.656  18.543  1.00 18.18  ? 125 TYR A OH  1 
ATOM   996  N N   . LEU A 1 126 ? -2.127  -4.347  12.923  1.00 18.29  ? 126 LEU A N   1 
ATOM   997  C CA  . LEU A 1 126 ? -3.089  -5.355  12.458  1.00 16.61  ? 126 LEU A CA  1 
ATOM   998  C C   . LEU A 1 126 ? -2.469  -6.752  12.474  1.00 18.35  ? 126 LEU A C   1 
ATOM   999  O O   . LEU A 1 126 ? -3.148  -7.736  12.756  1.00 18.58  ? 126 LEU A O   1 
ATOM   1000 C CB  . LEU A 1 126 ? -3.602  -5.004  11.058  1.00 16.63  ? 126 LEU A CB  1 
ATOM   1001 C CG  . LEU A 1 126 ? -4.487  -3.742  11.074  1.00 16.10  ? 126 LEU A CG  1 
ATOM   1002 C CD1 . LEU A 1 126 ? -4.894  -3.351  9.672   1.00 18.76  ? 126 LEU A CD1 1 
ATOM   1003 C CD2 . LEU A 1 126 ? -5.721  -3.988  11.940  1.00 15.86  ? 126 LEU A CD2 1 
ATOM   1004 N N   . ILE A 1 127 ? -1.175  -6.834  12.180  1.00 14.91  ? 127 ILE A N   1 
ATOM   1005 C CA  . ILE A 1 127 ? -0.464  -8.111  12.262  1.00 17.79  ? 127 ILE A CA  1 
ATOM   1006 C C   . ILE A 1 127 ? -0.524  -8.663  13.680  1.00 23.78  ? 127 ILE A C   1 
ATOM   1007 O O   . ILE A 1 127 ? -0.738  -9.869  13.891  1.00 22.53  ? 127 ILE A O   1 
ATOM   1008 C CB  . ILE A 1 127 ? 1.013   -7.960  11.822  1.00 19.20  ? 127 ILE A CB  1 
ATOM   1009 C CG1 . ILE A 1 127 ? 1.102   -7.862  10.295  1.00 15.40  ? 127 ILE A CG1 1 
ATOM   1010 C CG2 . ILE A 1 127 ? 1.882   -9.126  12.348  1.00 21.56  ? 127 ILE A CG2 1 
ATOM   1011 C CD1 . ILE A 1 127 ? 2.479   -7.408  9.798   1.00 21.85  ? 127 ILE A CD1 1 
ATOM   1012 N N   . ASP A 1 128 ? -0.345  -7.781  14.662  1.00 22.67  ? 128 ASP A N   1 
ATOM   1013 C CA  . ASP A 1 128 ? -0.371  -8.213  16.054  1.00 20.13  ? 128 ASP A CA  1 
ATOM   1014 C C   . ASP A 1 128 ? -1.785  -8.547  16.526  1.00 21.05  ? 128 ASP A C   1 
ATOM   1015 O O   . ASP A 1 128 ? -1.974  -9.037  17.644  1.00 24.30  ? 128 ASP A O   1 
ATOM   1016 C CB  . ASP A 1 128 ? 0.260   -7.151  16.952  1.00 22.78  ? 128 ASP A CB  1 
ATOM   1017 C CG  . ASP A 1 128 ? 1.775   -7.230  16.948  1.00 29.72  ? 128 ASP A CG  1 
ATOM   1018 O OD1 . ASP A 1 128 ? 2.302   -8.219  16.400  1.00 31.77  ? 128 ASP A OD1 1 
ATOM   1019 O OD2 . ASP A 1 128 ? 2.434   -6.329  17.500  1.00 30.18  ? 128 ASP A OD2 1 
ATOM   1020 N N   . GLN A 1 129 ? -2.774  -8.271  15.680  1.00 18.02  ? 129 GLN A N   1 
ATOM   1021 C CA  . GLN A 1 129 ? -4.145  -8.693  15.948  1.00 18.66  ? 129 GLN A CA  1 
ATOM   1022 C C   . GLN A 1 129 ? -4.471  -9.966  15.180  1.00 23.70  ? 129 GLN A C   1 
ATOM   1023 O O   . GLN A 1 129 ? -5.613  -10.430 15.192  1.00 24.39  ? 129 GLN A O   1 
ATOM   1024 C CB  . GLN A 1 129 ? -5.143  -7.603  15.573  1.00 22.51  ? 129 GLN A CB  1 
ATOM   1025 C CG  . GLN A 1 129 ? -5.071  -6.345  16.413  1.00 19.09  ? 129 GLN A CG  1 
ATOM   1026 C CD  . GLN A 1 129 ? -6.058  -5.305  15.927  1.00 24.40  ? 129 GLN A CD  1 
ATOM   1027 O OE1 . GLN A 1 129 ? -7.264  -5.567  15.806  1.00 22.00  ? 129 GLN A OE1 1 
ATOM   1028 N NE2 . GLN A 1 129 ? -5.553  -4.120  15.621  1.00 17.93  ? 129 GLN A NE2 1 
ATOM   1029 N N   . GLY A 1 130 ? -3.473  -10.514 14.496  1.00 23.67  ? 130 GLY A N   1 
ATOM   1030 C CA  . GLY A 1 130 ? -3.651  -11.751 13.761  1.00 23.40  ? 130 GLY A CA  1 
ATOM   1031 C C   . GLY A 1 130 ? -4.125  -11.593 12.324  1.00 28.45  ? 130 GLY A C   1 
ATOM   1032 O O   . GLY A 1 130 ? -4.425  -12.596 11.664  1.00 25.02  ? 130 GLY A O   1 
ATOM   1033 N N   . TYR A 1 131 ? -4.207  -10.353 11.830  1.00 17.13  ? 131 TYR A N   1 
ATOM   1034 C CA  . TYR A 1 131 ? -4.627  -10.137 10.446  1.00 19.61  ? 131 TYR A CA  1 
ATOM   1035 C C   . TYR A 1 131 ? -3.443  -10.169 9.471   1.00 22.04  ? 131 TYR A C   1 
ATOM   1036 O O   . TYR A 1 131 ? -3.646  -10.120 8.258   1.00 22.38  ? 131 TYR A O   1 
ATOM   1037 C CB  . TYR A 1 131 ? -5.387  -8.812  10.308  1.00 17.98  ? 131 TYR A CB  1 
ATOM   1038 C CG  . TYR A 1 131 ? -6.716  -8.806  11.023  1.00 19.75  ? 131 TYR A CG  1 
ATOM   1039 C CD1 . TYR A 1 131 ? -7.793  -9.538  10.528  1.00 25.17  ? 131 TYR A CD1 1 
ATOM   1040 C CD2 . TYR A 1 131 ? -6.901  -8.070  12.186  1.00 28.36  ? 131 TYR A CD2 1 
ATOM   1041 C CE1 . TYR A 1 131 ? -9.020  -9.544  11.181  1.00 29.01  ? 131 TYR A CE1 1 
ATOM   1042 C CE2 . TYR A 1 131 ? -8.129  -8.071  12.849  1.00 35.36  ? 131 TYR A CE2 1 
ATOM   1043 C CZ  . TYR A 1 131 ? -9.182  -8.809  12.337  1.00 34.73  ? 131 TYR A CZ  1 
ATOM   1044 O OH  . TYR A 1 131 ? -10.402 -8.813  12.978  1.00 50.04  ? 131 TYR A OH  1 
ATOM   1045 O OXT . TYR A 1 131 ? -2.267  -10.251 9.847   1.00 18.89  ? 131 TYR A OXT 1 
HETATM 1046 C C1  . GOL B 2 .   ? -7.201  13.672  11.202  1.00 33.09  ? 201 GOL A C1  1 
HETATM 1047 O O1  . GOL B 2 .   ? -8.062  13.921  12.294  1.00 61.03  ? 201 GOL A O1  1 
HETATM 1048 C C2  . GOL B 2 .   ? -7.646  14.455  9.977   1.00 33.15  ? 201 GOL A C2  1 
HETATM 1049 O O2  . GOL B 2 .   ? -8.972  14.126  9.638   1.00 52.51  ? 201 GOL A O2  1 
HETATM 1050 C C3  . GOL B 2 .   ? -7.582  15.945  10.266  1.00 54.83  ? 201 GOL A C3  1 
HETATM 1051 O O3  . GOL B 2 .   ? -7.780  16.624  9.047   1.00 65.39  ? 201 GOL A O3  1 
HETATM 1052 S S   . SO4 C 3 .   ? -8.673  -5.565  -16.206 1.00 113.72 ? 202 SO4 A S   1 
HETATM 1053 O O1  . SO4 C 3 .   ? -9.162  -6.687  -17.004 1.00 82.62  ? 202 SO4 A O1  1 
HETATM 1054 O O2  . SO4 C 3 .   ? -7.279  -5.312  -16.560 1.00 75.81  ? 202 SO4 A O2  1 
HETATM 1055 O O3  . SO4 C 3 .   ? -8.778  -5.905  -14.789 1.00 74.89  ? 202 SO4 A O3  1 
HETATM 1056 O O4  . SO4 C 3 .   ? -9.474  -4.370  -16.473 1.00 77.31  ? 202 SO4 A O4  1 
HETATM 1057 O O   . HOH D 4 .   ? -5.143  -7.577  -9.614  1.00 31.42  ? 301 HOH A O   1 
HETATM 1058 O O   . HOH D 4 .   ? 3.097   -4.027  17.122  1.00 31.25  ? 302 HOH A O   1 
HETATM 1059 O O   . HOH D 4 .   ? -2.741  10.237  -6.634  1.00 46.48  ? 303 HOH A O   1 
HETATM 1060 O O   . HOH D 4 .   ? -8.801  -6.327  -6.256  1.00 42.02  ? 304 HOH A O   1 
HETATM 1061 O O   . HOH D 4 .   ? -16.327 6.133   4.382   1.00 36.46  ? 305 HOH A O   1 
HETATM 1062 O O   . HOH D 4 .   ? -17.581 2.019   9.837   1.00 34.91  ? 306 HOH A O   1 
HETATM 1063 O O   . HOH D 4 .   ? 5.078   -5.347  -13.472 1.00 36.70  ? 307 HOH A O   1 
HETATM 1064 O O   . HOH D 4 .   ? 2.694   10.965  -9.313  1.00 42.55  ? 308 HOH A O   1 
HETATM 1065 O O   . HOH D 4 .   ? -11.043 -14.409 -4.312  1.00 22.01  ? 309 HOH A O   1 
HETATM 1066 O O   . HOH D 4 .   ? -9.401  -3.922  15.670  1.00 27.45  ? 310 HOH A O   1 
HETATM 1067 O O   . HOH D 4 .   ? 4.774   -6.970  6.908   1.00 27.40  ? 311 HOH A O   1 
HETATM 1068 O O   . HOH D 4 .   ? -2.329  3.855   -8.365  1.00 32.40  ? 312 HOH A O   1 
HETATM 1069 O O   . HOH D 4 .   ? 10.753  -0.581  -11.102 1.00 25.60  ? 313 HOH A O   1 
HETATM 1070 O O   . HOH D 4 .   ? -0.960  -11.573 11.645  1.00 23.46  ? 314 HOH A O   1 
HETATM 1071 O O   . HOH D 4 .   ? 6.403   -9.836  -8.931  1.00 38.00  ? 315 HOH A O   1 
HETATM 1072 O O   . HOH D 4 .   ? -14.775 0.621   1.105   1.00 28.36  ? 316 HOH A O   1 
HETATM 1073 O O   . HOH D 4 .   ? 6.036   14.206  -2.491  1.00 31.24  ? 317 HOH A O   1 
HETATM 1074 O O   . HOH D 4 .   ? -7.906  11.786  -3.273  1.00 34.69  ? 318 HOH A O   1 
HETATM 1075 O O   . HOH D 4 .   ? -1.115  18.868  3.020   1.00 47.33  ? 319 HOH A O   1 
HETATM 1076 O O   . HOH D 4 .   ? 10.930  -5.980  -6.820  1.00 27.08  ? 320 HOH A O   1 
HETATM 1077 O O   . HOH D 4 .   ? 1.167   -4.878  -9.387  1.00 26.33  ? 321 HOH A O   1 
HETATM 1078 O O   . HOH D 4 .   ? -1.714  -3.292  -14.813 1.00 36.56  ? 322 HOH A O   1 
HETATM 1079 O O   . HOH D 4 .   ? -11.606 7.438   3.480   1.00 34.06  ? 323 HOH A O   1 
HETATM 1080 O O   . HOH D 4 .   ? -3.489  10.159  5.466   1.00 19.98  ? 324 HOH A O   1 
HETATM 1081 O O   . HOH D 4 .   ? -6.938  12.930  1.030   1.00 39.24  ? 325 HOH A O   1 
HETATM 1082 O O   . HOH D 4 .   ? 8.884   13.266  6.037   1.00 30.73  ? 326 HOH A O   1 
HETATM 1083 O O   . HOH D 4 .   ? 7.476   6.319   -2.471  1.00 22.40  ? 327 HOH A O   1 
HETATM 1084 O O   . HOH D 4 .   ? 8.510   12.760  -3.276  1.00 32.72  ? 328 HOH A O   1 
HETATM 1085 O O   . HOH D 4 .   ? -15.971 -2.795  4.200   1.00 29.58  ? 329 HOH A O   1 
HETATM 1086 O O   . HOH D 4 .   ? 1.057   -14.492 4.874   1.00 37.03  ? 330 HOH A O   1 
HETATM 1087 O O   . HOH D 4 .   ? -1.262  10.526  12.166  1.00 26.73  ? 331 HOH A O   1 
HETATM 1088 O O   . HOH D 4 .   ? -9.355  8.595   -1.585  1.00 24.03  ? 332 HOH A O   1 
HETATM 1089 O O   . HOH D 4 .   ? 13.190  -0.310  -9.506  1.00 23.25  ? 333 HOH A O   1 
HETATM 1090 O O   . HOH D 4 .   ? -0.425  7.851   -8.011  1.00 38.86  ? 334 HOH A O   1 
HETATM 1091 O O   . HOH D 4 .   ? -1.754  4.332   10.648  1.00 16.02  ? 335 HOH A O   1 
HETATM 1092 O O   . HOH D 4 .   ? -1.356  12.768  -0.761  1.00 24.82  ? 336 HOH A O   1 
HETATM 1093 O O   . HOH D 4 .   ? -12.774 8.268   1.162   1.00 35.44  ? 337 HOH A O   1 
HETATM 1094 O O   . HOH D 4 .   ? 8.762   6.738   7.749   1.00 32.56  ? 338 HOH A O   1 
HETATM 1095 O O   . HOH D 4 .   ? 9.953   -2.038  -2.523  1.00 22.98  ? 339 HOH A O   1 
HETATM 1096 O O   . HOH D 4 .   ? -9.013  -7.521  16.588  1.00 35.45  ? 340 HOH A O   1 
HETATM 1097 O O   . HOH D 4 .   ? 9.152   3.017   7.734   1.00 43.69  ? 341 HOH A O   1 
HETATM 1098 O O   . HOH D 4 .   ? 1.228   -14.204 -6.898  1.00 35.17  ? 342 HOH A O   1 
HETATM 1099 O O   . HOH D 4 .   ? 13.905  -3.404  -1.407  1.00 32.78  ? 343 HOH A O   1 
HETATM 1100 O O   . HOH D 4 .   ? 12.656  3.546   -0.008  1.00 26.06  ? 344 HOH A O   1 
HETATM 1101 O O   . HOH D 4 .   ? 1.761   10.445  13.238  1.00 33.75  ? 345 HOH A O   1 
HETATM 1102 O O   . HOH D 4 .   ? -3.748  -13.125 -5.283  1.00 36.27  ? 346 HOH A O   1 
HETATM 1103 O O   . HOH D 4 .   ? -14.781 -10.710 -1.708  1.00 22.50  ? 347 HOH A O   1 
HETATM 1104 O O   . HOH D 4 .   ? -9.609  -11.618 1.517   1.00 21.07  ? 348 HOH A O   1 
HETATM 1105 O O   . HOH D 4 .   ? -14.990 4.435   0.121   1.00 40.43  ? 349 HOH A O   1 
HETATM 1106 O O   . HOH D 4 .   ? -9.466  -1.572  -5.228  1.00 28.96  ? 350 HOH A O   1 
HETATM 1107 O O   . HOH D 4 .   ? -7.795  -9.945  16.875  1.00 41.36  ? 351 HOH A O   1 
HETATM 1108 O O   . HOH D 4 .   ? 15.162  -6.625  -8.816  1.00 40.51  ? 352 HOH A O   1 
HETATM 1109 O O   . HOH D 4 .   ? -3.385  6.388   12.456  1.00 22.50  ? 353 HOH A O   1 
HETATM 1110 O O   . HOH D 4 .   ? 1.511   4.851   -15.392 1.00 40.20  ? 354 HOH A O   1 
HETATM 1111 O O   . HOH D 4 .   ? -15.809 4.995   8.723   1.00 40.03  ? 355 HOH A O   1 
HETATM 1112 O O   . HOH D 4 .   ? -8.918  9.876   12.967  1.00 43.52  ? 356 HOH A O   1 
HETATM 1113 O O   . HOH D 4 .   ? -3.468  -13.290 -11.843 1.00 49.24  ? 357 HOH A O   1 
HETATM 1114 O O   . HOH D 4 .   ? -11.504 -9.335  7.546   1.00 28.33  ? 358 HOH A O   1 
HETATM 1115 O O   . HOH D 4 .   ? -18.017 0.779   3.706   1.00 37.45  ? 359 HOH A O   1 
HETATM 1116 O O   . HOH D 4 .   ? 7.762   -3.819  11.327  1.00 40.74  ? 360 HOH A O   1 
HETATM 1117 O O   . HOH D 4 .   ? 7.246   -2.635  8.130   1.00 28.94  ? 361 HOH A O   1 
HETATM 1118 O O   . HOH D 4 .   ? 7.578   -5.927  9.284   1.00 35.60  ? 362 HOH A O   1 
HETATM 1119 O O   . HOH D 4 .   ? 0.601   9.549   -6.737  1.00 38.85  ? 363 HOH A O   1 
HETATM 1120 O O   . HOH D 4 .   ? -8.340  12.563  4.054   1.00 34.20  ? 364 HOH A O   1 
HETATM 1121 O O   . HOH D 4 .   ? 10.189  -5.436  -1.071  1.00 33.50  ? 365 HOH A O   1 
HETATM 1122 O O   . HOH D 4 .   ? 9.313   -8.161  -0.948  1.00 28.30  ? 366 HOH A O   1 
HETATM 1123 O O   . HOH D 4 .   ? -13.631 -6.702  -3.615  1.00 32.02  ? 367 HOH A O   1 
HETATM 1124 O O   . HOH D 4 .   ? -3.685  17.531  3.091   1.00 47.59  ? 368 HOH A O   1 
HETATM 1125 O O   . HOH D 4 .   ? 6.972   4.741   -0.337  1.00 24.30  ? 369 HOH A O   1 
HETATM 1126 O O   . HOH D 4 .   ? 2.167   -0.157  15.154  1.00 19.85  ? 370 HOH A O   1 
HETATM 1127 O O   . HOH D 4 .   ? 10.409  -4.939  -3.253  1.00 32.82  ? 371 HOH A O   1 
HETATM 1128 O O   . HOH D 4 .   ? 4.942   18.620  3.758   1.00 41.34  ? 372 HOH A O   1 
HETATM 1129 O O   . HOH D 4 .   ? -7.448  -12.779 2.849   1.00 22.20  ? 373 HOH A O   1 
HETATM 1130 O O   . HOH D 4 .   ? 3.660   -13.766 -0.953  1.00 39.62  ? 374 HOH A O   1 
HETATM 1131 O O   . HOH D 4 .   ? 0.932   13.737  12.965  1.00 34.29  ? 375 HOH A O   1 
HETATM 1132 O O   . HOH D 4 .   ? -0.948  15.557  -0.806  1.00 25.07  ? 376 HOH A O   1 
HETATM 1133 O O   . HOH D 4 .   ? -16.063 -1.880  6.738   1.00 26.30  ? 377 HOH A O   1 
HETATM 1134 O O   . HOH D 4 .   ? -6.019  -11.065 -11.929 1.00 56.50  ? 378 HOH A O   1 
HETATM 1135 O O   . HOH D 4 .   ? 4.680   -7.286  19.134  1.00 49.07  ? 379 HOH A O   1 
HETATM 1136 O O   . HOH D 4 .   ? -5.663  7.800   13.875  1.00 30.58  ? 380 HOH A O   1 
HETATM 1137 O O   . HOH D 4 .   ? 3.848   -6.317  14.253  1.00 36.00  ? 381 HOH A O   1 
HETATM 1138 O O   . HOH D 4 .   ? 10.373  5.783   5.821   1.00 31.06  ? 382 HOH A O   1 
HETATM 1139 O O   . HOH D 4 .   ? -16.399 -5.559  13.621  1.00 35.77  ? 383 HOH A O   1 
HETATM 1140 O O   . HOH D 4 .   ? -15.478 5.865   10.909  1.00 48.88  ? 384 HOH A O   1 
HETATM 1141 O O   . HOH D 4 .   ? -7.602  -12.044 13.640  1.00 32.46  ? 385 HOH A O   1 
HETATM 1142 O O   . HOH D 4 .   ? -4.206  -10.087 -9.870  1.00 35.45  ? 386 HOH A O   1 
HETATM 1143 O O   . HOH D 4 .   ? -12.736 1.483   -7.011  1.00 48.25  ? 387 HOH A O   1 
HETATM 1144 O O   . HOH D 4 .   ? 6.903   10.441  9.623   1.00 48.28  ? 388 HOH A O   1 
HETATM 1145 O O   . HOH D 4 .   ? -12.028 4.573   14.459  1.00 31.19  ? 389 HOH A O   1 
HETATM 1146 O O   . HOH D 4 .   ? -15.935 1.023   13.543  1.00 38.00  ? 390 HOH A O   1 
HETATM 1147 O O   . HOH D 4 .   ? -0.975  16.261  2.011   1.00 30.55  ? 391 HOH A O   1 
HETATM 1148 O O   . HOH D 4 .   ? 5.232   -6.922  12.228  1.00 42.28  ? 392 HOH A O   1 
HETATM 1149 O O   . HOH D 4 .   ? -9.836  11.194  9.937   1.00 47.43  ? 393 HOH A O   1 
HETATM 1150 O O   . HOH D 4 .   ? -9.763  -3.801  -6.671  1.00 34.11  ? 394 HOH A O   1 
HETATM 1151 O O   . HOH D 4 .   ? -1.032  16.023  11.871  1.00 45.80  ? 395 HOH A O   1 
HETATM 1152 O O   . HOH D 4 .   ? -10.176 3.047   -10.876 1.00 45.24  ? 396 HOH A O   1 
HETATM 1153 O O   . HOH D 4 .   ? 9.490   3.576   -16.459 1.00 47.68  ? 397 HOH A O   1 
HETATM 1154 O O   . HOH D 4 .   ? 3.067   -10.555 7.523   1.00 35.33  ? 398 HOH A O   1 
HETATM 1155 O O   . HOH D 4 .   ? 2.782   8.709   -17.149 1.00 52.89  ? 399 HOH A O   1 
HETATM 1156 O O   . HOH D 4 .   ? 1.470   -11.301 -12.097 1.00 43.28  ? 400 HOH A O   1 
HETATM 1157 O O   . HOH D 4 .   ? -10.287 -10.877 -6.482  1.00 40.30  ? 401 HOH A O   1 
HETATM 1158 O O   . HOH D 4 .   ? -7.929  -13.272 11.504  1.00 34.35  ? 402 HOH A O   1 
HETATM 1159 O O   . HOH D 4 .   ? -5.083  -11.717 -7.684  1.00 46.00  ? 403 HOH A O   1 
HETATM 1160 O O   . HOH D 4 .   ? -0.605  -12.502 16.229  1.00 43.24  ? 404 HOH A O   1 
HETATM 1161 O O   . HOH D 4 .   ? -6.412  -14.351 1.041   1.00 34.20  ? 405 HOH A O   1 
HETATM 1162 O O   . HOH D 4 .   ? 9.958   8.063   -10.092 1.00 33.86  ? 406 HOH A O   1 
HETATM 1163 O O   . HOH D 4 .   ? 3.081   -15.466 -5.120  1.00 37.57  ? 407 HOH A O   1 
HETATM 1164 O O   . HOH D 4 .   ? 14.695  -6.875  -3.585  1.00 41.82  ? 408 HOH A O   1 
HETATM 1165 O O   . HOH D 4 .   ? -12.889 -1.173  -6.427  1.00 50.06  ? 409 HOH A O   1 
HETATM 1166 O O   . HOH D 4 .   ? -4.193  -15.366 -1.279  1.00 38.74  ? 410 HOH A O   1 
HETATM 1167 O O   . HOH D 4 .   ? -11.050 -5.311  14.090  1.00 31.50  ? 411 HOH A O   1 
HETATM 1168 O O   . HOH D 4 .   ? -3.230  -12.418 18.663  1.00 53.51  ? 412 HOH A O   1 
HETATM 1169 O O   . HOH D 4 .   ? 12.759  -4.965  -4.873  1.00 22.68  ? 413 HOH A O   1 
HETATM 1170 O O   . HOH D 4 .   ? -2.034  -1.327  -17.252 1.00 52.35  ? 414 HOH A O   1 
HETATM 1171 O O   . HOH D 4 .   ? -10.841 10.263  -0.242  1.00 35.89  ? 415 HOH A O   1 
HETATM 1172 O O   . HOH D 4 .   ? -15.639 6.227   1.590   1.00 46.17  ? 416 HOH A O   1 
HETATM 1173 O O   . HOH D 4 .   ? 2.356   -5.770  -11.993 1.00 44.33  ? 417 HOH A O   1 
HETATM 1174 O O   . HOH D 4 .   ? 5.429   -9.906  -11.737 1.00 39.73  ? 418 HOH A O   1 
HETATM 1175 O O   . HOH D 4 .   ? 11.008  13.605  4.067   1.00 36.42  ? 419 HOH A O   1 
HETATM 1176 O O   . HOH D 4 .   ? 5.340   -9.312  7.777   1.00 42.91  ? 420 HOH A O   1 
HETATM 1177 O O   . HOH D 4 .   ? 7.955   3.161   10.354  1.00 52.83  ? 421 HOH A O   1 
HETATM 1178 O O   . HOH D 4 .   ? 8.847   11.306  8.307   1.00 54.07  ? 422 HOH A O   1 
HETATM 1179 O O   . HOH D 4 .   ? 0.347   -6.061  -13.843 1.00 43.71  ? 423 HOH A O   1 
HETATM 1180 O O   . HOH D 4 .   ? -14.485 3.470   14.777  1.00 43.80  ? 424 HOH A O   1 
HETATM 1181 O O   . HOH D 4 .   ? -7.627  -7.831  -8.103  1.00 35.05  ? 425 HOH A O   1 
HETATM 1182 O O   . HOH D 4 .   ? -4.950  10.759  13.838  1.00 42.45  ? 426 HOH A O   1 
HETATM 1183 O O   . HOH D 4 .   ? -0.971  -14.717 -5.352  1.00 37.76  ? 427 HOH A O   1 
HETATM 1184 O O   . HOH D 4 .   ? 3.581   -5.143  -15.975 1.00 48.29  ? 428 HOH A O   1 
HETATM 1185 O O   . HOH D 4 .   ? 14.871  -4.557  -6.854  1.00 33.83  ? 429 HOH A O   1 
HETATM 1186 O O   . HOH D 4 .   ? -0.456  -15.300 -2.296  1.00 47.73  ? 430 HOH A O   1 
HETATM 1187 O O   . HOH D 4 .   ? -7.020  -16.869 -4.162  1.00 33.84  ? 431 HOH A O   1 
# 
